data_7ZV0
# 
_entry.id   7ZV0 
# 
_audit_conform.dict_name       mmcif_pdbx.dic 
_audit_conform.dict_version    5.381 
_audit_conform.dict_location   http://mmcif.pdb.org/dictionaries/ascii/mmcif_pdbx.dic 
# 
loop_
_database_2.database_id 
_database_2.database_code 
_database_2.pdbx_database_accession 
_database_2.pdbx_DOI 
PDB   7ZV0         pdb_00007zv0 10.2210/pdb7zv0/pdb 
WWPDB D_1292123035 ?            ?                   
# 
_pdbx_database_status.status_code                     REL 
_pdbx_database_status.status_code_sf                  REL 
_pdbx_database_status.status_code_mr                  ? 
_pdbx_database_status.entry_id                        7ZV0 
_pdbx_database_status.recvd_initial_deposition_date   2022-05-13 
_pdbx_database_status.SG_entry                        N 
_pdbx_database_status.deposit_site                    PDBE 
_pdbx_database_status.process_site                    PDBE 
_pdbx_database_status.status_code_cs                  ? 
_pdbx_database_status.status_code_nmr_data            ? 
_pdbx_database_status.methods_development_category    ? 
_pdbx_database_status.pdb_format_compatible           Y 
# 
loop_
_audit_author.name 
_audit_author.pdbx_ordinal 
_audit_author.identifier_ORCID 
'Klima, M.' 1 0000-0002-9083-509X 
'Smola, M.' 2 0000-0002-4611-739X 
'Boura, E.' 3 0000-0002-9652-4065 
# 
_citation.abstract                  ? 
_citation.abstract_id_CAS           ? 
_citation.book_id_ISBN              ? 
_citation.book_publisher            ? 
_citation.book_publisher_city       ? 
_citation.book_title                ? 
_citation.coordinate_linkage        ? 
_citation.country                   ? 
_citation.database_id_Medline       ? 
_citation.details                   ? 
_citation.id                        primary 
_citation.journal_abbrev            'To Be Published' 
_citation.journal_id_ASTM           ? 
_citation.journal_id_CSD            0353 
_citation.journal_id_ISSN           ? 
_citation.journal_full              ? 
_citation.journal_issue             ? 
_citation.journal_volume            ? 
_citation.language                  ? 
_citation.page_first                ? 
_citation.page_last                 ? 
_citation.title                     
;Crystal structure of human STING in complex with 3',3'-c-(2'F,2'dAMP-2'F,2'd<carba>AMP)
;
_citation.year                      ? 
_citation.database_id_CSD           ? 
_citation.pdbx_database_id_DOI      ? 
_citation.pdbx_database_id_PubMed   ? 
_citation.pdbx_database_id_patent   ? 
_citation.unpublished_flag          ? 
# 
loop_
_citation_author.citation_id 
_citation_author.name 
_citation_author.ordinal 
_citation_author.identifier_ORCID 
primary 'Klima, M.' 1 0000-0002-9083-509X 
primary 'Smola, M.' 2 0000-0002-4611-739X 
primary 'Boura, E.' 3 0000-0002-9652-4065 
# 
_cell.angle_alpha                  90.000 
_cell.angle_alpha_esd              ? 
_cell.angle_beta                   90.000 
_cell.angle_beta_esd               ? 
_cell.angle_gamma                  90.000 
_cell.angle_gamma_esd              ? 
_cell.entry_id                     7ZV0 
_cell.details                      ? 
_cell.formula_units_Z              ? 
_cell.length_a                     110.916 
_cell.length_a_esd                 ? 
_cell.length_b                     110.916 
_cell.length_b_esd                 ? 
_cell.length_c                     35.818 
_cell.length_c_esd                 ? 
_cell.volume                       440645.897 
_cell.volume_esd                   ? 
_cell.Z_PDB                        8 
_cell.reciprocal_angle_alpha       ? 
_cell.reciprocal_angle_beta        ? 
_cell.reciprocal_angle_gamma       ? 
_cell.reciprocal_angle_alpha_esd   ? 
_cell.reciprocal_angle_beta_esd    ? 
_cell.reciprocal_angle_gamma_esd   ? 
_cell.reciprocal_length_a          ? 
_cell.reciprocal_length_b          ? 
_cell.reciprocal_length_c          ? 
_cell.reciprocal_length_a_esd      ? 
_cell.reciprocal_length_b_esd      ? 
_cell.reciprocal_length_c_esd      ? 
_cell.pdbx_unique_axis             ? 
_cell.pdbx_esd_method              ? 
# 
_symmetry.entry_id                         7ZV0 
_symmetry.cell_setting                     ? 
_symmetry.Int_Tables_number                92 
_symmetry.space_group_name_Hall            'P 4abw 2nw' 
_symmetry.space_group_name_H-M             'P 41 21 2' 
_symmetry.pdbx_full_space_group_name_H-M   ? 
# 
loop_
_entity.id 
_entity.type 
_entity.src_method 
_entity.pdbx_description 
_entity.formula_weight 
_entity.pdbx_number_of_molecules 
_entity.pdbx_ec 
_entity.pdbx_mutation 
_entity.pdbx_fragment 
_entity.details 
1 polymer     man 'Stimulator of interferon protein' 23189.064 1  ? ? ? ? 
2 non-polymer syn 
;9-[(1~{R},6~{R},8~{R},9~{R},10~{R},15~{R},17~{R},18~{S})-8-(6-aminopurin-9-yl)-9,18-bis(fluoranyl)-3,12-bis(oxidanyl)-3,12-bis(oxidanylidene)-2,4,7,11,13-pentaoxa-3$l^{5},12$l^{5}-diphosphatricyclo[13.3.0.0^{6,10}]octadecan-17-yl]purin-6-amine
;
660.421   1  ? ? ? ? 
3 water       nat water 18.015    59 ? ? ? ? 
# 
_entity_poly.entity_id                      1 
_entity_poly.type                           'polypeptide(L)' 
_entity_poly.nstd_linkage                   no 
_entity_poly.nstd_monomer                   no 
_entity_poly.pdbx_seq_one_letter_code       
;APAEISAVCEKGNFNVAHGLAWSYYIGYLRLILPELQARIRTYNQHYNNLLRGAVSQRLYILLPLDCGVPDNLSMADPNI
RFLDKLPQQTGDRAGIKDRVYSNSIYELLENGQRAGTCVLEYATPLQTLFAMSQYSQAGFSREDRLEQAKLFCRTLEDIL
ADAPESQNNCRLIAYQEPADDSSFSLSQEVLRHLRQEEKEEVTV
;
_entity_poly.pdbx_seq_one_letter_code_can   
;APAEISAVCEKGNFNVAHGLAWSYYIGYLRLILPELQARIRTYNQHYNNLLRGAVSQRLYILLPLDCGVPDNLSMADPNI
RFLDKLPQQTGDRAGIKDRVYSNSIYELLENGQRAGTCVLEYATPLQTLFAMSQYSQAGFSREDRLEQAKLFCRTLEDIL
ADAPESQNNCRLIAYQEPADDSSFSLSQEVLRHLRQEEKEEVTV
;
_entity_poly.pdbx_strand_id                 A 
_entity_poly.pdbx_target_identifier         ? 
# 
loop_
_entity_poly_seq.entity_id 
_entity_poly_seq.num 
_entity_poly_seq.mon_id 
_entity_poly_seq.hetero 
1 1   ALA n 
1 2   PRO n 
1 3   ALA n 
1 4   GLU n 
1 5   ILE n 
1 6   SER n 
1 7   ALA n 
1 8   VAL n 
1 9   CYS n 
1 10  GLU n 
1 11  LYS n 
1 12  GLY n 
1 13  ASN n 
1 14  PHE n 
1 15  ASN n 
1 16  VAL n 
1 17  ALA n 
1 18  HIS n 
1 19  GLY n 
1 20  LEU n 
1 21  ALA n 
1 22  TRP n 
1 23  SER n 
1 24  TYR n 
1 25  TYR n 
1 26  ILE n 
1 27  GLY n 
1 28  TYR n 
1 29  LEU n 
1 30  ARG n 
1 31  LEU n 
1 32  ILE n 
1 33  LEU n 
1 34  PRO n 
1 35  GLU n 
1 36  LEU n 
1 37  GLN n 
1 38  ALA n 
1 39  ARG n 
1 40  ILE n 
1 41  ARG n 
1 42  THR n 
1 43  TYR n 
1 44  ASN n 
1 45  GLN n 
1 46  HIS n 
1 47  TYR n 
1 48  ASN n 
1 49  ASN n 
1 50  LEU n 
1 51  LEU n 
1 52  ARG n 
1 53  GLY n 
1 54  ALA n 
1 55  VAL n 
1 56  SER n 
1 57  GLN n 
1 58  ARG n 
1 59  LEU n 
1 60  TYR n 
1 61  ILE n 
1 62  LEU n 
1 63  LEU n 
1 64  PRO n 
1 65  LEU n 
1 66  ASP n 
1 67  CYS n 
1 68  GLY n 
1 69  VAL n 
1 70  PRO n 
1 71  ASP n 
1 72  ASN n 
1 73  LEU n 
1 74  SER n 
1 75  MET n 
1 76  ALA n 
1 77  ASP n 
1 78  PRO n 
1 79  ASN n 
1 80  ILE n 
1 81  ARG n 
1 82  PHE n 
1 83  LEU n 
1 84  ASP n 
1 85  LYS n 
1 86  LEU n 
1 87  PRO n 
1 88  GLN n 
1 89  GLN n 
1 90  THR n 
1 91  GLY n 
1 92  ASP n 
1 93  ARG n 
1 94  ALA n 
1 95  GLY n 
1 96  ILE n 
1 97  LYS n 
1 98  ASP n 
1 99  ARG n 
1 100 VAL n 
1 101 TYR n 
1 102 SER n 
1 103 ASN n 
1 104 SER n 
1 105 ILE n 
1 106 TYR n 
1 107 GLU n 
1 108 LEU n 
1 109 LEU n 
1 110 GLU n 
1 111 ASN n 
1 112 GLY n 
1 113 GLN n 
1 114 ARG n 
1 115 ALA n 
1 116 GLY n 
1 117 THR n 
1 118 CYS n 
1 119 VAL n 
1 120 LEU n 
1 121 GLU n 
1 122 TYR n 
1 123 ALA n 
1 124 THR n 
1 125 PRO n 
1 126 LEU n 
1 127 GLN n 
1 128 THR n 
1 129 LEU n 
1 130 PHE n 
1 131 ALA n 
1 132 MET n 
1 133 SER n 
1 134 GLN n 
1 135 TYR n 
1 136 SER n 
1 137 GLN n 
1 138 ALA n 
1 139 GLY n 
1 140 PHE n 
1 141 SER n 
1 142 ARG n 
1 143 GLU n 
1 144 ASP n 
1 145 ARG n 
1 146 LEU n 
1 147 GLU n 
1 148 GLN n 
1 149 ALA n 
1 150 LYS n 
1 151 LEU n 
1 152 PHE n 
1 153 CYS n 
1 154 ARG n 
1 155 THR n 
1 156 LEU n 
1 157 GLU n 
1 158 ASP n 
1 159 ILE n 
1 160 LEU n 
1 161 ALA n 
1 162 ASP n 
1 163 ALA n 
1 164 PRO n 
1 165 GLU n 
1 166 SER n 
1 167 GLN n 
1 168 ASN n 
1 169 ASN n 
1 170 CYS n 
1 171 ARG n 
1 172 LEU n 
1 173 ILE n 
1 174 ALA n 
1 175 TYR n 
1 176 GLN n 
1 177 GLU n 
1 178 PRO n 
1 179 ALA n 
1 180 ASP n 
1 181 ASP n 
1 182 SER n 
1 183 SER n 
1 184 PHE n 
1 185 SER n 
1 186 LEU n 
1 187 SER n 
1 188 GLN n 
1 189 GLU n 
1 190 VAL n 
1 191 LEU n 
1 192 ARG n 
1 193 HIS n 
1 194 LEU n 
1 195 ARG n 
1 196 GLN n 
1 197 GLU n 
1 198 GLU n 
1 199 LYS n 
1 200 GLU n 
1 201 GLU n 
1 202 VAL n 
1 203 THR n 
1 204 VAL n 
# 
_entity_src_gen.entity_id                          1 
_entity_src_gen.pdbx_src_id                        1 
_entity_src_gen.pdbx_alt_source_flag               sample 
_entity_src_gen.pdbx_seq_type                      'Biological sequence' 
_entity_src_gen.pdbx_beg_seq_num                   1 
_entity_src_gen.pdbx_end_seq_num                   204 
_entity_src_gen.gene_src_common_name               human 
_entity_src_gen.gene_src_genus                     ? 
_entity_src_gen.pdbx_gene_src_gene                 'STING, LOC340061, hCG_1782396' 
_entity_src_gen.gene_src_species                   ? 
_entity_src_gen.gene_src_strain                    ? 
_entity_src_gen.gene_src_tissue                    ? 
_entity_src_gen.gene_src_tissue_fraction           ? 
_entity_src_gen.gene_src_details                   ? 
_entity_src_gen.pdbx_gene_src_fragment             ? 
_entity_src_gen.pdbx_gene_src_scientific_name      'Homo sapiens' 
_entity_src_gen.pdbx_gene_src_ncbi_taxonomy_id     9606 
_entity_src_gen.pdbx_gene_src_variant              ? 
_entity_src_gen.pdbx_gene_src_cell_line            ? 
_entity_src_gen.pdbx_gene_src_atcc                 ? 
_entity_src_gen.pdbx_gene_src_organ                ? 
_entity_src_gen.pdbx_gene_src_organelle            ? 
_entity_src_gen.pdbx_gene_src_cell                 ? 
_entity_src_gen.pdbx_gene_src_cellular_location    ? 
_entity_src_gen.host_org_common_name               ? 
_entity_src_gen.pdbx_host_org_scientific_name      'Escherichia coli BL21(DE3)' 
_entity_src_gen.pdbx_host_org_ncbi_taxonomy_id     469008 
_entity_src_gen.host_org_genus                     ? 
_entity_src_gen.pdbx_host_org_gene                 ? 
_entity_src_gen.pdbx_host_org_organ                ? 
_entity_src_gen.host_org_species                   ? 
_entity_src_gen.pdbx_host_org_tissue               ? 
_entity_src_gen.pdbx_host_org_tissue_fraction      ? 
_entity_src_gen.pdbx_host_org_strain               ? 
_entity_src_gen.pdbx_host_org_variant              ? 
_entity_src_gen.pdbx_host_org_cell_line            ? 
_entity_src_gen.pdbx_host_org_atcc                 ? 
_entity_src_gen.pdbx_host_org_culture_collection   ? 
_entity_src_gen.pdbx_host_org_cell                 ? 
_entity_src_gen.pdbx_host_org_organelle            ? 
_entity_src_gen.pdbx_host_org_cellular_location    ? 
_entity_src_gen.pdbx_host_org_vector_type          ? 
_entity_src_gen.pdbx_host_org_vector               ? 
_entity_src_gen.host_org_details                   ? 
_entity_src_gen.expression_system_id               ? 
_entity_src_gen.plasmid_name                       ? 
_entity_src_gen.plasmid_details                    ? 
_entity_src_gen.pdbx_description                   ? 
# 
_struct_ref.id                         1 
_struct_ref.db_name                    UNP 
_struct_ref.db_code                    A0A2R3XZB7_HUMAN 
_struct_ref.pdbx_db_accession          A0A2R3XZB7 
_struct_ref.pdbx_db_isoform            ? 
_struct_ref.entity_id                  1 
_struct_ref.pdbx_seq_one_letter_code   
;APAEISAVCEKGNFNVAHGLAWSYYIGYLRLILPELQARIRTYNQHYNNLLRGAVSQRLYILLPLDCGVPDNLSMADPNI
RFLDKLPQQTGDRAGIKDRVYSNSIYELLENGQRAGTCVLEYATPLQTLFAMSQYSQAGFSREDRLEQAKLFCRTLEDIL
ADAPESQNNCRLIAYQEPADDSSFSLSQEVLRHLRQEEKEEVTV
;
_struct_ref.pdbx_align_begin           140 
# 
_struct_ref_seq.align_id                      1 
_struct_ref_seq.ref_id                        1 
_struct_ref_seq.pdbx_PDB_id_code              7ZV0 
_struct_ref_seq.pdbx_strand_id                A 
_struct_ref_seq.seq_align_beg                 1 
_struct_ref_seq.pdbx_seq_align_beg_ins_code   ? 
_struct_ref_seq.seq_align_end                 204 
_struct_ref_seq.pdbx_seq_align_end_ins_code   ? 
_struct_ref_seq.pdbx_db_accession             A0A2R3XZB7 
_struct_ref_seq.db_align_beg                  140 
_struct_ref_seq.pdbx_db_align_beg_ins_code    ? 
_struct_ref_seq.db_align_end                  343 
_struct_ref_seq.pdbx_db_align_end_ins_code    ? 
_struct_ref_seq.pdbx_auth_seq_align_beg       140 
_struct_ref_seq.pdbx_auth_seq_align_end       343 
# 
loop_
_chem_comp.id 
_chem_comp.type 
_chem_comp.mon_nstd_flag 
_chem_comp.name 
_chem_comp.pdbx_synonyms 
_chem_comp.formula 
_chem_comp.formula_weight 
ALA 'L-peptide linking' y ALANINE ? 'C3 H7 N O2'           89.093  
ARG 'L-peptide linking' y ARGININE ? 'C6 H15 N4 O2 1'       175.209 
ASN 'L-peptide linking' y ASPARAGINE ? 'C4 H8 N2 O3'          132.118 
ASP 'L-peptide linking' y 'ASPARTIC ACID' ? 'C4 H7 N O4'           133.103 
CYS 'L-peptide linking' y CYSTEINE ? 'C3 H7 N O2 S'         121.158 
GLN 'L-peptide linking' y GLUTAMINE ? 'C5 H10 N2 O3'         146.144 
GLU 'L-peptide linking' y 'GLUTAMIC ACID' ? 'C5 H9 N O4'           147.129 
GLY 'peptide linking'   y GLYCINE ? 'C2 H5 N O2'           75.067  
HIS 'L-peptide linking' y HISTIDINE ? 'C6 H10 N3 O2 1'       156.162 
HOH non-polymer         . WATER ? 'H2 O'                 18.015  
ILE 'L-peptide linking' y ISOLEUCINE ? 'C6 H13 N O2'          131.173 
K1C non-polymer         . 
;9-[(1~{R},6~{R},8~{R},9~{R},10~{R},15~{R},17~{R},18~{S})-8-(6-aminopurin-9-yl)-9,18-bis(fluoranyl)-3,12-bis(oxidanyl)-3,12-bis(oxidanylidene)-2,4,7,11,13-pentaoxa-3$l^{5},12$l^{5}-diphosphatricyclo[13.3.0.0^{6,10}]octadecan-17-yl]purin-6-amine
;
? 'C21 H24 F2 N10 O9 P2' 660.421 
LEU 'L-peptide linking' y LEUCINE ? 'C6 H13 N O2'          131.173 
LYS 'L-peptide linking' y LYSINE ? 'C6 H15 N2 O2 1'       147.195 
MET 'L-peptide linking' y METHIONINE ? 'C5 H11 N O2 S'        149.211 
PHE 'L-peptide linking' y PHENYLALANINE ? 'C9 H11 N O2'          165.189 
PRO 'L-peptide linking' y PROLINE ? 'C5 H9 N O2'           115.130 
SER 'L-peptide linking' y SERINE ? 'C3 H7 N O3'           105.093 
THR 'L-peptide linking' y THREONINE ? 'C4 H9 N O3'           119.119 
TRP 'L-peptide linking' y TRYPTOPHAN ? 'C11 H12 N2 O2'        204.225 
TYR 'L-peptide linking' y TYROSINE ? 'C9 H11 N O3'          181.189 
VAL 'L-peptide linking' y VALINE ? 'C5 H11 N O2'          117.146 
# 
_exptl.absorpt_coefficient_mu     ? 
_exptl.absorpt_correction_T_max   ? 
_exptl.absorpt_correction_T_min   ? 
_exptl.absorpt_correction_type    ? 
_exptl.absorpt_process_details    ? 
_exptl.entry_id                   7ZV0 
_exptl.crystals_number            1 
_exptl.details                    ? 
_exptl.method                     'X-RAY DIFFRACTION' 
_exptl.method_details             ? 
# 
_exptl_crystal.colour                       ? 
_exptl_crystal.density_diffrn               ? 
_exptl_crystal.density_Matthews             2.38 
_exptl_crystal.density_method               ? 
_exptl_crystal.density_percent_sol          48.22 
_exptl_crystal.description                  ? 
_exptl_crystal.F_000                        ? 
_exptl_crystal.id                           1 
_exptl_crystal.preparation                  ? 
_exptl_crystal.size_max                     ? 
_exptl_crystal.size_mid                     ? 
_exptl_crystal.size_min                     ? 
_exptl_crystal.size_rad                     ? 
_exptl_crystal.colour_lustre                ? 
_exptl_crystal.colour_modifier              ? 
_exptl_crystal.colour_primary               ? 
_exptl_crystal.density_meas                 ? 
_exptl_crystal.density_meas_esd             ? 
_exptl_crystal.density_meas_gt              ? 
_exptl_crystal.density_meas_lt              ? 
_exptl_crystal.density_meas_temp            ? 
_exptl_crystal.density_meas_temp_esd        ? 
_exptl_crystal.density_meas_temp_gt         ? 
_exptl_crystal.density_meas_temp_lt         ? 
_exptl_crystal.pdbx_crystal_image_url       ? 
_exptl_crystal.pdbx_crystal_image_format    ? 
_exptl_crystal.pdbx_mosaicity               ? 
_exptl_crystal.pdbx_mosaicity_esd           ? 
_exptl_crystal.pdbx_mosaic_method           ? 
_exptl_crystal.pdbx_mosaic_block_size       ? 
_exptl_crystal.pdbx_mosaic_block_size_esd   ? 
# 
_exptl_crystal_grow.apparatus       ? 
_exptl_crystal_grow.atmosphere      ? 
_exptl_crystal_grow.crystal_id      1 
_exptl_crystal_grow.details         ? 
_exptl_crystal_grow.method          'VAPOR DIFFUSION, SITTING DROP' 
_exptl_crystal_grow.method_ref      ? 
_exptl_crystal_grow.pH              ? 
_exptl_crystal_grow.pressure        ? 
_exptl_crystal_grow.pressure_esd    ? 
_exptl_crystal_grow.seeding         ? 
_exptl_crystal_grow.seeding_ref     ? 
_exptl_crystal_grow.temp            291 
_exptl_crystal_grow.temp_details    ? 
_exptl_crystal_grow.temp_esd        ? 
_exptl_crystal_grow.time            ? 
_exptl_crystal_grow.pdbx_details    
;0.2 M Lithium acetate, 
20% (w/v) PEG 3350
;
_exptl_crystal_grow.pdbx_pH_range   ? 
# 
_diffrn.ambient_environment              ? 
_diffrn.ambient_temp                     100 
_diffrn.ambient_temp_details             ? 
_diffrn.ambient_temp_esd                 ? 
_diffrn.crystal_id                       1 
_diffrn.crystal_support                  ? 
_diffrn.crystal_treatment                ? 
_diffrn.details                          ? 
_diffrn.id                               1 
_diffrn.ambient_pressure                 ? 
_diffrn.ambient_pressure_esd             ? 
_diffrn.ambient_pressure_gt              ? 
_diffrn.ambient_pressure_lt              ? 
_diffrn.ambient_temp_gt                  ? 
_diffrn.ambient_temp_lt                  ? 
_diffrn.pdbx_serial_crystal_experiment   N 
# 
_diffrn_detector.details                      ? 
_diffrn_detector.detector                     PIXEL 
_diffrn_detector.diffrn_id                    1 
_diffrn_detector.type                         'DECTRIS PILATUS 200K' 
_diffrn_detector.area_resol_mean              ? 
_diffrn_detector.dtime                        ? 
_diffrn_detector.pdbx_frames_total            ? 
_diffrn_detector.pdbx_collection_time_total   ? 
_diffrn_detector.pdbx_collection_date         2019-07-10 
_diffrn_detector.pdbx_frequency               ? 
# 
_diffrn_radiation.collimation                      ? 
_diffrn_radiation.diffrn_id                        1 
_diffrn_radiation.filter_edge                      ? 
_diffrn_radiation.inhomogeneity                    ? 
_diffrn_radiation.monochromator                    ? 
_diffrn_radiation.polarisn_norm                    ? 
_diffrn_radiation.polarisn_ratio                   ? 
_diffrn_radiation.probe                            ? 
_diffrn_radiation.type                             ? 
_diffrn_radiation.xray_symbol                      ? 
_diffrn_radiation.wavelength_id                    1 
_diffrn_radiation.pdbx_monochromatic_or_laue_m_l   M 
_diffrn_radiation.pdbx_wavelength_list             ? 
_diffrn_radiation.pdbx_wavelength                  ? 
_diffrn_radiation.pdbx_diffrn_protocol             'SINGLE WAVELENGTH' 
_diffrn_radiation.pdbx_analyzer                    ? 
_diffrn_radiation.pdbx_scattering_type             x-ray 
# 
_diffrn_radiation_wavelength.id           1 
_diffrn_radiation_wavelength.wavelength   1.541870 
_diffrn_radiation_wavelength.wt           1.0 
# 
_diffrn_source.current                     ? 
_diffrn_source.details                     ? 
_diffrn_source.diffrn_id                   1 
_diffrn_source.power                       ? 
_diffrn_source.size                        ? 
_diffrn_source.source                      'ROTATING ANODE' 
_diffrn_source.target                      ? 
_diffrn_source.type                        'RIGAKU MICROMAX-007 HF' 
_diffrn_source.voltage                     ? 
_diffrn_source.take-off_angle              ? 
_diffrn_source.pdbx_wavelength_list        1.541870 
_diffrn_source.pdbx_wavelength             ? 
_diffrn_source.pdbx_synchrotron_beamline   ? 
_diffrn_source.pdbx_synchrotron_site       ? 
# 
_reflns.B_iso_Wilson_estimate                          29.16 
_reflns.entry_id                                       7ZV0 
_reflns.data_reduction_details                         ? 
_reflns.data_reduction_method                          ? 
_reflns.d_resolution_high                              2.31 
_reflns.d_resolution_low                               34.08 
_reflns.details                                        ? 
_reflns.limit_h_max                                    ? 
_reflns.limit_h_min                                    ? 
_reflns.limit_k_max                                    ? 
_reflns.limit_k_min                                    ? 
_reflns.limit_l_max                                    ? 
_reflns.limit_l_min                                    ? 
_reflns.number_all                                     ? 
_reflns.number_obs                                     10263 
_reflns.observed_criterion                             ? 
_reflns.observed_criterion_F_max                       ? 
_reflns.observed_criterion_F_min                       ? 
_reflns.observed_criterion_I_max                       ? 
_reflns.observed_criterion_I_min                       ? 
_reflns.observed_criterion_sigma_F                     ? 
_reflns.observed_criterion_sigma_I                     ? 
_reflns.percent_possible_obs                           99.56 
_reflns.R_free_details                                 ? 
_reflns.Rmerge_F_all                                   ? 
_reflns.Rmerge_F_obs                                   ? 
_reflns.Friedel_coverage                               ? 
_reflns.number_gt                                      ? 
_reflns.threshold_expression                           ? 
_reflns.pdbx_redundancy                                9.5 
_reflns.pdbx_Rmerge_I_obs                              0.1526 
_reflns.pdbx_Rmerge_I_all                              ? 
_reflns.pdbx_Rsym_value                                ? 
_reflns.pdbx_netI_over_av_sigmaI                       ? 
_reflns.pdbx_netI_over_sigmaI                          14.08 
_reflns.pdbx_res_netI_over_av_sigmaI_2                 ? 
_reflns.pdbx_res_netI_over_sigmaI_2                    ? 
_reflns.pdbx_chi_squared                               ? 
_reflns.pdbx_scaling_rejects                           ? 
_reflns.pdbx_d_res_high_opt                            ? 
_reflns.pdbx_d_res_low_opt                             ? 
_reflns.pdbx_d_res_opt_method                          ? 
_reflns.phase_calculation_details                      ? 
_reflns.pdbx_Rrim_I_all                                0.1614 
_reflns.pdbx_Rpim_I_all                                0.05162 
_reflns.pdbx_d_opt                                     ? 
_reflns.pdbx_number_measured_all                       ? 
_reflns.pdbx_diffrn_id                                 1 
_reflns.pdbx_ordinal                                   1 
_reflns.pdbx_CC_half                                   0.997 
_reflns.pdbx_CC_star                                   0.999 
_reflns.pdbx_R_split                                   ? 
_reflns.pdbx_aniso_diffraction_limit_axis_1_ortho[1]   ? 
_reflns.pdbx_aniso_diffraction_limit_axis_1_ortho[2]   ? 
_reflns.pdbx_aniso_diffraction_limit_axis_1_ortho[3]   ? 
_reflns.pdbx_aniso_diffraction_limit_axis_2_ortho[1]   ? 
_reflns.pdbx_aniso_diffraction_limit_axis_2_ortho[2]   ? 
_reflns.pdbx_aniso_diffraction_limit_axis_2_ortho[3]   ? 
_reflns.pdbx_aniso_diffraction_limit_axis_3_ortho[1]   ? 
_reflns.pdbx_aniso_diffraction_limit_axis_3_ortho[2]   ? 
_reflns.pdbx_aniso_diffraction_limit_axis_3_ortho[3]   ? 
_reflns.pdbx_aniso_diffraction_limit_1                 ? 
_reflns.pdbx_aniso_diffraction_limit_2                 ? 
_reflns.pdbx_aniso_diffraction_limit_3                 ? 
_reflns.pdbx_aniso_B_tensor_eigenvector_1_ortho[1]     ? 
_reflns.pdbx_aniso_B_tensor_eigenvector_1_ortho[2]     ? 
_reflns.pdbx_aniso_B_tensor_eigenvector_1_ortho[3]     ? 
_reflns.pdbx_aniso_B_tensor_eigenvector_2_ortho[1]     ? 
_reflns.pdbx_aniso_B_tensor_eigenvector_2_ortho[2]     ? 
_reflns.pdbx_aniso_B_tensor_eigenvector_2_ortho[3]     ? 
_reflns.pdbx_aniso_B_tensor_eigenvector_3_ortho[1]     ? 
_reflns.pdbx_aniso_B_tensor_eigenvector_3_ortho[2]     ? 
_reflns.pdbx_aniso_B_tensor_eigenvector_3_ortho[3]     ? 
_reflns.pdbx_aniso_B_tensor_eigenvalue_1               ? 
_reflns.pdbx_aniso_B_tensor_eigenvalue_2               ? 
_reflns.pdbx_aniso_B_tensor_eigenvalue_3               ? 
_reflns.pdbx_orthogonalization_convention              ? 
_reflns.pdbx_percent_possible_ellipsoidal              ? 
_reflns.pdbx_percent_possible_spherical                ? 
_reflns.pdbx_percent_possible_ellipsoidal_anomalous    ? 
_reflns.pdbx_percent_possible_spherical_anomalous      ? 
_reflns.pdbx_redundancy_anomalous                      ? 
_reflns.pdbx_CC_half_anomalous                         ? 
_reflns.pdbx_absDiff_over_sigma_anomalous              ? 
_reflns.pdbx_percent_possible_anomalous                ? 
_reflns.pdbx_observed_signal_threshold                 ? 
_reflns.pdbx_signal_type                               ? 
_reflns.pdbx_signal_details                            ? 
_reflns.pdbx_signal_software_id                        ? 
_reflns.pdbx_CC_split_method                           ? 
# 
_reflns_shell.d_res_high                                    2.31 
_reflns_shell.d_res_low                                     2.393 
_reflns_shell.meanI_over_sigI_all                           ? 
_reflns_shell.meanI_over_sigI_obs                           2.34 
_reflns_shell.number_measured_all                           ? 
_reflns_shell.number_measured_obs                           ? 
_reflns_shell.number_possible                               ? 
_reflns_shell.number_unique_all                             ? 
_reflns_shell.number_unique_obs                             983 
_reflns_shell.percent_possible_all                          97.04 
_reflns_shell.percent_possible_obs                          ? 
_reflns_shell.Rmerge_F_all                                  ? 
_reflns_shell.Rmerge_F_obs                                  ? 
_reflns_shell.Rmerge_I_all                                  ? 
_reflns_shell.Rmerge_I_obs                                  0.816 
_reflns_shell.meanI_over_sigI_gt                            ? 
_reflns_shell.meanI_over_uI_all                             ? 
_reflns_shell.meanI_over_uI_gt                              ? 
_reflns_shell.number_measured_gt                            ? 
_reflns_shell.number_unique_gt                              ? 
_reflns_shell.percent_possible_gt                           ? 
_reflns_shell.Rmerge_F_gt                                   ? 
_reflns_shell.Rmerge_I_gt                                   ? 
_reflns_shell.pdbx_redundancy                               7.7 
_reflns_shell.pdbx_Rsym_value                               ? 
_reflns_shell.pdbx_chi_squared                              ? 
_reflns_shell.pdbx_netI_over_sigmaI_all                     ? 
_reflns_shell.pdbx_netI_over_sigmaI_obs                     ? 
_reflns_shell.pdbx_Rrim_I_all                               0.8729 
_reflns_shell.pdbx_Rpim_I_all                               0.3036 
_reflns_shell.pdbx_rejects                                  ? 
_reflns_shell.pdbx_ordinal                                  1 
_reflns_shell.pdbx_diffrn_id                                1 
_reflns_shell.pdbx_CC_half                                  0.801 
_reflns_shell.pdbx_CC_star                                  0.943 
_reflns_shell.pdbx_R_split                                  ? 
_reflns_shell.pdbx_percent_possible_ellipsoidal             ? 
_reflns_shell.pdbx_percent_possible_spherical               ? 
_reflns_shell.pdbx_percent_possible_ellipsoidal_anomalous   ? 
_reflns_shell.pdbx_percent_possible_spherical_anomalous     ? 
_reflns_shell.pdbx_redundancy_anomalous                     ? 
_reflns_shell.pdbx_CC_half_anomalous                        ? 
_reflns_shell.pdbx_absDiff_over_sigma_anomalous             ? 
_reflns_shell.pdbx_percent_possible_anomalous               ? 
# 
_refine.aniso_B[1][1]                            ? 
_refine.aniso_B[1][2]                            ? 
_refine.aniso_B[1][3]                            ? 
_refine.aniso_B[2][2]                            ? 
_refine.aniso_B[2][3]                            ? 
_refine.aniso_B[3][3]                            ? 
_refine.B_iso_max                                ? 
_refine.B_iso_mean                               32.54 
_refine.B_iso_min                                ? 
_refine.correlation_coeff_Fo_to_Fc               ? 
_refine.correlation_coeff_Fo_to_Fc_free          ? 
_refine.details                                  ? 
_refine.diff_density_max                         ? 
_refine.diff_density_max_esd                     ? 
_refine.diff_density_min                         ? 
_refine.diff_density_min_esd                     ? 
_refine.diff_density_rms                         ? 
_refine.diff_density_rms_esd                     ? 
_refine.entry_id                                 7ZV0 
_refine.pdbx_refine_id                           'X-RAY DIFFRACTION' 
_refine.ls_abs_structure_details                 ? 
_refine.ls_abs_structure_Flack                   ? 
_refine.ls_abs_structure_Flack_esd               ? 
_refine.ls_abs_structure_Rogers                  ? 
_refine.ls_abs_structure_Rogers_esd              ? 
_refine.ls_d_res_high                            2.31 
_refine.ls_d_res_low                             34.08 
_refine.ls_extinction_coef                       ? 
_refine.ls_extinction_coef_esd                   ? 
_refine.ls_extinction_expression                 ? 
_refine.ls_extinction_method                     ? 
_refine.ls_goodness_of_fit_all                   ? 
_refine.ls_goodness_of_fit_all_esd               ? 
_refine.ls_goodness_of_fit_obs                   ? 
_refine.ls_goodness_of_fit_obs_esd               ? 
_refine.ls_hydrogen_treatment                    ? 
_refine.ls_matrix_type                           ? 
_refine.ls_number_constraints                    ? 
_refine.ls_number_parameters                     ? 
_refine.ls_number_reflns_all                     ? 
_refine.ls_number_reflns_obs                     10262 
_refine.ls_number_reflns_R_free                  1026 
_refine.ls_number_reflns_R_work                  9236 
_refine.ls_number_restraints                     ? 
_refine.ls_percent_reflns_obs                    99.56 
_refine.ls_percent_reflns_R_free                 10.00 
_refine.ls_R_factor_all                          ? 
_refine.ls_R_factor_obs                          0.2083 
_refine.ls_R_factor_R_free                       0.2303 
_refine.ls_R_factor_R_free_error                 ? 
_refine.ls_R_factor_R_free_error_details         ? 
_refine.ls_R_factor_R_work                       0.2059 
_refine.ls_R_Fsqd_factor_obs                     ? 
_refine.ls_R_I_factor_obs                        ? 
_refine.ls_redundancy_reflns_all                 ? 
_refine.ls_redundancy_reflns_obs                 ? 
_refine.ls_restrained_S_all                      ? 
_refine.ls_restrained_S_obs                      ? 
_refine.ls_shift_over_esd_max                    ? 
_refine.ls_shift_over_esd_mean                   ? 
_refine.ls_structure_factor_coef                 ? 
_refine.ls_weighting_details                     ? 
_refine.ls_weighting_scheme                      ? 
_refine.ls_wR_factor_all                         ? 
_refine.ls_wR_factor_obs                         ? 
_refine.ls_wR_factor_R_free                      ? 
_refine.ls_wR_factor_R_work                      ? 
_refine.occupancy_max                            ? 
_refine.occupancy_min                            ? 
_refine.solvent_model_details                    'FLAT BULK SOLVENT MODEL' 
_refine.solvent_model_param_bsol                 ? 
_refine.solvent_model_param_ksol                 ? 
_refine.pdbx_R_complete                          ? 
_refine.ls_R_factor_gt                           ? 
_refine.ls_goodness_of_fit_gt                    ? 
_refine.ls_goodness_of_fit_ref                   ? 
_refine.ls_shift_over_su_max                     ? 
_refine.ls_shift_over_su_max_lt                  ? 
_refine.ls_shift_over_su_mean                    ? 
_refine.ls_shift_over_su_mean_lt                 ? 
_refine.pdbx_ls_sigma_I                          ? 
_refine.pdbx_ls_sigma_F                          1.35 
_refine.pdbx_ls_sigma_Fsqd                       ? 
_refine.pdbx_data_cutoff_high_absF               ? 
_refine.pdbx_data_cutoff_high_rms_absF           ? 
_refine.pdbx_data_cutoff_low_absF                ? 
_refine.pdbx_isotropic_thermal_model             ? 
_refine.pdbx_ls_cross_valid_method               'FREE R-VALUE' 
_refine.pdbx_method_to_determine_struct          'MOLECULAR REPLACEMENT' 
_refine.pdbx_starting_model                      4ksy 
_refine.pdbx_stereochemistry_target_values       'GeoStd + Monomer Library + CDL v1.2' 
_refine.pdbx_R_Free_selection_details            'random selection' 
_refine.pdbx_stereochem_target_val_spec_case     ? 
_refine.pdbx_overall_ESU_R                       ? 
_refine.pdbx_overall_ESU_R_Free                  ? 
_refine.pdbx_solvent_vdw_probe_radii             1.1000 
_refine.pdbx_solvent_ion_probe_radii             ? 
_refine.pdbx_solvent_shrinkage_radii             0.9000 
_refine.pdbx_real_space_R                        ? 
_refine.pdbx_density_correlation                 ? 
_refine.pdbx_pd_number_of_powder_patterns        ? 
_refine.pdbx_pd_number_of_points                 ? 
_refine.pdbx_pd_meas_number_of_points            ? 
_refine.pdbx_pd_proc_ls_prof_R_factor            ? 
_refine.pdbx_pd_proc_ls_prof_wR_factor           ? 
_refine.pdbx_pd_Marquardt_correlation_coeff      ? 
_refine.pdbx_pd_Fsqrd_R_factor                   ? 
_refine.pdbx_pd_ls_matrix_band_width             ? 
_refine.pdbx_overall_phase_error                 21.6663 
_refine.pdbx_overall_SU_R_free_Cruickshank_DPI   ? 
_refine.pdbx_overall_SU_R_free_Blow_DPI          ? 
_refine.pdbx_overall_SU_R_Blow_DPI               ? 
_refine.pdbx_TLS_residual_ADP_flag               ? 
_refine.pdbx_diffrn_id                           1 
_refine.overall_SU_B                             ? 
_refine.overall_SU_ML                            0.2559 
_refine.overall_SU_R_Cruickshank_DPI             ? 
_refine.overall_SU_R_free                        ? 
_refine.overall_FOM_free_R_set                   ? 
_refine.overall_FOM_work_R_set                   ? 
_refine.pdbx_average_fsc_overall                 ? 
_refine.pdbx_average_fsc_work                    ? 
_refine.pdbx_average_fsc_free                    ? 
# 
_refine_hist.pdbx_refine_id                   'X-RAY DIFFRACTION' 
_refine_hist.cycle_id                         LAST 
_refine_hist.details                          ? 
_refine_hist.d_res_high                       2.31 
_refine_hist.d_res_low                        34.08 
_refine_hist.number_atoms_solvent             59 
_refine_hist.number_atoms_total               1463 
_refine_hist.number_reflns_all                ? 
_refine_hist.number_reflns_obs                ? 
_refine_hist.number_reflns_R_free             ? 
_refine_hist.number_reflns_R_work             ? 
_refine_hist.R_factor_all                     ? 
_refine_hist.R_factor_obs                     ? 
_refine_hist.R_factor_R_free                  ? 
_refine_hist.R_factor_R_work                  ? 
_refine_hist.pdbx_number_residues_total       ? 
_refine_hist.pdbx_B_iso_mean_ligand           ? 
_refine_hist.pdbx_B_iso_mean_solvent          ? 
_refine_hist.pdbx_number_atoms_protein        1360 
_refine_hist.pdbx_number_atoms_nucleic_acid   0 
_refine_hist.pdbx_number_atoms_ligand         44 
_refine_hist.pdbx_number_atoms_lipid          ? 
_refine_hist.pdbx_number_atoms_carb           ? 
_refine_hist.pdbx_pseudo_atom_details         ? 
# 
loop_
_refine_ls_restr.pdbx_refine_id 
_refine_ls_restr.criterion 
_refine_ls_restr.dev_ideal 
_refine_ls_restr.dev_ideal_target 
_refine_ls_restr.number 
_refine_ls_restr.rejects 
_refine_ls_restr.type 
_refine_ls_restr.weight 
_refine_ls_restr.pdbx_restraint_function 
'X-RAY DIFFRACTION' ? 0.0017  ? 1437 ? f_bond_d           ? ? 
'X-RAY DIFFRACTION' ? 0.4999  ? 1957 ? f_angle_d          ? ? 
'X-RAY DIFFRACTION' ? 0.0378  ? 215  ? f_chiral_restr     ? ? 
'X-RAY DIFFRACTION' ? 0.0042  ? 250  ? f_plane_restr      ? ? 
'X-RAY DIFFRACTION' ? 13.4951 ? 551  ? f_dihedral_angle_d ? ? 
# 
loop_
_refine_ls_shell.pdbx_refine_id 
_refine_ls_shell.d_res_high 
_refine_ls_shell.d_res_low 
_refine_ls_shell.number_reflns_all 
_refine_ls_shell.number_reflns_obs 
_refine_ls_shell.number_reflns_R_free 
_refine_ls_shell.number_reflns_R_work 
_refine_ls_shell.percent_reflns_obs 
_refine_ls_shell.percent_reflns_R_free 
_refine_ls_shell.R_factor_all 
_refine_ls_shell.R_factor_obs 
_refine_ls_shell.R_factor_R_free 
_refine_ls_shell.R_factor_R_free_error 
_refine_ls_shell.R_factor_R_work 
_refine_ls_shell.redundancy_reflns_all 
_refine_ls_shell.redundancy_reflns_obs 
_refine_ls_shell.wR_factor_all 
_refine_ls_shell.wR_factor_obs 
_refine_ls_shell.wR_factor_R_free 
_refine_ls_shell.wR_factor_R_work 
_refine_ls_shell.pdbx_R_complete 
_refine_ls_shell.pdbx_total_number_of_bins_used 
_refine_ls_shell.pdbx_phase_error 
_refine_ls_shell.pdbx_fsc_work 
_refine_ls_shell.pdbx_fsc_free 
'X-RAY DIFFRACTION' 2.31 2.43  . . 140 1263 97.50  . . . 0.3041 . 0.2513 . . . . . . . . . . . 
'X-RAY DIFFRACTION' 2.43 2.58  . . 144 1296 99.93  . . . 0.2537 . 0.2309 . . . . . . . . . . . 
'X-RAY DIFFRACTION' 2.58 2.78  . . 144 1288 100.00 . . . 0.2808 . 0.2227 . . . . . . . . . . . 
'X-RAY DIFFRACTION' 2.78 3.06  . . 145 1305 100.00 . . . 0.2718 . 0.2176 . . . . . . . . . . . 
'X-RAY DIFFRACTION' 3.06 3.51  . . 146 1318 99.93  . . . 0.2474 . 0.2021 . . . . . . . . . . . 
'X-RAY DIFFRACTION' 3.51 4.41  . . 150 1346 100.00 . . . 0.1923 . 0.1792 . . . . . . . . . . . 
'X-RAY DIFFRACTION' 4.42 34.08 . . 157 1420 99.56  . . . 0.1965 . 0.2027 . . . . . . . . . . . 
# 
_struct.entry_id                     7ZV0 
_struct.title                        
;Crystal structure of human STING in complex with 3',3'-c-(2'F,2'dAMP-2'F,2'd<carba>AMP)
;
_struct.pdbx_model_details           ? 
_struct.pdbx_formula_weight          ? 
_struct.pdbx_formula_weight_method   ? 
_struct.pdbx_model_type_details      ? 
_struct.pdbx_CASP_flag               N 
# 
_struct_keywords.entry_id        7ZV0 
_struct_keywords.text            'sting, antiviral, activator, ANTIVIRAL PROTEIN' 
_struct_keywords.pdbx_keywords   'ANTIVIRAL PROTEIN' 
# 
loop_
_struct_asym.id 
_struct_asym.pdbx_blank_PDB_chainid_flag 
_struct_asym.pdbx_modified 
_struct_asym.entity_id 
_struct_asym.details 
A N N 1 ? 
B N N 2 ? 
C N N 3 ? 
# 
loop_
_struct_conf.conf_type_id 
_struct_conf.id 
_struct_conf.pdbx_PDB_helix_id 
_struct_conf.beg_label_comp_id 
_struct_conf.beg_label_asym_id 
_struct_conf.beg_label_seq_id 
_struct_conf.pdbx_beg_PDB_ins_code 
_struct_conf.end_label_comp_id 
_struct_conf.end_label_asym_id 
_struct_conf.end_label_seq_id 
_struct_conf.pdbx_end_PDB_ins_code 
_struct_conf.beg_auth_comp_id 
_struct_conf.beg_auth_asym_id 
_struct_conf.beg_auth_seq_id 
_struct_conf.end_auth_comp_id 
_struct_conf.end_auth_asym_id 
_struct_conf.end_auth_seq_id 
_struct_conf.pdbx_PDB_helix_class 
_struct_conf.details 
_struct_conf.pdbx_PDB_helix_length 
HELX_P HELX_P1 AA1 ASN A 15  ? GLY A 27  ? ASN A 154 GLY A 166 1 ? 13 
HELX_P HELX_P2 AA2 TYR A 28  ? GLN A 45  ? TYR A 167 GLN A 184 1 ? 18 
HELX_P HELX_P3 AA3 ASN A 72  ? ALA A 76  ? ASN A 211 ALA A 215 5 ? 5  
HELX_P HELX_P4 AA4 THR A 124 ? TYR A 135 ? THR A 263 TYR A 274 1 ? 12 
HELX_P HELX_P5 AA5 SER A 136 ? GLY A 139 ? SER A 275 GLY A 278 5 ? 4  
HELX_P HELX_P6 AA6 SER A 141 ? GLU A 143 ? SER A 280 GLU A 282 5 ? 3  
HELX_P HELX_P7 AA7 ASP A 144 ? ALA A 163 ? ASP A 283 ALA A 302 1 ? 20 
HELX_P HELX_P8 AA8 LEU A 186 ? GLU A 197 ? LEU A 325 GLU A 336 1 ? 12 
# 
_struct_conf_type.id          HELX_P 
_struct_conf_type.criteria    ? 
_struct_conf_type.reference   ? 
# 
loop_
_struct_sheet.id 
_struct_sheet.type 
_struct_sheet.number_strands 
_struct_sheet.details 
AA1 ? 5 ? 
AA2 ? 2 ? 
# 
loop_
_struct_sheet_order.sheet_id 
_struct_sheet_order.range_id_1 
_struct_sheet_order.range_id_2 
_struct_sheet_order.offset 
_struct_sheet_order.sense 
AA1 1 2 ? anti-parallel 
AA1 2 3 ? anti-parallel 
AA1 3 4 ? parallel      
AA1 4 5 ? parallel      
AA2 1 2 ? anti-parallel 
# 
loop_
_struct_sheet_range.sheet_id 
_struct_sheet_range.id 
_struct_sheet_range.beg_label_comp_id 
_struct_sheet_range.beg_label_asym_id 
_struct_sheet_range.beg_label_seq_id 
_struct_sheet_range.pdbx_beg_PDB_ins_code 
_struct_sheet_range.end_label_comp_id 
_struct_sheet_range.end_label_asym_id 
_struct_sheet_range.end_label_seq_id 
_struct_sheet_range.pdbx_end_PDB_ins_code 
_struct_sheet_range.beg_auth_comp_id 
_struct_sheet_range.beg_auth_asym_id 
_struct_sheet_range.beg_auth_seq_id 
_struct_sheet_range.end_auth_comp_id 
_struct_sheet_range.end_auth_asym_id 
_struct_sheet_range.end_auth_seq_id 
AA1 1 ILE A 80  ? LYS A 85  ? ILE A 219 LYS A 224 
AA1 2 SER A 104 ? GLU A 110 ? SER A 243 GLU A 249 
AA1 3 GLN A 113 ? TYR A 122 ? GLN A 252 TYR A 261 
AA1 4 LEU A 59  ? PRO A 64  ? LEU A 198 PRO A 203 
AA1 5 CYS A 170 ? TYR A 175 ? CYS A 309 TYR A 314 
AA2 1 GLN A 89  ? ARG A 93  ? GLN A 228 ARG A 232 
AA2 2 ILE A 96  ? TYR A 101 ? ILE A 235 TYR A 240 
# 
loop_
_pdbx_struct_sheet_hbond.sheet_id 
_pdbx_struct_sheet_hbond.range_id_1 
_pdbx_struct_sheet_hbond.range_id_2 
_pdbx_struct_sheet_hbond.range_1_label_atom_id 
_pdbx_struct_sheet_hbond.range_1_label_comp_id 
_pdbx_struct_sheet_hbond.range_1_label_asym_id 
_pdbx_struct_sheet_hbond.range_1_label_seq_id 
_pdbx_struct_sheet_hbond.range_1_PDB_ins_code 
_pdbx_struct_sheet_hbond.range_1_auth_atom_id 
_pdbx_struct_sheet_hbond.range_1_auth_comp_id 
_pdbx_struct_sheet_hbond.range_1_auth_asym_id 
_pdbx_struct_sheet_hbond.range_1_auth_seq_id 
_pdbx_struct_sheet_hbond.range_2_label_atom_id 
_pdbx_struct_sheet_hbond.range_2_label_comp_id 
_pdbx_struct_sheet_hbond.range_2_label_asym_id 
_pdbx_struct_sheet_hbond.range_2_label_seq_id 
_pdbx_struct_sheet_hbond.range_2_PDB_ins_code 
_pdbx_struct_sheet_hbond.range_2_auth_atom_id 
_pdbx_struct_sheet_hbond.range_2_auth_comp_id 
_pdbx_struct_sheet_hbond.range_2_auth_asym_id 
_pdbx_struct_sheet_hbond.range_2_auth_seq_id 
AA1 1 2 N ASP A 84  ? N ASP A 223 O ILE A 105 ? O ILE A 244 
AA1 2 3 N LEU A 108 ? N LEU A 247 O GLY A 116 ? O GLY A 255 
AA1 3 4 O GLU A 121 ? O GLU A 260 N LEU A 62  ? N LEU A 201 
AA1 4 5 N LEU A 63  ? N LEU A 202 O ILE A 173 ? O ILE A 312 
AA2 1 2 N GLN A 89  ? N GLN A 228 O TYR A 101 ? O TYR A 240 
# 
_atom_sites.entry_id                    7ZV0 
_atom_sites.Cartn_transf_matrix[1][1]   ? 
_atom_sites.Cartn_transf_matrix[1][2]   ? 
_atom_sites.Cartn_transf_matrix[1][3]   ? 
_atom_sites.Cartn_transf_matrix[2][1]   ? 
_atom_sites.Cartn_transf_matrix[2][2]   ? 
_atom_sites.Cartn_transf_matrix[2][3]   ? 
_atom_sites.Cartn_transf_matrix[3][1]   ? 
_atom_sites.Cartn_transf_matrix[3][2]   ? 
_atom_sites.Cartn_transf_matrix[3][3]   ? 
_atom_sites.Cartn_transf_vector[1]      ? 
_atom_sites.Cartn_transf_vector[2]      ? 
_atom_sites.Cartn_transf_vector[3]      ? 
_atom_sites.fract_transf_matrix[1][1]   0.00884174 
_atom_sites.fract_transf_matrix[1][2]   -0.00017318 
_atom_sites.fract_transf_matrix[1][3]   -0.00175553 
_atom_sites.fract_transf_matrix[2][1]   0.00015820 
_atom_sites.fract_transf_matrix[2][2]   0.00901414 
_atom_sites.fract_transf_matrix[2][3]   -0.00009243 
_atom_sites.fract_transf_matrix[3][1]   0.00544056 
_atom_sites.fract_transf_matrix[3][2]   0.00018531 
_atom_sites.fract_transf_matrix[3][3]   0.02738314 
_atom_sites.fract_transf_vector[1]      0.239323 
_atom_sites.fract_transf_vector[2]      0.398889 
_atom_sites.fract_transf_vector[3]      0.027878 
_atom_sites.solution_primary            ? 
_atom_sites.solution_secondary          ? 
_atom_sites.solution_hydrogens          ? 
_atom_sites.special_details             ? 
# 
loop_
_atom_type.symbol 
_atom_type.scat_dispersion_real 
_atom_type.scat_dispersion_imag 
_atom_type.scat_Cromer_Mann_a1 
_atom_type.scat_Cromer_Mann_a2 
_atom_type.scat_Cromer_Mann_a3 
_atom_type.scat_Cromer_Mann_a4 
_atom_type.scat_Cromer_Mann_b1 
_atom_type.scat_Cromer_Mann_b2 
_atom_type.scat_Cromer_Mann_b3 
_atom_type.scat_Cromer_Mann_b4 
_atom_type.scat_Cromer_Mann_c 
_atom_type.scat_source 
_atom_type.scat_dispersion_source 
C ? ? 3.54356 2.42580 ? ? 25.62398 1.50364  ? ? 0.0 
;2-Gaussian fit: Grosse-Kunstleve RW, Sauter NK, Adams PD: Newsletter of the IUCr Commission on Crystallographic Computing 2004, 3, 22-31.
;
? 
F ? ? 8.95735 ?       ? ? 7.27484  ?        ? ? 0.0 
;1-Gaussian fit: Grosse-Kunstleve RW, Sauter NK, Adams PD: Newsletter of the IUCr Commission on Crystallographic Computing 2004, 3, 22-31.
;
? 
N ? ? 4.01032 2.96436 ? ? 19.97189 1.75589  ? ? 0.0 
;2-Gaussian fit: Grosse-Kunstleve RW, Sauter NK, Adams PD: Newsletter of the IUCr Commission on Crystallographic Computing 2004, 3, 22-31.
;
? 
O ? ? 4.49882 3.47563 ? ? 15.80542 1.70748  ? ? 0.0 
;2-Gaussian fit: Grosse-Kunstleve RW, Sauter NK, Adams PD: Newsletter of the IUCr Commission on Crystallographic Computing 2004, 3, 22-31.
;
? 
P ? ? 9.51135 5.44231 ? ? 1.42069  35.72801 ? ? 0.0 
;2-Gaussian fit: Grosse-Kunstleve RW, Sauter NK, Adams PD: Newsletter of the IUCr Commission on Crystallographic Computing 2004, 3, 22-31.
;
? 
S ? ? 9.55732 6.39887 ? ? 1.23737  29.19336 ? ? 0.0 
;2-Gaussian fit: Grosse-Kunstleve RW, Sauter NK, Adams PD: Newsletter of the IUCr Commission on Crystallographic Computing 2004, 3, 22-31.
;
? 
# 
loop_
_atom_site.group_PDB 
_atom_site.id 
_atom_site.type_symbol 
_atom_site.label_atom_id 
_atom_site.label_alt_id 
_atom_site.label_comp_id 
_atom_site.label_asym_id 
_atom_site.label_entity_id 
_atom_site.label_seq_id 
_atom_site.pdbx_PDB_ins_code 
_atom_site.Cartn_x 
_atom_site.Cartn_y 
_atom_site.Cartn_z 
_atom_site.occupancy 
_atom_site.B_iso_or_equiv 
_atom_site.pdbx_formal_charge 
_atom_site.auth_seq_id 
_atom_site.auth_comp_id 
_atom_site.auth_asym_id 
_atom_site.auth_atom_id 
_atom_site.pdbx_PDB_model_num 
ATOM   1    N N    . ASN A 1 15  ? -8.33065  -19.97418 -1.25158  1.000 37.86000 ? 154 ASN A N    1 
ATOM   2    C CA   . ASN A 1 15  ? -7.94600  -18.97656 -0.26013  1.000 29.32000 ? 154 ASN A CA   1 
ATOM   3    C C    . ASN A 1 15  ? -6.47276  -18.60771 -0.39526  1.000 33.97000 ? 154 ASN A C    1 
ATOM   4    O O    . ASN A 1 15  ? -5.72651  -18.61176 0.58516   1.000 37.47000 ? 154 ASN A O    1 
ATOM   5    C CB   . ASN A 1 15  ? -8.23913  -19.48202 1.15348   1.000 42.40000 ? 154 ASN A CB   1 
ATOM   6    C CG   . ASN A 1 15  ? -9.59518  -19.03190 1.66455   1.000 60.78000 ? 154 ASN A CG   1 
ATOM   7    O OD1  . ASN A 1 15  ? -10.48360 -18.68524 0.88441   1.000 56.83000 ? 154 ASN A OD1  1 
ATOM   8    N ND2  . ASN A 1 15  ? -9.75860  -19.02752 2.98267   1.000 61.31000 ? 154 ASN A ND2  1 
ATOM   9    N N    . VAL A 1 16  ? -6.06338  -18.29245 -1.62575  1.000 29.62000 ? 155 VAL A N    1 
ATOM   10   C CA   . VAL A 1 16  ? -4.69491  -17.84487 -1.87008  1.000 27.00000 ? 155 VAL A CA   1 
ATOM   11   C C    . VAL A 1 16  ? -4.42749  -16.52009 -1.16750  1.000 22.11000 ? 155 VAL A C    1 
ATOM   12   O O    . VAL A 1 16  ? -3.28843  -16.22904 -0.77996  1.000 20.32000 ? 155 VAL A O    1 
ATOM   13   C CB   . VAL A 1 16  ? -4.43900  -17.74792 -3.38976  1.000 24.95000 ? 155 VAL A CB   1 
ATOM   14   C CG1  . VAL A 1 16  ? -5.54454  -16.95523 -4.05944  1.000 30.52000 ? 155 VAL A CG1  1 
ATOM   15   C CG2  . VAL A 1 16  ? -3.08704  -17.11548 -3.67896  1.000 23.22000 ? 155 VAL A CG2  1 
ATOM   16   N N    . ALA A 1 17  ? -5.47042  -15.71053 -0.96373  1.000 22.91000 ? 156 ALA A N    1 
ATOM   17   C CA   . ALA A 1 17  ? -5.28144  -14.38369 -0.38933  1.000 24.62000 ? 156 ALA A CA   1 
ATOM   18   C C    . ALA A 1 17  ? -4.75831  -14.44623 1.03956   1.000 21.35000 ? 156 ALA A C    1 
ATOM   19   O O    . ALA A 1 17  ? -4.04506  -13.53508 1.47590   1.000 22.23000 ? 156 ALA A O    1 
ATOM   20   C CB   . ALA A 1 17  ? -6.59305  -13.60300 -0.43684  1.000 20.69000 ? 156 ALA A CB   1 
ATOM   21   N N    . HIS A 1 18  ? -5.09975  -15.50185 1.78134   1.000 24.92000 ? 157 HIS A N    1 
ATOM   22   C CA   . HIS A 1 18  ? -4.62336  -15.62815 3.15573   1.000 20.88000 ? 157 HIS A CA   1 
ATOM   23   C C    . HIS A 1 18  ? -3.10142  -15.65533 3.20732   1.000 21.97000 ? 157 HIS A C    1 
ATOM   24   O O    . HIS A 1 18  ? -2.48079  -14.94091 4.00290   1.000 23.46000 ? 157 HIS A O    1 
ATOM   25   C CB   . HIS A 1 18  ? -5.21083  -16.88551 3.79788   1.000 23.25000 ? 157 HIS A CB   1 
ATOM   26   C CG   . HIS A 1 18  ? -4.69390  -17.16052 5.17541   1.000 22.90000 ? 157 HIS A CG   1 
ATOM   27   N ND1  . HIS A 1 18  ? -5.17472  -16.51447 6.29531   1.000 26.41000 ? 157 HIS A ND1  1 
ATOM   28   C CD2  . HIS A 1 18  ? -3.73915  -18.01394 5.61547   1.000 19.43000 ? 157 HIS A CD2  1 
ATOM   29   C CE1  . HIS A 1 18  ? -4.53693  -16.95780 7.36347   1.000 23.82000 ? 157 HIS A CE1  1 
ATOM   30   N NE2  . HIS A 1 18  ? -3.66045  -17.86731 6.97832   1.000 22.14000 ? 157 HIS A NE2  1 
ATOM   31   N N    . GLY A 1 19  ? -2.48035  -16.47015 2.35331   1.000 22.17000 ? 158 GLY A N    1 
ATOM   32   C CA   . GLY A 1 19  ? -1.03064  -16.52892 2.32158   1.000 19.64000 ? 158 GLY A CA   1 
ATOM   33   C C    . GLY A 1 19  ? -0.39042  -15.26334 1.79023   1.000 23.18000 ? 158 GLY A C    1 
ATOM   34   O O    . GLY A 1 19  ? 0.69371   -14.87872 2.23596   1.000 20.09000 ? 158 GLY A O    1 
ATOM   35   N N    . LEU A 1 20  ? -1.04450  -14.59853 0.83392   1.000 20.54000 ? 159 LEU A N    1 
ATOM   36   C CA   . LEU A 1 20  ? -0.49143  -13.35948 0.29763   1.000 21.23000 ? 159 LEU A CA   1 
ATOM   37   C C    . LEU A 1 20  ? -0.50916  -12.25023 1.34176   1.000 18.37000 ? 159 LEU A C    1 
ATOM   38   O O    . LEU A 1 20  ? 0.41886   -11.43669 1.40574   1.000 18.15000 ? 159 LEU A O    1 
ATOM   39   C CB   . LEU A 1 20  ? -1.26050  -12.93371 -0.95232  1.000 20.92000 ? 159 LEU A CB   1 
ATOM   40   C CG   . LEU A 1 20  ? -1.18536  -13.89044 -2.14348  1.000 24.38000 ? 159 LEU A CG   1 
ATOM   41   C CD1  . LEU A 1 20  ? -1.91575  -13.31384 -3.34707  1.000 17.93000 ? 159 LEU A CD1  1 
ATOM   42   C CD2  . LEU A 1 20  ? 0.26169   -14.20547 -2.49206  1.000 14.99000 ? 159 LEU A CD2  1 
ATOM   43   N N    . ALA A 1 21  ? -1.55731  -12.20235 2.16958   1.000 16.04000 ? 160 ALA A N    1 
ATOM   44   C CA   . ALA A 1 21  ? -1.61740  -11.19231 3.22076   1.000 16.86000 ? 160 ALA A CA   1 
ATOM   45   C C    . ALA A 1 21  ? -0.52633  -11.41585 4.25957   1.000 16.38000 ? 160 ALA A C    1 
ATOM   46   O O    . ALA A 1 21  ? 0.14273   -10.46408 4.67994   1.000 16.79000 ? 160 ALA A O    1 
ATOM   47   C CB   . ALA A 1 21  ? -2.99752  -11.19737 3.87632   1.000 18.13000 ? 160 ALA A CB   1 
ATOM   48   N N    . TRP A 1 22  ? -0.33171  -12.66516 4.68510   1.000 14.48000 ? 161 TRP A N    1 
ATOM   49   C CA   . TRP A 1 22  ? 0.75310   -12.96375 5.61249   1.000 17.50000 ? 161 TRP A CA   1 
ATOM   50   C C    . TRP A 1 22  ? 2.11124   -12.73519 4.96284   1.000 19.40000 ? 161 TRP A C    1 
ATOM   51   O O    . TRP A 1 22  ? 3.04806   -12.26681 5.61876   1.000 20.44000 ? 161 TRP A O    1 
ATOM   52   C CB   . TRP A 1 22  ? 0.62485   -14.39654 6.12482   1.000 17.68000 ? 161 TRP A CB   1 
ATOM   53   C CG   . TRP A 1 22  ? -0.29891  -14.49840 7.29089   1.000 19.05000 ? 161 TRP A CG   1 
ATOM   54   C CD1  . TRP A 1 22  ? -1.60889  -14.87567 7.27333   1.000 18.68000 ? 161 TRP A CD1  1 
ATOM   55   C CD2  . TRP A 1 22  ? 0.01343   -14.19384 8.65417   1.000 19.98000 ? 161 TRP A CD2  1 
ATOM   56   N NE1  . TRP A 1 22  ? -2.12976  -14.83449 8.54395   1.000 25.36000 ? 161 TRP A NE1  1 
ATOM   57   C CE2  . TRP A 1 22  ? -1.15315  -14.41766 9.41050   1.000 24.75000 ? 161 TRP A CE2  1 
ATOM   58   C CE3  . TRP A 1 22  ? 1.16878   -13.75730 9.30971   1.000 21.17000 ? 161 TRP A CE3  1 
ATOM   59   C CZ2  . TRP A 1 22  ? -1.19793  -14.21971 10.78836  1.000 29.98000 ? 161 TRP A CZ2  1 
ATOM   60   C CZ3  . TRP A 1 22  ? 1.12279   -13.56244 10.67662  1.000 25.30000 ? 161 TRP A CZ3  1 
ATOM   61   C CH2  . TRP A 1 22  ? -0.05211  -13.79343 11.40202  1.000 25.03000 ? 161 TRP A CH2  1 
ATOM   62   N N    . SER A 1 23  ? 2.23531   -13.05766 3.67305   1.000 19.64000 ? 162 SER A N    1 
ATOM   63   C CA   . SER A 1 23  ? 3.45455   -12.72544 2.94528   1.000 19.61000 ? 162 SER A CA   1 
ATOM   64   C C    . SER A 1 23  ? 3.66603   -11.21740 2.89102   1.000 18.89000 ? 162 SER A C    1 
ATOM   65   O O    . SER A 1 23  ? 4.79608   -10.73371 3.02925   1.000 18.68000 ? 162 SER A O    1 
ATOM   66   C CB   . SER A 1 23  ? 3.39468   -13.31196 1.53579   1.000 19.67000 ? 162 SER A CB   1 
ATOM   67   O OG   . SER A 1 23  ? 4.18528   -12.56090 0.63648   1.000 22.21000 ? 162 SER A OG   1 
ATOM   68   N N    . TYR A 1 24  ? 2.58314   -10.45922 2.69831   1.000 18.19000 ? 163 TYR A N    1 
ATOM   69   C CA   . TYR A 1 24  ? 2.68109   -9.00510  2.65270   1.000 18.42000 ? 163 TYR A CA   1 
ATOM   70   C C    . TYR A 1 24  ? 3.13229   -8.43418  3.99066   1.000 18.49000 ? 163 TYR A C    1 
ATOM   71   O O    . TYR A 1 24  ? 3.83461   -7.41792  4.02777   1.000 18.28000 ? 163 TYR A O    1 
ATOM   72   C CB   . TYR A 1 24  ? 1.33174   -8.41555  2.23879   1.000 18.91000 ? 163 TYR A CB   1 
ATOM   73   C CG   . TYR A 1 24  ? 1.32710   -6.92059  2.00121   1.000 17.56000 ? 163 TYR A CG   1 
ATOM   74   C CD1  . TYR A 1 24  ? 2.05907   -6.35895  0.96393   1.000 19.89000 ? 163 TYR A CD1  1 
ATOM   75   C CD2  . TYR A 1 24  ? 0.56346   -6.07586  2.79668   1.000 16.17000 ? 163 TYR A CD2  1 
ATOM   76   C CE1  . TYR A 1 24  ? 2.04686   -4.99279  0.73689   1.000 16.69000 ? 163 TYR A CE1  1 
ATOM   77   C CE2  . TYR A 1 24  ? 0.54458   -4.70950  2.57708   1.000 16.55000 ? 163 TYR A CE2  1 
ATOM   78   C CZ   . TYR A 1 24  ? 1.28764   -4.17399  1.54695   1.000 17.78000 ? 163 TYR A CZ   1 
ATOM   79   O OH   . TYR A 1 24  ? 1.26943   -2.81465  1.32624   1.000 21.24000 ? 163 TYR A OH   1 
ATOM   80   N N    . TYR A 1 25  ? 2.74780   -9.07424  5.09605   1.000 20.96000 ? 164 TYR A N    1 
ATOM   81   C CA   . TYR A 1 25  ? 3.15274   -8.60371  6.41636   1.000 18.80000 ? 164 TYR A CA   1 
ATOM   82   C C    . TYR A 1 25  ? 4.55413   -9.08274  6.77330   1.000 19.77000 ? 164 TYR A C    1 
ATOM   83   O O    . TYR A 1 25  ? 5.38591   -8.29935  7.24405   1.000 21.23000 ? 164 TYR A O    1 
ATOM   84   C CB   . TYR A 1 25  ? 2.14196   -9.06929  7.46760   1.000 19.37000 ? 164 TYR A CB   1 
ATOM   85   C CG   . TYR A 1 25  ? 2.60780   -8.90876  8.89923   1.000 24.43000 ? 164 TYR A CG   1 
ATOM   86   C CD1  . TYR A 1 25  ? 2.65971   -7.65626  9.49932   1.000 22.36000 ? 164 TYR A CD1  1 
ATOM   87   C CD2  . TYR A 1 25  ? 2.98338   -10.01281 9.65691   1.000 25.23000 ? 164 TYR A CD2  1 
ATOM   88   C CE1  . TYR A 1 25  ? 3.07984   -7.50616  10.80960  1.000 21.45000 ? 164 TYR A CE1  1 
ATOM   89   C CE2  . TYR A 1 25  ? 3.40452   -9.87273  10.96808  1.000 25.43000 ? 164 TYR A CE2  1 
ATOM   90   C CZ   . TYR A 1 25  ? 3.45063   -8.61743  11.53872  1.000 32.35000 ? 164 TYR A CZ   1 
ATOM   91   O OH   . TYR A 1 25  ? 3.86911   -8.47239  12.84120  1.000 27.78000 ? 164 TYR A OH   1 
ATOM   92   N N    . ILE A 1 26  ? 4.83081   -10.36912 6.55269   1.000 20.71000 ? 165 ILE A N    1 
ATOM   93   C CA   . ILE A 1 26  ? 6.10889   -10.94043 6.96534   1.000 20.56000 ? 165 ILE A CA   1 
ATOM   94   C C    . ILE A 1 26  ? 7.25246   -10.36789 6.13577   1.000 25.19000 ? 165 ILE A C    1 
ATOM   95   O O    . ILE A 1 26  ? 8.31775   -10.03302 6.67124   1.000 23.53000 ? 165 ILE A O    1 
ATOM   96   C CB   . ILE A 1 26  ? 6.05109   -12.47664 6.87711   1.000 20.43000 ? 165 ILE A CB   1 
ATOM   97   C CG1  . ILE A 1 26  ? 5.11105   -13.03327 7.94957   1.000 21.52000 ? 165 ILE A CG1  1 
ATOM   98   C CG2  . ILE A 1 26  ? 7.44557   -13.07802 6.99563   1.000 17.52000 ? 165 ILE A CG2  1 
ATOM   99   C CD1  . ILE A 1 26  ? 4.68778   -14.46164 7.70484   1.000 21.54000 ? 165 ILE A CD1  1 
ATOM   100  N N    . GLY A 1 27  ? 7.05479   -10.23684 4.82425   1.000 20.11000 ? 166 GLY A N    1 
ATOM   101  C CA   . GLY A 1 27  ? 8.10734   -9.76920  3.94720   1.000 21.75000 ? 166 GLY A CA   1 
ATOM   102  C C    . GLY A 1 27  ? 8.18108   -8.27852  3.71957   1.000 21.85000 ? 166 GLY A C    1 
ATOM   103  O O    . GLY A 1 27  ? 9.08861   -7.82250  3.02231   1.000 27.70000 ? 166 GLY A O    1 
ATOM   104  N N    . TYR A 1 28  ? 7.27061   -7.49154  4.28971   1.000 18.30000 ? 167 TYR A N    1 
ATOM   105  C CA   . TYR A 1 28  ? 7.28079   -6.06129  4.00987   1.000 18.91000 ? 167 TYR A CA   1 
ATOM   106  C C    . TYR A 1 28  ? 6.97346   -5.23205  5.24597   1.000 20.30000 ? 167 TYR A C    1 
ATOM   107  O O    . TYR A 1 28  ? 7.84321   -4.51794  5.75553   1.000 22.13000 ? 167 TYR A O    1 
ATOM   108  C CB   . TYR A 1 28  ? 6.26808   -5.73674  2.90893   1.000 17.60000 ? 167 TYR A CB   1 
ATOM   109  C CG   . TYR A 1 28  ? 6.36674   -4.34003  2.33848   1.000 18.87000 ? 167 TYR A CG   1 
ATOM   110  C CD1  . TYR A 1 28  ? 7.59184   -3.81446  1.94470   1.000 18.15000 ? 167 TYR A CD1  1 
ATOM   111  C CD2  . TYR A 1 28  ? 5.23284   -3.55876  2.16391   1.000 15.75000 ? 167 TYR A CD2  1 
ATOM   112  C CE1  . TYR A 1 28  ? 7.68143   -2.54127  1.40748   1.000 17.72000 ? 167 TYR A CE1  1 
ATOM   113  C CE2  . TYR A 1 28  ? 5.31376   -2.28740  1.62944   1.000 19.77000 ? 167 TYR A CE2  1 
ATOM   114  C CZ   . TYR A 1 28  ? 6.53963   -1.78367  1.25197   1.000 16.71000 ? 167 TYR A CZ   1 
ATOM   115  O OH   . TYR A 1 28  ? 6.62104   -0.51729  0.72050   1.000 18.72000 ? 167 TYR A OH   1 
ATOM   116  N N    . LEU A 1 29  ? 5.73031   -5.32638  5.72199   1.000 18.83000 ? 168 LEU A N    1 
ATOM   117  C CA   . LEU A 1 29  ? 5.23818   -4.39421  6.73107   1.000 19.35000 ? 168 LEU A CA   1 
ATOM   118  C C    . LEU A 1 29  ? 6.01959   -4.51459  8.03360   1.000 20.46000 ? 168 LEU A C    1 
ATOM   119  O O    . LEU A 1 29  ? 6.45679   -3.50724  8.60060   1.000 22.60000 ? 168 LEU A O    1 
ATOM   120  C CB   . LEU A 1 29  ? 3.74334   -4.62268  6.95927   1.000 17.40000 ? 168 LEU A CB   1 
ATOM   121  C CG   . LEU A 1 29  ? 2.84073   -4.18763  5.80104   1.000 24.63000 ? 168 LEU A CG   1 
ATOM   122  C CD1  . LEU A 1 29  ? 1.37361   -4.31004  6.17900   1.000 23.72000 ? 168 LEU A CD1  1 
ATOM   123  C CD2  . LEU A 1 29  ? 3.17035   -2.76250  5.37416   1.000 18.76000 ? 168 LEU A CD2  1 
ATOM   124  N N    . ARG A 1 30  ? 6.22099   -5.74137  8.52186   1.000 19.58000 ? 169 ARG A N    1 
ATOM   125  C CA   . ARG A 1 30  ? 6.94996   -5.90335  9.77494   1.000 27.21000 ? 169 ARG A CA   1 
ATOM   126  C C    . ARG A 1 30  ? 8.41156   -5.49320  9.64897   1.000 26.42000 ? 169 ARG A C    1 
ATOM   127  O O    . ARG A 1 30  ? 9.06762   -5.26819  10.67126  1.000 31.41000 ? 169 ARG A O    1 
ATOM   128  C CB   . ARG A 1 30  ? 6.85098   -7.34682  10.27133  1.000 19.31000 ? 169 ARG A CB   1 
ATOM   129  C CG   . ARG A 1 30  ? 7.74296   -8.33911  9.54618   1.000 24.53000 ? 169 ARG A CG   1 
ATOM   130  C CD   . ARG A 1 30  ? 7.79539   -9.66157  10.30021  1.000 28.29000 ? 169 ARG A CD   1 
ATOM   131  N NE   . ARG A 1 30  ? 8.67903   -10.63080 9.66425   1.000 29.18000 ? 169 ARG A NE   1 
ATOM   132  C CZ   . ARG A 1 30  ? 9.02367   -11.79459 10.20010  1.000 27.26000 ? 169 ARG A CZ   1 
ATOM   133  N NH1  . ARG A 1 30  ? 8.58420   -12.16274 11.39206  1.000 25.87000 ? 169 ARG A NH1  1 
ATOM   134  N NH2  . ARG A 1 30  ? 9.83008   -12.60684 9.52437   1.000 27.01000 ? 169 ARG A NH2  1 
ATOM   135  N N    . LEU A 1 31  ? 8.92853   -5.37280  8.42494   1.000 22.10000 ? 170 LEU A N    1 
ATOM   136  C CA   . LEU A 1 31  ? 10.29961  -4.93102  8.20460   1.000 27.88000 ? 170 LEU A CA   1 
ATOM   137  C C    . LEU A 1 31  ? 10.40271  -3.41157  8.10144   1.000 26.43000 ? 170 LEU A C    1 
ATOM   138  O O    . LEU A 1 31  ? 11.29531  -2.80691  8.70609   1.000 32.59000 ? 170 LEU A O    1 
ATOM   139  C CB   . LEU A 1 31  ? 10.86733  -5.57811  6.93693   1.000 21.28000 ? 170 LEU A CB   1 
ATOM   140  C CG   . LEU A 1 31  ? 10.82191  -7.10385  6.81762   1.000 33.69000 ? 170 LEU A CG   1 
ATOM   141  C CD1  . LEU A 1 31  ? 11.49409  -7.55596  5.52788   1.000 28.01000 ? 170 LEU A CD1  1 
ATOM   142  C CD2  . LEU A 1 31  ? 11.46785  -7.76494  8.02531   1.000 31.23000 ? 170 LEU A CD2  1 
ATOM   143  N N    . ILE A 1 32  ? 9.49668   -2.78021  7.35345   1.000 21.38000 ? 171 ILE A N    1 
ATOM   144  C CA   . ILE A 1 32  ? 9.65047   -1.36180  7.04311   1.000 26.63000 ? 171 ILE A CA   1 
ATOM   145  C C    . ILE A 1 32  ? 8.92000   -0.45462  8.03548   1.000 22.88000 ? 171 ILE A C    1 
ATOM   146  O O    . ILE A 1 32  ? 9.35014   0.68133   8.25636   1.000 25.02000 ? 171 ILE A O    1 
ATOM   147  C CB   . ILE A 1 32  ? 9.18958   -1.07243  5.60235   1.000 19.51000 ? 171 ILE A CB   1 
ATOM   148  C CG1  . ILE A 1 32  ? 7.66873   -1.20208  5.47412   1.000 18.38000 ? 171 ILE A CG1  1 
ATOM   149  C CG2  . ILE A 1 32  ? 9.88564   -2.00591  4.61903   1.000 21.43000 ? 171 ILE A CG2  1 
ATOM   150  C CD1  . ILE A 1 32  ? 7.08512   -0.40445  4.32551   1.000 19.94000 ? 171 ILE A CD1  1 
ATOM   151  N N    . LEU A 1 33  ? 7.82335   -0.92034  8.63376   1.000 23.47000 ? 172 LEU A N    1 
ATOM   152  C CA   . LEU A 1 33  ? 7.06705   -0.06159  9.54187   1.000 27.71000 ? 172 LEU A CA   1 
ATOM   153  C C    . LEU A 1 33  ? 7.85584   0.36731   10.77600  1.000 34.35000 ? 172 LEU A C    1 
ATOM   154  O O    . LEU A 1 33  ? 7.73565   1.54264   11.16407  1.000 34.58000 ? 172 LEU A O    1 
ATOM   155  C CB   . LEU A 1 33  ? 5.75653   -0.74857  9.94760   1.000 22.28000 ? 172 LEU A CB   1 
ATOM   156  C CG   . LEU A 1 33  ? 4.67539   -0.84570  8.86719   1.000 26.51000 ? 172 LEU A CG   1 
ATOM   157  C CD1  . LEU A 1 33  ? 3.40168   -1.45670  9.43026   1.000 24.19000 ? 172 LEU A CD1  1 
ATOM   158  C CD2  . LEU A 1 33  ? 4.39305   0.52027   8.25540   1.000 22.79000 ? 172 LEU A CD2  1 
ATOM   159  N N    . PRO A 1 34  ? 8.64999   -0.48804  11.43456  1.000 30.95000 ? 173 PRO A N    1 
ATOM   160  C CA   . PRO A 1 34  ? 9.44179   0.00485   12.57488  1.000 32.12000 ? 173 PRO A CA   1 
ATOM   161  C C    . PRO A 1 34  ? 10.43332  1.09386   12.20228  1.000 34.98000 ? 173 PRO A C    1 
ATOM   162  O O    . PRO A 1 34  ? 10.75839  1.93700   13.04756  1.000 42.20000 ? 173 PRO A O    1 
ATOM   163  C CB   . PRO A 1 34  ? 10.15408  -1.25876  13.07710  1.000 34.16000 ? 173 PRO A CB   1 
ATOM   164  C CG   . PRO A 1 34  ? 9.28932   -2.37632  12.63760  1.000 26.70000 ? 173 PRO A CG   1 
ATOM   165  C CD   . PRO A 1 34  ? 8.74447   -1.95528  11.31051  1.000 28.09000 ? 173 PRO A CD   1 
ATOM   166  N N    . GLU A 1 35  ? 10.92079  1.10761   10.96342  1.000 31.98000 ? 174 GLU A N    1 
ATOM   167  C CA   . GLU A 1 35  ? 11.87361  2.10737   10.50226  1.000 32.98000 ? 174 GLU A CA   1 
ATOM   168  C C    . GLU A 1 35  ? 11.20949  3.28201   9.79429   1.000 36.65000 ? 174 GLU A C    1 
ATOM   169  O O    . GLU A 1 35  ? 11.90800  4.21274   9.38412   1.000 32.99000 ? 174 GLU A O    1 
ATOM   170  C CB   . GLU A 1 35  ? 12.89483  1.46462   9.55636   1.000 40.70000 ? 174 GLU A CB   1 
ATOM   171  C CG   . GLU A 1 35  ? 13.71988  0.34316   10.16572  1.000 42.60000 ? 174 GLU A CG   1 
ATOM   172  C CD   . GLU A 1 35  ? 14.89574  0.85392   10.97370  1.000 51.78000 ? 174 GLU A CD   1 
ATOM   173  O OE1  . GLU A 1 35  ? 14.67187  1.47285   12.03458  1.000 48.30000 ? 174 GLU A OE1  1 
ATOM   174  O OE2  . GLU A 1 35  ? 16.04820  0.64519   10.53815  1.000 71.96000 ? 174 GLU A OE2  1 
ATOM   175  N N    . LEU A 1 36  ? 9.88226   3.26481   9.64926   1.000 34.41000 ? 175 LEU A N    1 
ATOM   176  C CA   . LEU A 1 36  ? 9.21997   4.24082   8.79035   1.000 33.29000 ? 175 LEU A CA   1 
ATOM   177  C C    . LEU A 1 36  ? 9.25508   5.64263   9.38869   1.000 36.70000 ? 175 LEU A C    1 
ATOM   178  O O    . LEU A 1 36  ? 9.48920   6.62034   8.66876   1.000 32.85000 ? 175 LEU A O    1 
ATOM   179  C CB   . LEU A 1 36  ? 7.77727   3.81433   8.52523   1.000 25.77000 ? 175 LEU A CB   1 
ATOM   180  C CG   . LEU A 1 36  ? 7.01148   4.71804   7.55790   1.000 29.29000 ? 175 LEU A CG   1 
ATOM   181  C CD1  . LEU A 1 36  ? 7.55929   4.57991   6.14494   1.000 29.54000 ? 175 LEU A CD1  1 
ATOM   182  C CD2  . LEU A 1 36  ? 5.52460   4.41452   7.60252   1.000 28.53000 ? 175 LEU A CD2  1 
ATOM   183  N N    . GLN A 1 37  ? 9.01547   5.76427   10.69668  1.000 36.13000 ? 176 GLN A N    1 
ATOM   184  C CA   . GLN A 1 37  ? 8.98514   7.08349   11.32285  1.000 41.13000 ? 176 GLN A CA   1 
ATOM   185  C C    . GLN A 1 37  ? 10.32473  7.79256   11.16915  1.000 41.94000 ? 176 GLN A C    1 
ATOM   186  O O    . GLN A 1 37  ? 10.37738  8.97729   10.81931  1.000 41.93000 ? 176 GLN A O    1 
ATOM   187  C CB   . GLN A 1 37  ? 8.61032   6.95820   12.80110  1.000 51.47000 ? 176 GLN A CB   1 
ATOM   188  C CG   . GLN A 1 37  ? 7.30064   6.22980   13.07134  1.000 60.25000 ? 176 GLN A CG   1 
ATOM   189  C CD   . GLN A 1 37  ? 6.07715   7.11698   12.92812  1.000 62.69000 ? 176 GLN A CD   1 
ATOM   190  O OE1  . GLN A 1 37  ? 6.05033   8.03827   12.11156  1.000 60.42000 ? 176 GLN A OE1  1 
ATOM   191  N NE2  . GLN A 1 37  ? 5.05654   6.84307   13.73124  1.000 54.75000 ? 176 GLN A NE2  1 
ATOM   192  N N    . ALA A 1 38  ? 11.42373  7.07363   11.41345  1.000 40.81000 ? 177 ALA A N    1 
ATOM   193  C CA   . ALA A 1 38  ? 12.74562  7.68575   11.33427  1.000 39.86000 ? 177 ALA A CA   1 
ATOM   194  C C    . ALA A 1 38  ? 13.07227  8.12252   9.91141   1.000 41.87000 ? 177 ALA A C    1 
ATOM   195  O O    . ALA A 1 38  ? 13.73756  9.14394   9.70502   1.000 40.64000 ? 177 ALA A O    1 
ATOM   196  C CB   . ALA A 1 38  ? 13.80392  6.71532   11.85549  1.000 41.47000 ? 177 ALA A CB   1 
ATOM   197  N N    . ARG A 1 39  ? 12.61585  7.36016   8.91529   1.000 34.11000 ? 178 ARG A N    1 
ATOM   198  C CA   . ARG A 1 39  ? 12.84983  7.74992   7.52849   1.000 38.16000 ? 178 ARG A CA   1 
ATOM   199  C C    . ARG A 1 39  ? 12.04257  8.98858   7.16154   1.000 39.35000 ? 178 ARG A C    1 
ATOM   200  O O    . ARG A 1 39  ? 12.50983  9.83465   6.39108   1.000 37.03000 ? 178 ARG A O    1 
ATOM   201  C CB   . ARG A 1 39  ? 12.51153  6.59201   6.59111   1.000 32.90000 ? 178 ARG A CB   1 
ATOM   202  C CG   . ARG A 1 39  ? 13.41568  5.38047   6.74491   1.000 33.99000 ? 178 ARG A CG   1 
ATOM   203  C CD   . ARG A 1 39  ? 12.85374  4.19028   5.98371   1.000 29.62000 ? 178 ARG A CD   1 
ATOM   204  N NE   . ARG A 1 39  ? 12.83235  4.41994   4.54371   1.000 23.53000 ? 178 ARG A NE   1 
ATOM   205  C CZ   . ARG A 1 39  ? 11.91468  3.93348   3.71894   1.000 23.72000 ? 178 ARG A CZ   1 
ATOM   206  N NH1  . ARG A 1 39  ? 10.89505  3.21680   4.16495   1.000 21.98000 ? 178 ARG A NH1  1 
ATOM   207  N NH2  . ARG A 1 39  ? 12.01678  4.18039   2.41640   1.000 24.37000 ? 178 ARG A NH2  1 
ATOM   208  N N    . ILE A 1 40  ? 10.82765  9.11146   7.70184   1.000 37.60000 ? 179 ILE A N    1 
ATOM   209  C CA   . ILE A 1 40  ? 10.01195  10.29019  7.42670   1.000 43.62000 ? 179 ILE A CA   1 
ATOM   210  C C    . ILE A 1 40  ? 10.59284  11.51537  8.12069   1.000 45.48000 ? 179 ILE A C    1 
ATOM   211  O O    . ILE A 1 40  ? 10.65512  12.60351  7.53611   1.000 42.33000 ? 179 ILE A O    1 
ATOM   212  C CB   . ILE A 1 40  ? 8.55060   10.04103  7.84107   1.000 37.04000 ? 179 ILE A CB   1 
ATOM   213  C CG1  . ILE A 1 40  ? 7.94086   8.92479   6.99099   1.000 35.50000 ? 179 ILE A CG1  1 
ATOM   214  C CG2  . ILE A 1 40  ? 7.73114   11.31940  7.71689   1.000 35.60000 ? 179 ILE A CG2  1 
ATOM   215  C CD1  . ILE A 1 40  ? 6.51459   8.58053   7.36030   1.000 33.12000 ? 179 ILE A CD1  1 
ATOM   216  N N    . ARG A 1 41  ? 11.03145  11.36149  9.37430   1.000 45.17000 ? 180 ARG A N    1 
ATOM   217  C CA   . ARG A 1 41  ? 11.63975  12.48432  10.08290  1.000 50.38000 ? 180 ARG A CA   1 
ATOM   218  C C    . ARG A 1 41  ? 12.89690  12.96607  9.37208   1.000 50.01000 ? 180 ARG A C    1 
ATOM   219  O O    . ARG A 1 41  ? 13.15178  14.17305  9.29390   1.000 58.39000 ? 180 ARG A O    1 
ATOM   220  C CB   . ARG A 1 41  ? 11.96510  12.09430  11.52375  1.000 55.77000 ? 180 ARG A CB   1 
ATOM   221  C CG   . ARG A 1 41  ? 10.76081  11.74109  12.37511  1.000 59.88000 ? 180 ARG A CG   1 
ATOM   222  C CD   . ARG A 1 41  ? 11.15872  11.60907  13.83752  1.000 67.64000 ? 180 ARG A CD   1 
ATOM   223  N NE   . ARG A 1 41  ? 10.16832  10.87529  14.61735  1.000 78.76000 ? 180 ARG A NE   1 
ATOM   224  C CZ   . ARG A 1 41  ? 10.23030  9.57555   14.87280  1.000 88.47000 ? 180 ARG A CZ   1 
ATOM   225  N NH1  . ARG A 1 41  ? 11.22880  8.83033   14.42865  1.000 90.79000 ? 180 ARG A NH1  1 
ATOM   226  N NH2  . ARG A 1 41  ? 9.26608   9.00974   15.59329  1.000 97.02000 ? 180 ARG A NH2  1 
ATOM   227  N N    . THR A 1 42  ? 13.69784  12.03347  8.85018   1.000 45.30000 ? 181 THR A N    1 
ATOM   228  C CA   . THR A 1 42  ? 14.90267  12.41595  8.12188   1.000 44.25000 ? 181 THR A CA   1 
ATOM   229  C C    . THR A 1 42  ? 14.55966  13.24753  6.89261   1.000 50.53000 ? 181 THR A C    1 
ATOM   230  O O    . THR A 1 42  ? 15.23342  14.24190  6.59806   1.000 56.94000 ? 181 THR A O    1 
ATOM   231  C CB   . THR A 1 42  ? 15.69106  11.16875  7.72184   1.000 37.99000 ? 181 THR A CB   1 
ATOM   232  O OG1  . THR A 1 42  ? 16.02235  10.41381  8.89481   1.000 51.28000 ? 181 THR A OG1  1 
ATOM   233  C CG2  . THR A 1 42  ? 16.97143  11.55290  6.99382   1.000 37.84000 ? 181 THR A CG2  1 
ATOM   234  N N    . TYR A 1 43  ? 13.50496  12.86354  6.16879   1.000 43.95000 ? 182 TYR A N    1 
ATOM   235  C CA   . TYR A 1 43  ? 13.11129  13.61746  4.98478   1.000 48.98000 ? 182 TYR A CA   1 
ATOM   236  C C    . TYR A 1 43  ? 12.58046  14.99785  5.35414   1.000 46.99000 ? 182 TYR A C    1 
ATOM   237  O O    . TYR A 1 43  ? 12.91914  15.99243  4.70203   1.000 50.89000 ? 182 TYR A O    1 
ATOM   238  C CB   . TYR A 1 43  ? 12.06548  12.83946  4.18539   1.000 37.24000 ? 182 TYR A CB   1 
ATOM   239  C CG   . TYR A 1 43  ? 11.60253  13.56399  2.94295   1.000 36.08000 ? 182 TYR A CG   1 
ATOM   240  C CD1  . TYR A 1 43  ? 12.31535  13.46930  1.75589   1.000 35.62000 ? 182 TYR A CD1  1 
ATOM   241  C CD2  . TYR A 1 43  ? 10.45768  14.35141  2.95913   1.000 38.92000 ? 182 TYR A CD2  1 
ATOM   242  C CE1  . TYR A 1 43  ? 11.89965  14.13407  0.61866   1.000 34.33000 ? 182 TYR A CE1  1 
ATOM   243  C CE2  . TYR A 1 43  ? 10.03498  15.02036  1.82734   1.000 31.84000 ? 182 TYR A CE2  1 
ATOM   244  C CZ   . TYR A 1 43  ? 10.75962  14.90766  0.66048   1.000 34.49000 ? 182 TYR A CZ   1 
ATOM   245  O OH   . TYR A 1 43  ? 10.34135  15.57156  -0.46909  1.000 43.19000 ? 182 TYR A OH   1 
ATOM   246  N N    . ASN A 1 44  ? 11.74524  15.08018  6.39330   1.000 47.57000 ? 183 ASN A N    1 
ATOM   247  C CA   . ASN A 1 44  ? 11.17010  16.36255  6.78539   1.000 48.55000 ? 183 ASN A CA   1 
ATOM   248  C C    . ASN A 1 44  ? 12.22564  17.34625  7.27456   1.000 60.11000 ? 183 ASN A C    1 
ATOM   249  O O    . ASN A 1 44  ? 11.99159  18.55919  7.23435   1.000 66.87000 ? 183 ASN A O    1 
ATOM   250  C CB   . ASN A 1 44  ? 10.10755  16.15826  7.86860   1.000 45.40000 ? 183 ASN A CB   1 
ATOM   251  C CG   . ASN A 1 44  ? 8.80500   15.61332  7.31441   1.000 42.13000 ? 183 ASN A CG   1 
ATOM   252  O OD1  . ASN A 1 44  ? 8.45369   15.86572  6.16207   1.000 42.14000 ? 183 ASN A OD1  1 
ATOM   253  N ND2  . ASN A 1 44  ? 8.07699   14.86838  8.13803   1.000 46.87000 ? 183 ASN A ND2  1 
ATOM   254  N N    . GLN A 1 45  ? 13.37407  16.85666  7.72975   1.000 60.88000 ? 184 GLN A N    1 
ATOM   255  C CA   . GLN A 1 45  ? 14.45153  17.72368  8.19190   1.000 62.36000 ? 184 GLN A CA   1 
ATOM   256  C C    . GLN A 1 45  ? 15.40345  18.06835  7.05122   1.000 64.24000 ? 184 GLN A C    1 
ATOM   257  O O    . GLN A 1 45  ? 15.47383  19.21687  6.61450   1.000 72.59000 ? 184 GLN A O    1 
ATOM   258  C CB   . GLN A 1 45  ? 15.21830  17.05781  9.33586   1.000 67.63000 ? 184 GLN A CB   1 
ATOM   259  C CG   . GLN A 1 45  ? 14.39113  16.84518  10.59360  1.000 68.14000 ? 184 GLN A CG   1 
ATOM   260  C CD   . GLN A 1 45  ? 14.97389  15.77800  11.49747  1.000 76.77000 ? 184 GLN A CD   1 
ATOM   261  O OE1  . GLN A 1 45  ? 15.59014  14.82018  11.02874  1.000 77.55000 ? 184 GLN A OE1  1 
ATOM   262  N NE2  . GLN A 1 45  ? 14.78438  15.93773  12.80239  1.000 72.52000 ? 184 GLN A NE2  1 
ATOM   263  N N    . ALA A 1 54  ? 4.86761   19.27623  5.27218   1.000 53.94000 ? 193 ALA A N    1 
ATOM   264  C CA   . ALA A 1 54  ? 5.51052   18.16582  5.96455   1.000 50.94000 ? 193 ALA A CA   1 
ATOM   265  C C    . ALA A 1 54  ? 4.80038   16.84989  5.66084   1.000 49.04000 ? 193 ALA A C    1 
ATOM   266  O O    . ALA A 1 54  ? 3.57272   16.79958  5.57883   1.000 45.97000 ? 193 ALA A O    1 
ATOM   267  C CB   . ALA A 1 54  ? 5.53896   18.42174  7.46409   1.000 48.67000 ? 193 ALA A CB   1 
ATOM   268  N N    . VAL A 1 55  ? 5.58613   15.78420  5.49664   1.000 49.00000 ? 194 VAL A N    1 
ATOM   269  C CA   . VAL A 1 55  ? 5.02942   14.47928  5.16339   1.000 36.94000 ? 194 VAL A CA   1 
ATOM   270  C C    . VAL A 1 55  ? 4.33587   13.88582  6.38187   1.000 36.13000 ? 194 VAL A C    1 
ATOM   271  O O    . VAL A 1 55  ? 4.82136   14.00196  7.51627   1.000 46.80000 ? 194 VAL A O    1 
ATOM   272  C CB   . VAL A 1 55  ? 6.13615   13.54631  4.64089   1.000 39.34000 ? 194 VAL A CB   1 
ATOM   273  C CG1  . VAL A 1 55  ? 5.56726   12.18229  4.27783   1.000 35.35000 ? 194 VAL A CG1  1 
ATOM   274  C CG2  . VAL A 1 55  ? 6.83437   14.17291  3.44267   1.000 35.48000 ? 194 VAL A CG2  1 
ATOM   275  N N    . SER A 1 56  ? 3.19105   13.24644  6.15383   1.000 36.27000 ? 195 SER A N    1 
ATOM   276  C CA   . SER A 1 56  ? 2.45954   12.60220  7.23235   1.000 33.83000 ? 195 SER A CA   1 
ATOM   277  C C    . SER A 1 56  ? 3.23562   11.39982  7.76737   1.000 34.41000 ? 195 SER A C    1 
ATOM   278  O O    . SER A 1 56  ? 4.15361   10.87903  7.12664   1.000 33.16000 ? 195 SER A O    1 
ATOM   279  C CB   . SER A 1 56  ? 1.07258   12.17156  6.75533   1.000 38.67000 ? 195 SER A CB   1 
ATOM   280  O OG   . SER A 1 56  ? 0.32451   13.28933  6.30811   1.000 43.86000 ? 195 SER A OG   1 
ATOM   281  N N    . GLN A 1 57  ? 2.84441   10.95380  8.95843   1.000 38.20000 ? 196 GLN A N    1 
ATOM   282  C CA   . GLN A 1 57  ? 3.58573   9.94524   9.70499   1.000 44.13000 ? 196 GLN A CA   1 
ATOM   283  C C    . GLN A 1 57  ? 3.13113   8.51706   9.42569   1.000 43.01000 ? 196 GLN A C    1 
ATOM   284  O O    . GLN A 1 57  ? 3.65471   7.58707   10.04880  1.000 49.52000 ? 196 GLN A O    1 
ATOM   285  C CB   . GLN A 1 57  ? 3.47669   10.22462  11.20823  1.000 42.80000 ? 196 GLN A CB   1 
ATOM   286  C CG   . GLN A 1 57  ? 4.03775   11.57244  11.63617  1.000 52.82000 ? 196 GLN A CG   1 
ATOM   287  C CD   . GLN A 1 57  ? 5.54826   11.65063  11.50681  1.000 58.68000 ? 196 GLN A CD   1 
ATOM   288  O OE1  . GLN A 1 57  ? 6.10375   12.71322  11.22613  1.000 56.14000 ? 196 GLN A OE1  1 
ATOM   289  N NE2  . GLN A 1 57  ? 6.22337   10.52574  11.72083  1.000 56.64000 ? 196 GLN A NE2  1 
ATOM   290  N N    . ARG A 1 58  ? 2.18437   8.31128   8.51406   1.000 35.79000 ? 197 ARG A N    1 
ATOM   291  C CA   . ARG A 1 58  ? 1.63610   6.98993   8.25061   1.000 35.20000 ? 197 ARG A CA   1 
ATOM   292  C C    . ARG A 1 58  ? 1.92266   6.56013   6.81915   1.000 31.09000 ? 197 ARG A C    1 
ATOM   293  O O    . ARG A 1 58  ? 2.05504   7.39171   5.91447   1.000 33.84000 ? 197 ARG A O    1 
ATOM   294  C CB   . ARG A 1 58  ? 0.12126   6.95403   8.49779   1.000 35.32000 ? 197 ARG A CB   1 
ATOM   295  C CG   . ARG A 1 58  ? -0.27978  6.87607   9.96257   1.000 46.95000 ? 197 ARG A CG   1 
ATOM   296  C CD   . ARG A 1 58  ? -1.79337  6.85810   10.10641  1.000 48.59000 ? 197 ARG A CD   1 
ATOM   297  N NE   . ARG A 1 58  ? -2.22469  6.49739   11.45167  1.000 54.03000 ? 197 ARG A NE   1 
ATOM   298  C CZ   . ARG A 1 58  ? -2.38673  7.35960   12.44560  1.000 68.23000 ? 197 ARG A CZ   1 
ATOM   299  N NH1  . ARG A 1 58  ? -2.12542  8.64773   12.29422  1.000 69.89000 ? 197 ARG A NH1  1 
ATOM   300  N NH2  . ARG A 1 58  ? -2.82237  6.91822   13.62302  1.000 69.19000 ? 197 ARG A NH2  1 
ATOM   301  N N    . LEU A 1 59  ? 2.01877   5.24720   6.62643   1.000 28.01000 ? 198 LEU A N    1 
ATOM   302  C CA   . LEU A 1 59  ? 2.09549   4.64913   5.29999   1.000 26.87000 ? 198 LEU A CA   1 
ATOM   303  C C    . LEU A 1 59  ? 0.68230   4.32309   4.83461   1.000 27.31000 ? 198 LEU A C    1 
ATOM   304  O O    . LEU A 1 59  ? -0.01236  3.51755   5.46238   1.000 25.04000 ? 198 LEU A O    1 
ATOM   305  C CB   . LEU A 1 59  ? 2.95758   3.38794   5.31873   1.000 25.79000 ? 198 LEU A CB   1 
ATOM   306  C CG   . LEU A 1 59  ? 2.96576   2.55346   4.03504   1.000 26.05000 ? 198 LEU A CG   1 
ATOM   307  C CD1  . LEU A 1 59  ? 3.68733   3.28750   2.91812   1.000 19.32000 ? 198 LEU A CD1  1 
ATOM   308  C CD2  . LEU A 1 59  ? 3.59251   1.18970   4.28067   1.000 19.91000 ? 198 LEU A CD2  1 
ATOM   309  N N    . TYR A 1 60  ? 0.25535   4.94252   3.74275   1.000 21.72000 ? 199 TYR A N    1 
ATOM   310  C CA   . TYR A 1 60  ? -1.10729  4.79037   3.25289   1.000 25.98000 ? 199 TYR A CA   1 
ATOM   311  C C    . TYR A 1 60  ? -1.12956  3.76501   2.12744   1.000 23.56000 ? 199 TYR A C    1 
ATOM   312  O O    . TYR A 1 60  ? -0.51692  3.97450   1.07343   1.000 21.62000 ? 199 TYR A O    1 
ATOM   313  C CB   . TYR A 1 60  ? -1.66714  6.13890   2.80647   1.000 24.75000 ? 199 TYR A CB   1 
ATOM   314  C CG   . TYR A 1 60  ? -1.96206  7.03335   3.98564   1.000 31.20000 ? 199 TYR A CG   1 
ATOM   315  C CD1  . TYR A 1 60  ? -0.96567  7.81587   4.55623   1.000 31.17000 ? 199 TYR A CD1  1 
ATOM   316  C CD2  . TYR A 1 60  ? -3.22818  7.06840   4.55404   1.000 31.07000 ? 199 TYR A CD2  1 
ATOM   317  C CE1  . TYR A 1 60  ? -1.22867  8.62185   5.64809   1.000 34.05000 ? 199 TYR A CE1  1 
ATOM   318  C CE2  . TYR A 1 60  ? -3.49986  7.87150   5.64357   1.000 36.10000 ? 199 TYR A CE2  1 
ATOM   319  C CZ   . TYR A 1 60  ? -2.49771  8.64465   6.18759   1.000 33.74000 ? 199 TYR A CZ   1 
ATOM   320  O OH   . TYR A 1 60  ? -2.76825  9.44569   7.27282   1.000 48.99000 ? 199 TYR A OH   1 
ATOM   321  N N    . ILE A 1 61  ? -1.83324  2.65951   2.35935   1.000 21.34000 ? 200 ILE A N    1 
ATOM   322  C CA   . ILE A 1 61  ? -1.85231  1.51041   1.46248   1.000 22.64000 ? 200 ILE A CA   1 
ATOM   323  C C    . ILE A 1 61  ? -3.20356  1.47593   0.76157   1.000 23.28000 ? 200 ILE A C    1 
ATOM   324  O O    . ILE A 1 61  ? -4.24774  1.35593   1.41540   1.000 23.81000 ? 200 ILE A O    1 
ATOM   325  C CB   . ILE A 1 61  ? -1.59605  0.20146   2.22486   1.000 21.47000 ? 200 ILE A CB   1 
ATOM   326  C CG1  . ILE A 1 61  ? -0.26150  0.27172   2.97167   1.000 18.34000 ? 200 ILE A CG1  1 
ATOM   327  C CG2  . ILE A 1 61  ? -1.62435  -0.98602  1.27503   1.000 22.14000 ? 200 ILE A CG2  1 
ATOM   328  C CD1  . ILE A 1 61  ? -0.01121  -0.90649  3.89137   1.000 17.72000 ? 200 ILE A CD1  1 
ATOM   329  N N    . LEU A 1 62  ? -3.18347  1.57500   -0.56445  1.000 19.76000 ? 201 LEU A N    1 
ATOM   330  C CA   . LEU A 1 62  ? -4.39967  1.51614   -1.36339  1.000 22.73000 ? 201 LEU A CA   1 
ATOM   331  C C    . LEU A 1 62  ? -4.74641  0.06286   -1.66191  1.000 20.65000 ? 201 LEU A C    1 
ATOM   332  O O    . LEU A 1 62  ? -3.88938  -0.70790  -2.10735  1.000 23.77000 ? 201 LEU A O    1 
ATOM   333  C CB   . LEU A 1 62  ? -4.22917  2.29695   -2.66682  1.000 19.27000 ? 201 LEU A CB   1 
ATOM   334  C CG   . LEU A 1 62  ? -3.96553  3.79709   -2.52442  1.000 23.00000 ? 201 LEU A CG   1 
ATOM   335  C CD1  . LEU A 1 62  ? -3.64798  4.41378   -3.87736  1.000 27.34000 ? 201 LEU A CD1  1 
ATOM   336  C CD2  . LEU A 1 62  ? -5.15609  4.48971   -1.88167  1.000 23.58000 ? 201 LEU A CD2  1 
ATOM   337  N N    . LEU A 1 63  ? -6.00229  -0.30668  -1.41804  1.000 19.27000 ? 202 LEU A N    1 
ATOM   338  C CA   . LEU A 1 63  ? -6.48529  -1.67067  -1.63095  1.000 24.93000 ? 202 LEU A CA   1 
ATOM   339  C C    . LEU A 1 63  ? -7.74839  -1.63420  -2.48036  1.000 24.54000 ? 202 LEU A C    1 
ATOM   340  O O    . LEU A 1 63  ? -8.86507  -1.77234  -1.96392  1.000 23.14000 ? 202 LEU A O    1 
ATOM   341  C CB   . LEU A 1 63  ? -6.73754  -2.37974  -0.29954  1.000 23.78000 ? 202 LEU A CB   1 
ATOM   342  C CG   . LEU A 1 63  ? -5.50496  -2.55429  0.58949   1.000 26.26000 ? 202 LEU A CG   1 
ATOM   343  C CD1  . LEU A 1 63  ? -5.68488  -1.81353  1.90081   1.000 30.16000 ? 202 LEU A CD1  1 
ATOM   344  C CD2  . LEU A 1 63  ? -5.22376  -4.02599  0.83620   1.000 25.55000 ? 202 LEU A CD2  1 
ATOM   345  N N    . PRO A 1 64  ? -7.60990  -1.44906  -3.79378  1.000 22.95000 ? 203 PRO A N    1 
ATOM   346  C CA   . PRO A 1 64  ? -8.78083  -1.53957  -4.67491  1.000 24.10000 ? 203 PRO A CA   1 
ATOM   347  C C    . PRO A 1 64  ? -9.27921  -2.97592  -4.75276  1.000 26.23000 ? 203 PRO A C    1 
ATOM   348  O O    . PRO A 1 64  ? -8.51801  -3.89756  -5.05477  1.000 28.64000 ? 203 PRO A O    1 
ATOM   349  C CB   . PRO A 1 64  ? -8.25030  -1.04763  -6.02651  1.000 23.31000 ? 203 PRO A CB   1 
ATOM   350  C CG   . PRO A 1 64  ? -6.78327  -1.31985  -5.97050  1.000 22.78000 ? 203 PRO A CG   1 
ATOM   351  C CD   . PRO A 1 64  ? -6.37956  -1.12320  -4.53696  1.000 17.67000 ? 203 PRO A CD   1 
ATOM   352  N N    . LEU A 1 65  ? -10.56939 -3.16146  -4.47375  1.000 28.10000 ? 204 LEU A N    1 
ATOM   353  C CA   . LEU A 1 65  ? -11.13846 -4.50103  -4.40362  1.000 29.14000 ? 204 LEU A CA   1 
ATOM   354  C C    . LEU A 1 65  ? -11.38476 -5.12287  -5.77278  1.000 31.50000 ? 204 LEU A C    1 
ATOM   355  O O    . LEU A 1 65  ? -11.65604 -6.32609  -5.84430  1.000 33.75000 ? 204 LEU A O    1 
ATOM   356  C CB   . LEU A 1 65  ? -12.43784 -4.47494  -3.59609  1.000 32.45000 ? 204 LEU A CB   1 
ATOM   357  C CG   . LEU A 1 65  ? -12.23125 -4.14033  -2.11616  1.000 30.08000 ? 204 LEU A CG   1 
ATOM   358  C CD1  . LEU A 1 65  ? -13.54473 -4.16148  -1.35444  1.000 31.55000 ? 204 LEU A CD1  1 
ATOM   359  C CD2  . LEU A 1 65  ? -11.23532 -5.10157  -1.48882  1.000 26.74000 ? 204 LEU A CD2  1 
ATOM   360  N N    . ASP A 1 66  ? -11.30040 -4.34826  -6.85207  1.000 26.47000 ? 205 ASP A N    1 
ATOM   361  C CA   . ASP A 1 66  ? -11.32500 -4.93063  -8.18704  1.000 29.12000 ? 205 ASP A CA   1 
ATOM   362  C C    . ASP A 1 66  ? -9.95734  -5.44021  -8.62355  1.000 31.44000 ? 205 ASP A C    1 
ATOM   363  O O    . ASP A 1 66  ? -9.82949  -5.93609  -9.74877  1.000 36.29000 ? 205 ASP A O    1 
ATOM   364  C CB   . ASP A 1 66  ? -11.85375 -3.91357  -9.20427  1.000 25.49000 ? 205 ASP A CB   1 
ATOM   365  C CG   . ASP A 1 66  ? -11.05103 -2.62358  -9.22261  1.000 34.62000 ? 205 ASP A CG   1 
ATOM   366  O OD1  . ASP A 1 66  ? -9.96901  -2.56918  -8.60089  1.000 34.33000 ? 205 ASP A OD1  1 
ATOM   367  O OD2  . ASP A 1 66  ? -11.51329 -1.65379  -9.85919  1.000 37.72000 ? 205 ASP A OD2  1 
ATOM   368  N N    . CYS A 1 67  ? -8.94329  -5.31618  -7.76551  1.000 30.30000 ? 206 CYS A N    1 
ATOM   369  C CA   . CYS A 1 67  ? -7.57774  -5.76398  -8.03379  1.000 27.80000 ? 206 CYS A CA   1 
ATOM   370  C C    . CYS A 1 67  ? -6.93850  -5.02002  -9.20171  1.000 29.19000 ? 206 CYS A C    1 
ATOM   371  O O    . CYS A 1 67  ? -5.92164  -5.46450  -9.74229  1.000 32.26000 ? 206 CYS A O    1 
ATOM   372  C CB   . CYS A 1 67  ? -7.52213  -7.27672  -8.27216  1.000 25.22000 ? 206 CYS A CB   1 
ATOM   373  S SG   . CYS A 1 67  ? -7.97224  -8.26420  -6.82614  1.000 29.67000 ? 206 CYS A SG   1 
ATOM   374  N N    . GLY A 1 68  ? -7.51736  -3.89076  -9.60413  1.000 27.74000 ? 207 GLY A N    1 
ATOM   375  C CA   . GLY A 1 68  ? -6.89372  -3.03767  -10.59433 1.000 27.54000 ? 207 GLY A CA   1 
ATOM   376  C C    . GLY A 1 68  ? -5.80897  -2.18908  -9.96527  1.000 34.26000 ? 207 GLY A C    1 
ATOM   377  O O    . GLY A 1 68  ? -6.10143  -1.23528  -9.23662  1.000 33.88000 ? 207 GLY A O    1 
ATOM   378  N N    . VAL A 1 69  ? -4.55283  -2.53391  -10.22984 1.000 31.24000 ? 208 VAL A N    1 
ATOM   379  C CA   . VAL A 1 69  ? -3.41948  -1.86615  -9.59494  1.000 30.48000 ? 208 VAL A CA   1 
ATOM   380  C C    . VAL A 1 69  ? -2.51752  -1.25476  -10.65919 1.000 29.86000 ? 208 VAL A C    1 
ATOM   381  O O    . VAL A 1 69  ? -1.64029  -1.94385  -11.20096 1.000 32.85000 ? 208 VAL A O    1 
ATOM   382  C CB   . VAL A 1 69  ? -2.63419  -2.83898  -8.70238  1.000 30.33000 ? 208 VAL A CB   1 
ATOM   383  C CG1  . VAL A 1 69  ? -1.43923  -2.13741  -8.07894  1.000 23.48000 ? 208 VAL A CG1  1 
ATOM   384  C CG2  . VAL A 1 69  ? -3.53791  -3.42723  -7.62877  1.000 22.04000 ? 208 VAL A CG2  1 
ATOM   385  N N    . PRO A 1 70  ? -2.69713  0.01920   -10.99611 1.000 30.82000 ? 209 PRO A N    1 
ATOM   386  C CA   . PRO A 1 70  ? -1.76067  0.67552   -11.91153 1.000 31.33000 ? 209 PRO A CA   1 
ATOM   387  C C    . PRO A 1 70  ? -0.38037  0.80471   -11.28942 1.000 30.48000 ? 209 PRO A C    1 
ATOM   388  O O    . PRO A 1 70  ? -0.22992  0.95955   -10.07445 1.000 30.04000 ? 209 PRO A O    1 
ATOM   389  C CB   . PRO A 1 70  ? -2.39365  2.05353   -12.14378 1.000 27.31000 ? 209 PRO A CB   1 
ATOM   390  C CG   . PRO A 1 70  ? -3.83110  1.88964   -11.76124 1.000 32.23000 ? 209 PRO A CG   1 
ATOM   391  C CD   . PRO A 1 70  ? -3.84057  0.87993   -10.65649 1.000 25.79000 ? 209 PRO A CD   1 
ATOM   392  N N    . ASP A 1 71  ? 0.64035   0.73401   -12.14529 1.000 26.20000 ? 210 ASP A N    1 
ATOM   393  C CA   . ASP A 1 71  ? 2.00889   0.92979   -11.68137 1.000 25.48000 ? 210 ASP A CA   1 
ATOM   394  C C    . ASP A 1 71  ? 2.32922   2.40273   -11.46135 1.000 29.93000 ? 210 ASP A C    1 
ATOM   395  O O    . ASP A 1 71  ? 3.17208   2.72966   -10.61757 1.000 26.80000 ? 210 ASP A O    1 
ATOM   396  C CB   . ASP A 1 71  ? 2.99677   0.31715   -12.67488 1.000 24.93000 ? 210 ASP A CB   1 
ATOM   397  C CG   . ASP A 1 71  ? 3.02250   -1.19697  -12.61163 1.000 28.73000 ? 210 ASP A CG   1 
ATOM   398  O OD1  . ASP A 1 71  ? 2.79725   -1.74988  -11.51400 1.000 21.93000 ? 210 ASP A OD1  1 
ATOM   399  O OD2  . ASP A 1 71  ? 3.27172   -1.83418  -13.65601 1.000 39.43000 ? 210 ASP A OD2  1 
ATOM   400  N N    . ASN A 1 72  ? 1.67334   3.29588   -12.19759 1.000 32.32000 ? 211 ASN A N    1 
ATOM   401  C CA   . ASN A 1 72  ? 1.86316   4.73624   -12.06153 1.000 33.26000 ? 211 ASN A CA   1 
ATOM   402  C C    . ASN A 1 72  ? 0.64334   5.30906   -11.34895 1.000 35.20000 ? 211 ASN A C    1 
ATOM   403  O O    . ASN A 1 72  ? -0.46336  5.30683   -11.89985 1.000 37.00000 ? 211 ASN A O    1 
ATOM   404  C CB   . ASN A 1 72  ? 2.06492   5.39284   -13.42640 1.000 39.33000 ? 211 ASN A CB   1 
ATOM   405  C CG   . ASN A 1 72  ? 2.57640   6.81822   -13.32254 1.000 46.29000 ? 211 ASN A CG   1 
ATOM   406  O OD1  . ASN A 1 72  ? 2.33681   7.50772   -12.33243 1.000 51.78000 ? 211 ASN A OD1  1 
ATOM   407  N ND2  . ASN A 1 72  ? 3.28775   7.26730   -14.34986 1.000 44.83000 ? 211 ASN A ND2  1 
ATOM   408  N N    . LEU A 1 73  ? 0.84909   5.79911   -10.12480 1.000 25.96000 ? 212 LEU A N    1 
ATOM   409  C CA   . LEU A 1 73  ? -0.24783  6.40415   -9.37671  1.000 35.24000 ? 212 LEU A CA   1 
ATOM   410  C C    . LEU A 1 73  ? -0.71386  7.70706   -10.01377 1.000 36.93000 ? 212 LEU A C    1 
ATOM   411  O O    . LEU A 1 73  ? -1.89578  8.05389   -9.91485  1.000 32.21000 ? 212 LEU A O    1 
ATOM   412  C CB   . LEU A 1 73  ? 0.17695   6.65158   -7.92935  1.000 30.77000 ? 212 LEU A CB   1 
ATOM   413  C CG   . LEU A 1 73  ? -0.50730  5.81653   -6.84566  1.000 26.67000 ? 212 LEU A CG   1 
ATOM   414  C CD1  . LEU A 1 73  ? 0.09557   6.12398   -5.48303  1.000 23.70000 ? 212 LEU A CD1  1 
ATOM   415  C CD2  . LEU A 1 73  ? -2.00696  6.06797   -6.83795  1.000 27.01000 ? 212 LEU A CD2  1 
ATOM   416  N N    . SER A 1 74  ? 0.19327   8.43354   -10.67301 1.000 37.19000 ? 213 SER A N    1 
ATOM   417  C CA   . SER A 1 74  ? -0.16056  9.73123   -11.23751 1.000 43.29000 ? 213 SER A CA   1 
ATOM   418  C C    . SER A 1 74  ? -1.18329  9.60564   -12.35992 1.000 50.13000 ? 213 SER A C    1 
ATOM   419  O O    . SER A 1 74  ? -1.94694  10.54471  -12.60607 1.000 55.04000 ? 213 SER A O    1 
ATOM   420  C CB   . SER A 1 74  ? 1.09581   10.44319  -11.73868 1.000 47.50000 ? 213 SER A CB   1 
ATOM   421  O OG   . SER A 1 74  ? 2.07020   10.53363  -10.71247 1.000 44.42000 ? 213 SER A OG   1 
ATOM   422  N N    . MET A 1 75  ? -1.21547  8.46393   -13.04624 1.000 47.35000 ? 214 MET A N    1 
ATOM   423  C CA   . MET A 1 75  ? -2.18873  8.23411   -14.10437 1.000 49.53000 ? 214 MET A CA   1 
ATOM   424  C C    . MET A 1 75  ? -3.47197  7.58965   -13.60137 1.000 46.34000 ? 214 MET A C    1 
ATOM   425  O O    . MET A 1 75  ? -4.44632  7.51199   -14.35648 1.000 58.90000 ? 214 MET A O    1 
ATOM   426  C CB   . MET A 1 75  ? -1.57088  7.37175   -15.21129 1.000 59.03000 ? 214 MET A CB   1 
ATOM   427  C CG   . MET A 1 75  ? -0.64151  8.14915   -16.13325 1.000 69.12000 ? 214 MET A CG   1 
ATOM   428  S SD   . MET A 1 75  ? 0.90687   7.30194   -16.50958 1.000 91.39000 ? 214 MET A SD   1 
ATOM   429  C CE   . MET A 1 75  ? 0.31148   5.89058   -17.43801 1.000 65.94000 ? 214 MET A CE   1 
ATOM   430  N N    . ALA A 1 76  ? -3.49779  7.12484   -12.35024 1.000 45.24000 ? 215 ALA A N    1 
ATOM   431  C CA   . ALA A 1 76  ? -4.75401  6.67483   -11.76115 1.000 41.54000 ? 215 ALA A CA   1 
ATOM   432  C C    . ALA A 1 76  ? -5.63131  7.86135   -11.38179 1.000 45.71000 ? 215 ALA A C    1 
ATOM   433  O O    . ALA A 1 76  ? -6.85495  7.82001   -11.55743 1.000 38.86000 ? 215 ALA A O    1 
ATOM   434  C CB   . ALA A 1 76  ? -4.47606  5.78922   -10.54611 1.000 37.80000 ? 215 ALA A CB   1 
ATOM   435  N N    . ASP A 1 77  ? -5.02215  8.92709   -10.87381 1.000 45.02000 ? 216 ASP A N    1 
ATOM   436  C CA   . ASP A 1 77  ? -5.70508  10.17451  -10.56407 1.000 41.25000 ? 216 ASP A CA   1 
ATOM   437  C C    . ASP A 1 77  ? -4.73641  11.32206  -10.82648 1.000 38.15000 ? 216 ASP A C    1 
ATOM   438  O O    . ASP A 1 77  ? -3.62466  11.32115  -10.28065 1.000 37.91000 ? 216 ASP A O    1 
ATOM   439  C CB   . ASP A 1 77  ? -6.18499  10.18384  -9.10970  1.000 30.77000 ? 216 ASP A CB   1 
ATOM   440  C CG   . ASP A 1 77  ? -7.10566  11.35238  -8.80316  1.000 32.73000 ? 216 ASP A CG   1 
ATOM   441  O OD1  . ASP A 1 77  ? -6.86988  12.46315  -9.32244  1.000 34.68000 ? 216 ASP A OD1  1 
ATOM   442  O OD2  . ASP A 1 77  ? -8.07757  11.15617  -8.04491  1.000 34.60000 ? 216 ASP A OD2  1 
ATOM   443  N N    . PRO A 1 78  ? -5.10535  12.30727  -11.65197 1.000 43.06000 ? 217 PRO A N    1 
ATOM   444  C CA   . PRO A 1 78  ? -4.19752  13.44534  -11.87063 1.000 44.24000 ? 217 PRO A CA   1 
ATOM   445  C C    . PRO A 1 78  ? -3.94875  14.26600  -10.61648 1.000 43.73000 ? 217 PRO A C    1 
ATOM   446  O O    . PRO A 1 78  ? -2.90374  14.91986  -10.51247 1.000 36.25000 ? 217 PRO A O    1 
ATOM   447  C CB   . PRO A 1 78  ? -4.91344  14.26497  -12.95334 1.000 35.80000 ? 217 PRO A CB   1 
ATOM   448  C CG   . PRO A 1 78  ? -6.34986  13.88029  -12.83663 1.000 41.69000 ? 217 PRO A CG   1 
ATOM   449  C CD   . PRO A 1 78  ? -6.34567  12.42902  -12.43613 1.000 39.56000 ? 217 PRO A CD   1 
ATOM   450  N N    . ASN A 1 79  ? -4.87717  14.25112  -9.65705  1.000 36.39000 ? 218 ASN A N    1 
ATOM   451  C CA   . ASN A 1 79  ? -4.68616  14.97673  -8.40710  1.000 34.18000 ? 218 ASN A CA   1 
ATOM   452  C C    . ASN A 1 79  ? -3.68385  14.30253  -7.47811  1.000 36.41000 ? 218 ASN A C    1 
ATOM   453  O O    . ASN A 1 79  ? -3.32585  14.89089  -6.45209  1.000 34.28000 ? 218 ASN A O    1 
ATOM   454  C CB   . ASN A 1 79  ? -6.02819  15.14662  -7.69504  1.000 34.41000 ? 218 ASN A CB   1 
ATOM   455  C CG   . ASN A 1 79  ? -6.97193  16.06567  -8.44564  1.000 36.20000 ? 218 ASN A CG   1 
ATOM   456  O OD1  . ASN A 1 79  ? -6.54147  17.02677  -9.08416  1.000 38.09000 ? 218 ASN A OD1  1 
ATOM   457  N ND2  . ASN A 1 79  ? -8.26542  15.77505  -8.37326  1.000 34.18000 ? 218 ASN A ND2  1 
ATOM   458  N N    . ILE A 1 80  ? -3.23183  13.09601  -7.80445  1.000 34.96000 ? 219 ILE A N    1 
ATOM   459  C CA   . ILE A 1 80  ? -2.16234  12.42257  -7.07642  1.000 30.19000 ? 219 ILE A CA   1 
ATOM   460  C C    . ILE A 1 80  ? -0.87882  12.64600  -7.86516  1.000 30.88000 ? 219 ILE A C    1 
ATOM   461  O O    . ILE A 1 80  ? -0.73181  12.14683  -8.98601  1.000 40.46000 ? 219 ILE A O    1 
ATOM   462  C CB   . ILE A 1 80  ? -2.45596  10.92834  -6.88766  1.000 36.67000 ? 219 ILE A CB   1 
ATOM   463  C CG1  . ILE A 1 80  ? -3.80592  10.73409  -6.19501  1.000 31.04000 ? 219 ILE A CG1  1 
ATOM   464  C CG2  . ILE A 1 80  ? -1.34622  10.26295  -6.08612  1.000 27.47000 ? 219 ILE A CG2  1 
ATOM   465  C CD1  . ILE A 1 80  ? -4.18334  9.28356   -5.98582  1.000 31.57000 ? 219 ILE A CD1  1 
ATOM   466  N N    . ARG A 1 81  ? 0.05270   13.39877  -7.28454  1.000 30.34000 ? 220 ARG A N    1 
ATOM   467  C CA   . ARG A 1 81  ? 1.24581   13.85373  -7.98653  1.000 29.56000 ? 220 ARG A CA   1 
ATOM   468  C C    . ARG A 1 81  ? 2.47767   13.42804  -7.20475  1.000 28.89000 ? 220 ARG A C    1 
ATOM   469  O O    . ARG A 1 81  ? 2.60326   13.75106  -6.01861  1.000 30.08000 ? 220 ARG A O    1 
ATOM   470  C CB   . ARG A 1 81  ? 1.21643   15.37372  -8.16635  1.000 29.53000 ? 220 ARG A CB   1 
ATOM   471  C CG   . ARG A 1 81  ? 2.28434   15.93064  -9.08783  1.000 41.34000 ? 220 ARG A CG   1 
ATOM   472  C CD   . ARG A 1 81  ? 2.11498   17.43435  -9.24177  1.000 31.82000 ? 220 ARG A CD   1 
ATOM   473  N NE   . ARG A 1 81  ? 2.25354   18.12415  -7.96484  1.000 40.43000 ? 220 ARG A NE   1 
ATOM   474  C CZ   . ARG A 1 81  ? 1.82859   19.35731  -7.72562  1.000 38.13000 ? 220 ARG A CZ   1 
ATOM   475  N NH1  . ARG A 1 81  ? 1.20564   20.06589  -8.65272  1.000 28.95000 ? 220 ARG A NH1  1 
ATOM   476  N NH2  . ARG A 1 81  ? 2.02686   19.88928  -6.52270  1.000 33.34000 ? 220 ARG A NH2  1 
ATOM   477  N N    . PHE A 1 82  ? 3.38119   12.70724  -7.86776  1.000 26.07000 ? 221 PHE A N    1 
ATOM   478  C CA   . PHE A 1 82  ? 4.60446   12.26238  -7.21465  1.000 25.57000 ? 221 PHE A CA   1 
ATOM   479  C C    . PHE A 1 82  ? 5.46727   13.45550  -6.82320  1.000 24.17000 ? 221 PHE A C    1 
ATOM   480  O O    . PHE A 1 82  ? 5.64846   14.39655  -7.60067  1.000 21.83000 ? 221 PHE A O    1 
ATOM   481  C CB   . PHE A 1 82  ? 5.38782   11.32403  -8.13270  1.000 23.49000 ? 221 PHE A CB   1 
ATOM   482  C CG   . PHE A 1 82  ? 6.75758   10.97819  -7.61948  1.000 22.40000 ? 221 PHE A CG   1 
ATOM   483  C CD1  . PHE A 1 82  ? 6.92188   10.01314  -6.64030  1.000 25.22000 ? 221 PHE A CD1  1 
ATOM   484  C CD2  . PHE A 1 82  ? 7.88168   11.61949  -8.11734  1.000 24.30000 ? 221 PHE A CD2  1 
ATOM   485  C CE1  . PHE A 1 82  ? 8.18034   9.69285   -6.16631  1.000 28.23000 ? 221 PHE A CE1  1 
ATOM   486  C CE2  . PHE A 1 82  ? 9.14182   11.30515  -7.64577  1.000 26.62000 ? 221 PHE A CE2  1 
ATOM   487  C CZ   . PHE A 1 82  ? 9.29238   10.33932  -6.66895  1.000 26.49000 ? 221 PHE A CZ   1 
ATOM   488  N N    . LEU A 1 83  ? 6.00567   13.40752  -5.60644  1.000 26.33000 ? 222 LEU A N    1 
ATOM   489  C CA   . LEU A 1 83  ? 6.84297   14.47645  -5.07959  1.000 24.46000 ? 222 LEU A CA   1 
ATOM   490  C C    . LEU A 1 83  ? 8.30320   14.05590  -4.96618  1.000 30.00000 ? 222 LEU A C    1 
ATOM   491  O O    . LEU A 1 83  ? 9.17649   14.68047  -5.57519  1.000 29.97000 ? 222 LEU A O    1 
ATOM   492  C CB   . LEU A 1 83  ? 6.31340   14.93483  -3.71423  1.000 26.48000 ? 222 LEU A CB   1 
ATOM   493  C CG   . LEU A 1 83  ? 7.03796   16.12682  -3.08424  1.000 38.59000 ? 222 LEU A CG   1 
ATOM   494  C CD1  . LEU A 1 83  ? 6.89821   17.35849  -3.96611  1.000 28.71000 ? 222 LEU A CD1  1 
ATOM   495  C CD2  . LEU A 1 83  ? 6.51276   16.40145  -1.68384  1.000 29.35000 ? 222 LEU A CD2  1 
ATOM   496  N N    . ASP A 1 84  ? 8.58969   13.00546  -4.20543  1.000 31.42000 ? 223 ASP A N    1 
ATOM   497  C CA   . ASP A 1 84  ? 9.96320   12.59711  -3.92907  1.000 29.80000 ? 223 ASP A CA   1 
ATOM   498  C C    . ASP A 1 84  ? 9.92550   11.18743  -3.34822  1.000 26.49000 ? 223 ASP A C    1 
ATOM   499  O O    . ASP A 1 84  ? 8.85604   10.59385  -3.17556  1.000 28.09000 ? 223 ASP A O    1 
ATOM   500  C CB   . ASP A 1 84  ? 10.64369  13.58313  -2.97695  1.000 32.02000 ? 223 ASP A CB   1 
ATOM   501  C CG   . ASP A 1 84  ? 12.14665  13.62993  -3.15659  1.000 34.60000 ? 223 ASP A CG   1 
ATOM   502  O OD1  . ASP A 1 84  ? 12.68349  12.81634  -3.93678  1.000 40.44000 ? 223 ASP A OD1  1 
ATOM   503  O OD2  . ASP A 1 84  ? 12.78986  14.48936  -2.51839  1.000 40.20000 ? 223 ASP A OD2  1 
ATOM   504  N N    . LYS A 1 85  ? 11.10695  10.65564  -3.05122  1.000 27.37000 ? 224 LYS A N    1 
ATOM   505  C CA   . LYS A 1 85  ? 11.24996  9.36760   -2.39392  1.000 30.04000 ? 224 LYS A CA   1 
ATOM   506  C C    . LYS A 1 85  ? 11.80394  9.56332   -0.98921  1.000 29.16000 ? 224 LYS A C    1 
ATOM   507  O O    . LYS A 1 85  ? 12.57694  10.48960  -0.73104  1.000 36.05000 ? 224 LYS A O    1 
ATOM   508  C CB   . LYS A 1 85  ? 12.18819  8.43599   -3.16946  1.000 24.78000 ? 224 LYS A CB   1 
ATOM   509  C CG   . LYS A 1 85  ? 11.88386  8.28816   -4.64652  1.000 27.30000 ? 224 LYS A CG   1 
ATOM   510  C CD   . LYS A 1 85  ? 12.95840  7.44229   -5.31411  1.000 30.70000 ? 224 LYS A CD   1 
ATOM   511  C CE   . LYS A 1 85  ? 12.84330  7.46781   -6.82587  1.000 31.81000 ? 224 LYS A CE   1 
ATOM   512  N NZ   . LYS A 1 85  ? 14.01440  6.80656   -7.46700  1.000 32.87000 ? 224 LYS A NZ   1 
ATOM   513  N N    . LEU A 1 86  ? 11.40151  8.67848   -0.08354  1.000 28.46000 ? 225 LEU A N    1 
ATOM   514  C CA   . LEU A 1 86  ? 12.03654  8.61065   1.21611   1.000 30.16000 ? 225 LEU A CA   1 
ATOM   515  C C    . LEU A 1 86  ? 13.46902  8.10681   1.05930   1.000 29.34000 ? 225 LEU A C    1 
ATOM   516  O O    . LEU A 1 86  ? 13.82404  7.53089   0.02815   1.000 34.40000 ? 225 LEU A O    1 
ATOM   517  C CB   . LEU A 1 86  ? 11.25635  7.68366   2.14411   1.000 25.59000 ? 225 LEU A CB   1 
ATOM   518  C CG   . LEU A 1 86  ? 9.92165   8.19079   2.69032   1.000 34.45000 ? 225 LEU A CG   1 
ATOM   519  C CD1  . LEU A 1 86  ? 9.25715   7.10876   3.52297   1.000 25.53000 ? 225 LEU A CD1  1 
ATOM   520  C CD2  . LEU A 1 86  ? 10.12595  9.44990   3.51294   1.000 29.07000 ? 225 LEU A CD2  1 
ATOM   521  N N    . PRO A 1 87  ? 14.31876  8.32422   2.06150   1.000 33.26000 ? 226 PRO A N    1 
ATOM   522  C CA   . PRO A 1 87  ? 15.62924  7.66497   2.05029   1.000 30.00000 ? 226 PRO A CA   1 
ATOM   523  C C    . PRO A 1 87  ? 15.45681  6.15363   2.04482   1.000 33.35000 ? 226 PRO A C    1 
ATOM   524  O O    . PRO A 1 87  ? 14.61116  5.60363   2.75489   1.000 33.10000 ? 226 PRO A O    1 
ATOM   525  C CB   . PRO A 1 87  ? 16.29476  8.16062   3.34007   1.000 32.10000 ? 226 PRO A CB   1 
ATOM   526  C CG   . PRO A 1 87  ? 15.17630  8.69698   4.18161   1.000 33.92000 ? 226 PRO A CG   1 
ATOM   527  C CD   . PRO A 1 87  ? 14.16959  9.22883   3.21368   1.000 33.16000 ? 226 PRO A CD   1 
ATOM   528  N N    . GLN A 1 88  ? 16.25437  5.48402   1.21797   1.000 29.96000 ? 227 GLN A N    1 
ATOM   529  C CA   . GLN A 1 88  ? 16.11480  4.04453   1.05765   1.000 26.82000 ? 227 GLN A CA   1 
ATOM   530  C C    . GLN A 1 88  ? 16.42070  3.31738   2.36189   1.000 26.96000 ? 227 GLN A C    1 
ATOM   531  O O    . GLN A 1 88  ? 17.23352  3.76256   3.17618   1.000 29.74000 ? 227 GLN A O    1 
ATOM   532  C CB   . GLN A 1 88  ? 17.04090  3.53485   -0.04663  1.000 28.27000 ? 227 GLN A CB   1 
ATOM   533  C CG   . GLN A 1 88  ? 16.64138  3.94853   -1.45251  1.000 33.99000 ? 227 GLN A CG   1 
ATOM   534  C CD   . GLN A 1 88  ? 17.55977  3.36150   -2.50579  1.000 40.01000 ? 227 GLN A CD   1 
ATOM   535  O OE1  . GLN A 1 88  ? 18.59191  2.77356   -2.18487  1.000 33.47000 ? 227 GLN A OE1  1 
ATOM   536  N NE2  . GLN A 1 88  ? 17.18504  3.51113   -3.77105  1.000 38.05000 ? 227 GLN A NE2  1 
ATOM   537  N N    . GLN A 1 89  ? 15.74610  2.18899   2.55760   1.000 29.19000 ? 228 GLN A N    1 
ATOM   538  C CA   . GLN A 1 89  ? 16.05761  1.24826   3.62360   1.000 26.50000 ? 228 GLN A CA   1 
ATOM   539  C C    . GLN A 1 89  ? 16.62635  -0.01541  2.99713   1.000 27.54000 ? 228 GLN A C    1 
ATOM   540  O O    . GLN A 1 89  ? 16.02143  -0.58230  2.08120   1.000 26.16000 ? 228 GLN A O    1 
ATOM   541  C CB   . GLN A 1 89  ? 14.81817  0.91346   4.45531   1.000 27.24000 ? 228 GLN A CB   1 
ATOM   542  C CG   . GLN A 1 89  ? 15.03306  -0.23150  5.43484   1.000 23.09000 ? 228 GLN A CG   1 
ATOM   543  C CD   . GLN A 1 89  ? 13.78734  -0.56956  6.23010   1.000 29.86000 ? 228 GLN A CD   1 
ATOM   544  O OE1  . GLN A 1 89  ? 12.74194  0.05821   6.06447   1.000 33.71000 ? 228 GLN A OE1  1 
ATOM   545  N NE2  . GLN A 1 89  ? 13.89356  -1.56671  7.09971   1.000 26.07000 ? 228 GLN A NE2  1 
ATOM   546  N N    . THR A 1 90  ? 17.78608  -0.45086  3.48336   1.000 25.67000 ? 229 THR A N    1 
ATOM   547  C CA   . THR A 1 90  ? 18.46626  -1.61659  2.94114   1.000 28.93000 ? 229 THR A CA   1 
ATOM   548  C C    . THR A 1 90  ? 18.69800  -2.65270  4.03078   1.000 24.99000 ? 229 THR A C    1 
ATOM   549  O O    . THR A 1 90  ? 18.82315  -2.32170  5.21390   1.000 26.32000 ? 229 THR A O    1 
ATOM   550  C CB   . THR A 1 90  ? 19.80884  -1.23464  2.30069   1.000 24.64000 ? 229 THR A CB   1 
ATOM   551  O OG1  . THR A 1 90  ? 20.66054  -0.64930  3.29186   1.000 32.01000 ? 229 THR A OG1  1 
ATOM   552  C CG2  . THR A 1 90  ? 19.59646  -0.23831  1.16874   1.000 23.34000 ? 229 THR A CG2  1 
ATOM   553  N N    . GLY A 1 91  ? 18.75060  -3.91516  3.61390   1.000 25.08000 ? 230 GLY A N    1 
ATOM   554  C CA   . GLY A 1 91  ? 19.02887  -5.02005  4.51327   1.000 20.96000 ? 230 GLY A CA   1 
ATOM   555  C C    . GLY A 1 91  ? 19.38352  -6.28822  3.76420   1.000 22.95000 ? 230 GLY A C    1 
ATOM   556  O O    . GLY A 1 91  ? 18.94755  -6.47729  2.62454   1.000 21.27000 ? 230 GLY A O    1 
ATOM   557  N N    . ASP A 1 92  ? 20.18340  -7.15616  4.37583   1.000 22.49000 ? 231 ASP A N    1 
ATOM   558  C CA   . ASP A 1 92  ? 20.50239  -8.44321  3.77263   1.000 24.76000 ? 231 ASP A CA   1 
ATOM   559  C C    . ASP A 1 92  ? 19.30474  -9.36874  3.93325   1.000 22.92000 ? 231 ASP A C    1 
ATOM   560  O O    . ASP A 1 92  ? 18.84679  -9.61024  5.05563   1.000 28.26000 ? 231 ASP A O    1 
ATOM   561  C CB   . ASP A 1 92  ? 21.75136  -9.04570  4.41151   1.000 24.90000 ? 231 ASP A CB   1 
ATOM   562  C CG   . ASP A 1 92  ? 22.99102  -8.20272  4.17276   1.000 30.12000 ? 231 ASP A CG   1 
ATOM   563  O OD1  . ASP A 1 92  ? 22.96812  -7.35761  3.24990   1.000 29.61000 ? 231 ASP A OD1  1 
ATOM   564  O OD2  . ASP A 1 92  ? 23.99023  -8.38784  4.89922   1.000 28.80000 ? 231 ASP A OD2  1 
ATOM   565  N N    . ARG A 1 93  ? 18.78925  -9.87426  2.81458   1.000 22.47000 ? 232 ARG A N    1 
ATOM   566  C CA   . ARG A 1 93  ? 17.54637  -10.64067 2.80876   1.000 23.09000 ? 232 ARG A CA   1 
ATOM   567  C C    . ARG A 1 93  ? 17.73137  -11.88301 1.94742   1.000 23.47000 ? 232 ARG A C    1 
ATOM   568  O O    . ARG A 1 93  ? 17.82397  -11.78020 0.71912   1.000 17.95000 ? 232 ARG A O    1 
ATOM   569  C CB   . ARG A 1 93  ? 16.38355  -9.79139  2.29180   1.000 19.55000 ? 232 ARG A CB   1 
ATOM   570  C CG   . ARG A 1 93  ? 16.11043  -8.52309  3.09706   1.000 22.89000 ? 232 ARG A CG   1 
ATOM   571  C CD   . ARG A 1 93  ? 15.15534  -8.77847  4.25917   1.000 20.89000 ? 232 ARG A CD   1 
ATOM   572  N NE   . ARG A 1 93  ? 13.85818  -9.26548  3.80344   1.000 24.47000 ? 232 ARG A NE   1 
ATOM   573  C CZ   . ARG A 1 93  ? 13.41916  -10.50738 3.96432   1.000 24.75000 ? 232 ARG A CZ   1 
ATOM   574  N NH1  . ARG A 1 93  ? 14.13276  -11.41649 4.60764   1.000 26.75000 ? 232 ARG A NH1  1 
ATOM   575  N NH2  . ARG A 1 93  ? 12.23119  -10.84469 3.46854   1.000 24.29000 ? 232 ARG A NH2  1 
ATOM   576  N N    . ALA A 1 94  ? 17.77844  -13.05046 2.59238   1.000 22.79000 ? 233 ALA A N    1 
ATOM   577  C CA   . ALA A 1 94  ? 17.75439  -14.34335 1.90546   1.000 21.13000 ? 233 ALA A CA   1 
ATOM   578  C C    . ALA A 1 94  ? 18.87818  -14.45666 0.87443   1.000 21.27000 ? 233 ALA A C    1 
ATOM   579  O O    . ALA A 1 94  ? 18.67432  -14.89878 -0.25764  1.000 21.19000 ? 233 ALA A O    1 
ATOM   580  C CB   . ALA A 1 94  ? 16.38994  -14.58911 1.25653   1.000 22.19000 ? 233 ALA A CB   1 
ATOM   581  N N    . GLY A 1 95  ? 20.07967  -14.04953 1.27733   1.000 23.81000 ? 234 GLY A N    1 
ATOM   582  C CA   . GLY A 1 95  ? 21.24281  -14.15272 0.42295   1.000 20.66000 ? 234 GLY A CA   1 
ATOM   583  C C    . GLY A 1 95  ? 21.49320  -12.96715 -0.48208  1.000 25.72000 ? 234 GLY A C    1 
ATOM   584  O O    . GLY A 1 95  ? 22.51803  -12.94725 -1.17726  1.000 22.69000 ? 234 GLY A O    1 
ATOM   585  N N    . ILE A 1 96  ? 20.60018  -11.98247 -0.50095  1.000 23.11000 ? 235 ILE A N    1 
ATOM   586  C CA   . ILE A 1 96  ? 20.75682  -10.78941 -1.32420  1.000 23.65000 ? 235 ILE A CA   1 
ATOM   587  C C    . ILE A 1 96  ? 21.30864  -9.67487  -0.44730  1.000 27.58000 ? 235 ILE A C    1 
ATOM   588  O O    . ILE A 1 96  ? 20.64945  -9.23647  0.50350   1.000 28.34000 ? 235 ILE A O    1 
ATOM   589  C CB   . ILE A 1 96  ? 19.42768  -10.37566 -1.97340  1.000 23.58000 ? 235 ILE A CB   1 
ATOM   590  C CG1  . ILE A 1 96  ? 18.93722  -11.47496 -2.91765  1.000 21.57000 ? 235 ILE A CG1  1 
ATOM   591  C CG2  . ILE A 1 96  ? 19.58045  -9.04963  -2.71113  1.000 23.35000 ? 235 ILE A CG2  1 
ATOM   592  C CD1  . ILE A 1 96  ? 17.66055  -11.12894 -3.64512  1.000 18.47000 ? 235 ILE A CD1  1 
ATOM   593  N N    . LYS A 1 97  ? 22.51459  -9.21721  -0.76647  1.000 25.10000 ? 236 LYS A N    1 
ATOM   594  C CA   . LYS A 1 97  ? 23.13143  -8.14000  -0.00521  1.000 30.14000 ? 236 LYS A CA   1 
ATOM   595  C C    . LYS A 1 97  ? 22.47325  -6.80971  -0.34938  1.000 23.93000 ? 236 LYS A C    1 
ATOM   596  O O    . LYS A 1 97  ? 22.32702  -6.46313  -1.52577  1.000 22.32000 ? 236 LYS A O    1 
ATOM   597  C CB   . LYS A 1 97  ? 24.63049  -8.07925  -0.29326  1.000 27.54000 ? 236 LYS A CB   1 
ATOM   598  C CG   . LYS A 1 97  ? 25.40243  -9.31248  0.15204   1.000 34.29000 ? 236 LYS A CG   1 
ATOM   599  C CD   . LYS A 1 97  ? 25.59339  -9.34037  1.66098   1.000 38.66000 ? 236 LYS A CD   1 
ATOM   600  C CE   . LYS A 1 97  ? 26.35380  -10.58241 2.10557   1.000 40.35000 ? 236 LYS A CE   1 
ATOM   601  N NZ   . LYS A 1 97  ? 25.57825  -11.83151 1.86641   1.000 37.13000 ? 236 LYS A NZ   1 
ATOM   602  N N    . ASP A 1 98  ? 22.06892  -6.06986  0.68434   1.000 21.56000 ? 237 ASP A N    1 
ATOM   603  C CA   . ASP A 1 98  ? 21.50104  -4.73118  0.53220   1.000 25.02000 ? 237 ASP A CA   1 
ATOM   604  C C    . ASP A 1 98  ? 20.26402  -4.74369  -0.36590  1.000 25.84000 ? 237 ASP A C    1 
ATOM   605  O O    . ASP A 1 98  ? 20.18563  -4.02641  -1.36557  1.000 26.37000 ? 237 ASP A O    1 
ATOM   606  C CB   . ASP A 1 98  ? 22.54666  -3.74678  0.00070   1.000 26.41000 ? 237 ASP A CB   1 
ATOM   607  C CG   . ASP A 1 98  ? 23.77050  -3.65915  0.88663   1.000 31.03000 ? 237 ASP A CG   1 
ATOM   608  O OD1  . ASP A 1 98  ? 23.61567  -3.70875  2.12490   1.000 27.77000 ? 237 ASP A OD1  1 
ATOM   609  O OD2  . ASP A 1 98  ? 24.88998  -3.54232  0.34531   1.000 37.49000 ? 237 ASP A OD2  1 
ATOM   610  N N    . ARG A 1 99  ? 19.28799  -5.57606  -0.00730  1.000 25.86000 ? 238 ARG A N    1 
ATOM   611  C CA   . ARG A 1 99  ? 17.99626  -5.51322  -0.67481  1.000 21.24000 ? 238 ARG A CA   1 
ATOM   612  C C    . ARG A 1 99  ? 17.32703  -4.18672  -0.33467  1.000 19.32000 ? 238 ARG A C    1 
ATOM   613  O O    . ARG A 1 99  ? 17.30877  -3.76941  0.82640   1.000 20.45000 ? 238 ARG A O    1 
ATOM   614  C CB   . ARG A 1 99  ? 17.11066  -6.68771  -0.26354  1.000 22.79000 ? 238 ARG A CB   1 
ATOM   615  C CG   . ARG A 1 99  ? 15.75365  -6.67995  -0.95135  1.000 23.35000 ? 238 ARG A CG   1 
ATOM   616  C CD   . ARG A 1 99  ? 14.96520  -7.95378  -0.69840  1.000 19.68000 ? 238 ARG A CD   1 
ATOM   617  N NE   . ARG A 1 99  ? 13.59850  -7.83486  -1.19438  1.000 19.71000 ? 238 ARG A NE   1 
ATOM   618  C CZ   . ARG A 1 99  ? 12.68057  -8.78810  -1.11159  1.000 22.43000 ? 238 ARG A CZ   1 
ATOM   619  N NH1  . ARG A 1 99  ? 12.95220  -9.96559  -0.57235  1.000 18.08000 ? 238 ARG A NH1  1 
ATOM   620  N NH2  . ARG A 1 99  ? 11.45826  -8.55341  -1.57994  1.000 20.82000 ? 238 ARG A NH2  1 
ATOM   621  N N    . VAL A 1 100 ? 16.78765  -3.51853  -1.35049  1.000 20.88000 ? 239 VAL A N    1 
ATOM   622  C CA   . VAL A 1 100 ? 16.35678  -2.12954  -1.23860  1.000 22.15000 ? 239 VAL A CA   1 
ATOM   623  C C    . VAL A 1 100 ? 14.85180  -2.07590  -1.02253  1.000 28.18000 ? 239 VAL A C    1 
ATOM   624  O O    . VAL A 1 100 ? 14.08231  -2.68526  -1.77702  1.000 23.01000 ? 239 VAL A O    1 
ATOM   625  C CB   . VAL A 1 100 ? 16.76024  -1.32523  -2.48549  1.000 25.91000 ? 239 VAL A CB   1 
ATOM   626  C CG1  . VAL A 1 100 ? 16.29339  0.11555   -2.35967  1.000 19.94000 ? 239 VAL A CG1  1 
ATOM   627  C CG2  . VAL A 1 100 ? 18.26698  -1.39085  -2.69673  1.000 21.45000 ? 239 VAL A CG2  1 
ATOM   628  N N    . TYR A 1 101 ? 14.43354  -1.33690  0.00274   1.000 23.53000 ? 240 TYR A N    1 
ATOM   629  C CA   . TYR A 1 101 ? 13.02820  -1.04449  0.26571   1.000 20.49000 ? 240 TYR A CA   1 
ATOM   630  C C    . TYR A 1 101 ? 12.83333  0.45861   0.10665   1.000 25.71000 ? 240 TYR A C    1 
ATOM   631  O O    . TYR A 1 101 ? 13.32318  1.24457   0.92468   1.000 27.56000 ? 240 TYR A O    1 
ATOM   632  C CB   . TYR A 1 101 ? 12.62150  -1.51816  1.65884   1.000 17.67000 ? 240 TYR A CB   1 
ATOM   633  C CG   . TYR A 1 101 ? 12.71716  -3.01733  1.83657   1.000 23.33000 ? 240 TYR A CG   1 
ATOM   634  C CD1  . TYR A 1 101 ? 13.91221  -3.61761  2.20882   1.000 21.09000 ? 240 TYR A CD1  1 
ATOM   635  C CD2  . TYR A 1 101 ? 11.61338  -3.83228  1.62705   1.000 22.30000 ? 240 TYR A CD2  1 
ATOM   636  C CE1  . TYR A 1 101 ? 14.00545  -4.98791  2.36677   1.000 23.46000 ? 240 TYR A CE1  1 
ATOM   637  C CE2  . TYR A 1 101 ? 11.69739  -5.20347  1.77971   1.000 22.77000 ? 240 TYR A CE2  1 
ATOM   638  C CZ   . TYR A 1 101 ? 12.89470  -5.77580  2.15030   1.000 22.61000 ? 240 TYR A CZ   1 
ATOM   639  O OH   . TYR A 1 101 ? 12.98059  -7.13999  2.30662   1.000 25.89000 ? 240 TYR A OH   1 
ATOM   640  N N    . SER A 1 102 ? 12.12489  0.85631   -0.94818  1.000 23.91000 ? 241 SER A N    1 
ATOM   641  C CA   . SER A 1 102 ? 11.93693  2.25741   -1.28838  1.000 22.86000 ? 241 SER A CA   1 
ATOM   642  C C    . SER A 1 102 ? 10.45364  2.60139   -1.29983  1.000 23.93000 ? 241 SER A C    1 
ATOM   643  O O    . SER A 1 102 ? 9.60990   1.77242   -1.65167  1.000 24.82000 ? 241 SER A O    1 
ATOM   644  C CB   . SER A 1 102 ? 12.55712  2.58159   -2.65461  1.000 26.36000 ? 241 SER A CB   1 
ATOM   645  O OG   . SER A 1 102 ? 12.42260  3.95706   -2.96447  1.000 30.25000 ? 241 SER A OG   1 
ATOM   646  N N    . ASN A 1 103 ? 10.14564  3.83801   -0.91361  1.000 25.09000 ? 242 ASN A N    1 
ATOM   647  C CA   . ASN A 1 103 ? 8.77219   4.31195   -0.84173  1.000 21.50000 ? 242 ASN A CA   1 
ATOM   648  C C    . ASN A 1 103 ? 8.69482   5.71360   -1.42618  1.000 26.34000 ? 242 ASN A C    1 
ATOM   649  O O    . ASN A 1 103 ? 9.63084   6.50764   -1.29942  1.000 27.03000 ? 242 ASN A O    1 
ATOM   650  C CB   . ASN A 1 103 ? 8.25176   4.30286   0.60042   1.000 21.30000 ? 242 ASN A CB   1 
ATOM   651  C CG   . ASN A 1 103 ? 8.41050   2.95062   1.26624   1.000 24.93000 ? 242 ASN A CG   1 
ATOM   652  O OD1  . ASN A 1 103 ? 9.42844   2.67421   1.90089   1.000 22.85000 ? 242 ASN A OD1  1 
ATOM   653  N ND2  . ASN A 1 103 ? 7.40381   2.09559   1.11825   1.000 21.00000 ? 242 ASN A ND2  1 
ATOM   654  N N    . SER A 1 104 ? 7.56704   6.01188   -2.06668  1.000 21.87000 ? 243 SER A N    1 
ATOM   655  C CA   . SER A 1 104 ? 7.37676   7.26108   -2.78875  1.000 20.46000 ? 243 SER A CA   1 
ATOM   656  C C    . SER A 1 104 ? 6.42104   8.17773   -2.03819  1.000 25.72000 ? 243 SER A C    1 
ATOM   657  O O    . SER A 1 104 ? 5.42173   7.72400   -1.46953  1.000 21.16000 ? 243 SER A O    1 
ATOM   658  C CB   . SER A 1 104 ? 6.84341   6.99990   -4.20119  1.000 20.70000 ? 243 SER A CB   1 
ATOM   659  O OG   . SER A 1 104 ? 7.79330   6.29609   -4.98160  1.000 23.97000 ? 243 SER A OG   1 
ATOM   660  N N    . ILE A 1 105 ? 6.73266   9.47141   -2.04972  1.000 23.37000 ? 244 ILE A N    1 
ATOM   661  C CA   . ILE A 1 105 ? 5.91262   10.49849  -1.41760  1.000 20.89000 ? 244 ILE A CA   1 
ATOM   662  C C    . ILE A 1 105 ? 5.07194   11.17236  -2.49289  1.000 22.34000 ? 244 ILE A C    1 
ATOM   663  O O    . ILE A 1 105 ? 5.59240   11.56151  -3.54611  1.000 22.39000 ? 244 ILE A O    1 
ATOM   664  C CB   . ILE A 1 105 ? 6.78343   11.52702  -0.67691  1.000 26.70000 ? 244 ILE A CB   1 
ATOM   665  C CG1  . ILE A 1 105 ? 7.67633   10.82974  0.35044   1.000 25.84000 ? 244 ILE A CG1  1 
ATOM   666  C CG2  . ILE A 1 105 ? 5.91531   12.57834  -0.00686  1.000 25.27000 ? 244 ILE A CG2  1 
ATOM   667  C CD1  . ILE A 1 105 ? 8.68815   11.74879  0.99555   1.000 35.02000 ? 244 ILE A CD1  1 
ATOM   668  N N    . TYR A 1 106 ? 3.77677   11.31581  -2.23042  1.000 25.11000 ? 245 TYR A N    1 
ATOM   669  C CA   . TYR A 1 106 ? 2.84621   11.91962  -3.17114  1.000 26.49000 ? 245 TYR A CA   1 
ATOM   670  C C    . TYR A 1 106 ? 2.14988   13.11162  -2.53312  1.000 28.42000 ? 245 TYR A C    1 
ATOM   671  O O    . TYR A 1 106 ? 1.85028   13.10316  -1.33467  1.000 27.21000 ? 245 TYR A O    1 
ATOM   672  C CB   . TYR A 1 106 ? 1.79757   10.90597  -3.64313  1.000 25.68000 ? 245 TYR A CB   1 
ATOM   673  C CG   . TYR A 1 106 ? 2.34579   9.83576   -4.55638  1.000 25.65000 ? 245 TYR A CG   1 
ATOM   674  C CD1  . TYR A 1 106 ? 2.95003   8.69821   -4.04068  1.000 21.80000 ? 245 TYR A CD1  1 
ATOM   675  C CD2  . TYR A 1 106 ? 2.25584   9.96322   -5.93618  1.000 25.14000 ? 245 TYR A CD2  1 
ATOM   676  C CE1  . TYR A 1 106 ? 3.45281   7.71666   -4.87312  1.000 22.81000 ? 245 TYR A CE1  1 
ATOM   677  C CE2  . TYR A 1 106 ? 2.75618   8.98763   -6.77633  1.000 27.38000 ? 245 TYR A CE2  1 
ATOM   678  C CZ   . TYR A 1 106 ? 3.35364   7.86741   -6.24003  1.000 24.56000 ? 245 TYR A CZ   1 
ATOM   679  O OH   . TYR A 1 106 ? 3.85224   6.89392   -7.07373  1.000 28.03000 ? 245 TYR A OH   1 
ATOM   680  N N    . GLU A 1 107 ? 1.89931   14.13694  -3.34161  1.000 28.65000 ? 246 GLU A N    1 
ATOM   681  C CA   . GLU A 1 107 ? 1.06504   15.26183  -2.94999  1.000 29.50000 ? 246 GLU A CA   1 
ATOM   682  C C    . GLU A 1 107 ? -0.33857  15.06075  -3.50274  1.000 30.37000 ? 246 GLU A C    1 
ATOM   683  O O    . GLU A 1 107 ? -0.51142  14.64093  -4.65029  1.000 31.69000 ? 246 GLU A O    1 
ATOM   684  C CB   . GLU A 1 107 ? 1.64288   16.58476  -3.45710  1.000 29.54000 ? 246 GLU A CB   1 
ATOM   685  C CG   . GLU A 1 107 ? 2.87721   17.05786  -2.71045  1.000 35.12000 ? 246 GLU A CG   1 
ATOM   686  C CD   . GLU A 1 107 ? 3.36141   18.41273  -3.18898  1.000 45.93000 ? 246 GLU A CD   1 
ATOM   687  O OE1  . GLU A 1 107 ? 3.15981   18.73213  -4.37967  1.000 39.87000 ? 246 GLU A OE1  1 
ATOM   688  O OE2  . GLU A 1 107 ? 3.93789   19.16114  -2.37262  1.000 50.85000 ? 246 GLU A OE2  1 
ATOM   689  N N    . LEU A 1 108 ? -1.33788  15.35479  -2.67915  1.000 26.97000 ? 247 LEU A N    1 
ATOM   690  C CA   . LEU A 1 108 ? -2.73785  15.17560  -3.04109  1.000 29.80000 ? 247 LEU A CA   1 
ATOM   691  C C    . LEU A 1 108 ? -3.35748  16.54213  -3.29734  1.000 28.63000 ? 247 LEU A C    1 
ATOM   692  O O    . LEU A 1 108 ? -3.38084  17.39586  -2.40533  1.000 28.79000 ? 247 LEU A O    1 
ATOM   693  C CB   . LEU A 1 108 ? -3.48751  14.42688  -1.94092  1.000 28.47000 ? 247 LEU A CB   1 
ATOM   694  C CG   . LEU A 1 108 ? -2.90751  13.04039  -1.65118  1.000 37.58000 ? 247 LEU A CG   1 
ATOM   695  C CD1  . LEU A 1 108 ? -3.59210  12.40747  -0.46073  1.000 37.26000 ? 247 LEU A CD1  1 
ATOM   696  C CD2  . LEU A 1 108 ? -3.02799  12.14479  -2.87322  1.000 27.07000 ? 247 LEU A CD2  1 
ATOM   697  N N    . LEU A 1 109 ? -3.85416  16.74341  -4.51424  1.000 27.94000 ? 248 LEU A N    1 
ATOM   698  C CA   . LEU A 1 109 ? -4.39423  18.02377  -4.94170  1.000 28.87000 ? 248 LEU A CA   1 
ATOM   699  C C    . LEU A 1 109 ? -5.91213  18.02663  -4.82162  1.000 33.68000 ? 248 LEU A C    1 
ATOM   700  O O    . LEU A 1 109 ? -6.56536  16.99978  -5.02644  1.000 35.63000 ? 248 LEU A O    1 
ATOM   701  C CB   . LEU A 1 109 ? -3.98434  18.32885  -6.38429  1.000 25.31000 ? 248 LEU A CB   1 
ATOM   702  C CG   . LEU A 1 109 ? -2.47893  18.36164  -6.65812  1.000 31.58000 ? 248 LEU A CG   1 
ATOM   703  C CD1  . LEU A 1 109 ? -2.20234  18.60170  -8.13394  1.000 31.37000 ? 248 LEU A CD1  1 
ATOM   704  C CD2  . LEU A 1 109 ? -1.80194  19.42075  -5.80265  1.000 24.64000 ? 248 LEU A CD2  1 
ATOM   705  N N    . GLU A 1 110 ? -6.46615  19.18904  -4.48593  1.000 27.81000 ? 249 GLU A N    1 
ATOM   706  C CA   . GLU A 1 110 ? -7.91183  19.37143  -4.38957  1.000 31.96000 ? 249 GLU A CA   1 
ATOM   707  C C    . GLU A 1 110 ? -8.23953  20.76519  -4.90384  1.000 34.95000 ? 249 GLU A C    1 
ATOM   708  O O    . GLU A 1 110 ? -7.86304  21.76022  -4.27677  1.000 32.32000 ? 249 GLU A O    1 
ATOM   709  C CB   . GLU A 1 110 ? -8.40428  19.18975  -2.95385  1.000 33.87000 ? 249 GLU A CB   1 
ATOM   710  C CG   . GLU A 1 110 ? -9.91615  19.23679  -2.80774  1.000 32.27000 ? 249 GLU A CG   1 
ATOM   711  C CD   . GLU A 1 110 ? -10.36634 19.09441  -1.36844  1.000 39.25000 ? 249 GLU A CD   1 
ATOM   712  O OE1  . GLU A 1 110 ? -9.81541  19.79983  -0.49675  1.000 38.30000 ? 249 GLU A OE1  1 
ATOM   713  O OE2  . GLU A 1 110 ? -11.26738 18.26875  -1.10532  1.000 47.21000 ? 249 GLU A OE2  1 
ATOM   714  N N    . ASN A 1 111 ? -8.93326  20.83171  -6.04193  1.000 35.40000 ? 250 ASN A N    1 
ATOM   715  C CA   . ASN A 1 111 ? -9.30631  22.10214  -6.66462  1.000 31.23000 ? 250 ASN A CA   1 
ATOM   716  C C    . ASN A 1 111 ? -8.07904  22.97630  -6.90724  1.000 26.90000 ? 250 ASN A C    1 
ATOM   717  O O    . ASN A 1 111 ? -8.09423  24.18717  -6.67689  1.000 36.02000 ? 250 ASN A O    1 
ATOM   718  C CB   . ASN A 1 111 ? -10.34483 22.84616  -5.82099  1.000 39.66000 ? 250 ASN A CB   1 
ATOM   719  C CG   . ASN A 1 111 ? -11.52227 21.97254  -5.44044  1.000 51.72000 ? 250 ASN A CG   1 
ATOM   720  O OD1  . ASN A 1 111 ? -11.90248 21.89518  -4.27140  1.000 52.50000 ? 250 ASN A OD1  1 
ATOM   721  N ND2  . ASN A 1 111 ? -12.10786 21.30555  -6.42887  1.000 53.82000 ? 250 ASN A ND2  1 
ATOM   722  N N    . GLY A 1 112 ? -6.99700  22.35145  -7.36881  1.000 21.70000 ? 251 GLY A N    1 
ATOM   723  C CA   . GLY A 1 112 ? -5.76726  23.07550  -7.61498  1.000 24.71000 ? 251 GLY A CA   1 
ATOM   724  C C    . GLY A 1 112 ? -4.97375  23.43830  -6.38134  1.000 28.00000 ? 251 GLY A C    1 
ATOM   725  O O    . GLY A 1 112 ? -3.97785  24.15980  -6.49539  1.000 31.82000 ? 251 GLY A O    1 
ATOM   726  N N    . GLN A 1 113 ? -5.38110  22.96538  -5.20728  1.000 26.14000 ? 252 GLN A N    1 
ATOM   727  C CA   . GLN A 1 113 ? -4.69364  23.24422  -3.95507  1.000 27.86000 ? 252 GLN A CA   1 
ATOM   728  C C    . GLN A 1 113 ? -4.06339  21.97050  -3.40793  1.000 27.14000 ? 252 GLN A C    1 
ATOM   729  O O    . GLN A 1 113 ? -4.65127  20.88766  -3.49893  1.000 26.60000 ? 252 GLN A O    1 
ATOM   730  C CB   . GLN A 1 113 ? -5.65561  23.82787  -2.91553  1.000 25.17000 ? 252 GLN A CB   1 
ATOM   731  C CG   . GLN A 1 113 ? -6.21335  25.19119  -3.28091  1.000 26.39000 ? 252 GLN A CG   1 
ATOM   732  C CD   . GLN A 1 113 ? -5.13563  26.25274  -3.35539  1.000 30.30000 ? 252 GLN A CD   1 
ATOM   733  O OE1  . GLN A 1 113 ? -4.19176  26.25027  -2.56616  1.000 29.81000 ? 252 GLN A OE1  1 
ATOM   734  N NE2  . GLN A 1 113 ? -5.26716  27.16442  -4.31320  1.000 25.34000 ? 252 GLN A NE2  1 
ATOM   735  N N    . ARG A 1 114 ? -2.86571  22.10630  -2.84339  1.000 30.32000 ? 253 ARG A N    1 
ATOM   736  C CA   . ARG A 1 114 ? -2.21315  20.99769  -2.15396  1.000 26.73000 ? 253 ARG A CA   1 
ATOM   737  C C    . ARG A 1 114 ? -2.92369  20.75269  -0.82945  1.000 30.13000 ? 253 ARG A C    1 
ATOM   738  O O    . ARG A 1 114 ? -2.85009  21.57896  0.08630   1.000 27.26000 ? 253 ARG A O    1 
ATOM   739  C CB   . ARG A 1 114 ? -0.73535  21.30805  -1.93683  1.000 22.86000 ? 253 ARG A CB   1 
ATOM   740  C CG   . ARG A 1 114 ? 0.11053   21.17834  -3.18985  1.000 36.57000 ? 253 ARG A CG   1 
ATOM   741  C CD   . ARG A 1 114 ? 1.47739   21.83511  -3.03153  1.000 40.99000 ? 253 ARG A CD   1 
ATOM   742  N NE   . ARG A 1 114 ? 2.19850   21.36443  -1.85434  1.000 49.78000 ? 253 ARG A NE   1 
ATOM   743  C CZ   . ARG A 1 114 ? 2.39801   22.08134  -0.75589  1.000 49.19000 ? 253 ARG A CZ   1 
ATOM   744  N NH1  . ARG A 1 114 ? 1.94905   23.32157  -0.64858  1.000 36.05000 ? 253 ARG A NH1  1 
ATOM   745  N NH2  . ARG A 1 114 ? 3.06813   21.54187  0.25857   1.000 42.16000 ? 253 ARG A NH2  1 
ATOM   746  N N    . ALA A 1 115 ? -3.61999  19.62072  -0.72728  1.000 25.87000 ? 254 ALA A N    1 
ATOM   747  C CA   . ALA A 1 115 ? -4.41185  19.30164  0.45177   1.000 24.02000 ? 254 ALA A CA   1 
ATOM   748  C C    . ALA A 1 115 ? -3.72658  18.32309  1.39585   1.000 24.82000 ? 254 ALA A C    1 
ATOM   749  O O    . ALA A 1 115 ? -4.16761  18.18655  2.54169   1.000 28.02000 ? 254 ALA A O    1 
ATOM   750  C CB   . ALA A 1 115 ? -5.77500  18.73518  0.03619   1.000 26.09000 ? 254 ALA A CB   1 
ATOM   751  N N    . GLY A 1 116 ? -2.67592  17.64401  0.95618   1.000 29.48000 ? 255 GLY A N    1 
ATOM   752  C CA   . GLY A 1 116 ? -1.99662  16.69875  1.82067   1.000 23.96000 ? 255 GLY A CA   1 
ATOM   753  C C    . GLY A 1 116 ? -0.77169  16.12915  1.13865   1.000 27.79000 ? 255 GLY A C    1 
ATOM   754  O O    . GLY A 1 116 ? -0.64416  16.15431  -0.09096  1.000 28.21000 ? 255 GLY A O    1 
ATOM   755  N N    . THR A 1 117 ? 0.13152   15.61171  1.96902   1.000 28.89000 ? 256 THR A N    1 
ATOM   756  C CA   . THR A 1 117 ? 1.36291   14.98132  1.51554   1.000 28.67000 ? 256 THR A CA   1 
ATOM   757  C C    . THR A 1 117 ? 1.60448   13.74860  2.37107   1.000 33.33000 ? 256 THR A C    1 
ATOM   758  O O    . THR A 1 117 ? 1.57229   13.83581  3.60239   1.000 31.00000 ? 256 THR A O    1 
ATOM   759  C CB   . THR A 1 117 ? 2.55317   15.94268  1.61716   1.000 29.03000 ? 256 THR A CB   1 
ATOM   760  O OG1  . THR A 1 117 ? 2.24288   17.16339  0.93544   1.000 29.36000 ? 256 THR A OG1  1 
ATOM   761  C CG2  . THR A 1 117 ? 3.79443   15.32441  0.99647   1.000 28.76000 ? 256 THR A CG2  1 
ATOM   762  N N    . CYS A 1 118 ? 1.84193   12.60661  1.72803   1.000 25.73000 ? 257 CYS A N    1 
ATOM   763  C CA   . CYS A 1 118 ? 1.97573   11.35959  2.46845   1.000 30.76000 ? 257 CYS A CA   1 
ATOM   764  C C    . CYS A 1 118 ? 2.67801   10.32124  1.60899   1.000 25.53000 ? 257 CYS A C    1 
ATOM   765  O O    . CYS A 1 118 ? 2.72558   10.42882  0.37941   1.000 24.06000 ? 257 CYS A O    1 
ATOM   766  C CB   . CYS A 1 118 ? 0.61006   10.83107  2.91974   1.000 28.44000 ? 257 CYS A CB   1 
ATOM   767  S SG   . CYS A 1 118 ? -0.47255  10.33600  1.55786   1.000 27.39000 ? 257 CYS A SG   1 
ATOM   768  N N    . VAL A 1 119 ? 3.22188   9.31038   2.28061   1.000 26.46000 ? 258 VAL A N    1 
ATOM   769  C CA   . VAL A 1 119 ? 3.76418   8.13474   1.60986   1.000 24.71000 ? 258 VAL A CA   1 
ATOM   770  C C    . VAL A 1 119 ? 2.59475   7.25082   1.19464   1.000 24.56000 ? 258 VAL A C    1 
ATOM   771  O O    . VAL A 1 119 ? 1.80326   6.81327   2.03797   1.000 21.08000 ? 258 VAL A O    1 
ATOM   772  C CB   . VAL A 1 119 ? 4.73878   7.37782   2.52044   1.000 28.42000 ? 258 VAL A CB   1 
ATOM   773  C CG1  . VAL A 1 119 ? 5.40576   6.24708   1.75936   1.000 22.95000 ? 258 VAL A CG1  1 
ATOM   774  C CG2  . VAL A 1 119 ? 5.77779   8.33166   3.09364   1.000 29.04000 ? 258 VAL A CG2  1 
ATOM   775  N N    . LEU A 1 120 ? 2.48251   6.98642   -0.10467  1.000 21.47000 ? 259 LEU A N    1 
ATOM   776  C CA   . LEU A 1 120 ? 1.29929   6.35524   -0.67077  1.000 20.31000 ? 259 LEU A CA   1 
ATOM   777  C C    . LEU A 1 120 ? 1.71274   5.29839   -1.68377  1.000 19.88000 ? 259 LEU A C    1 
ATOM   778  O O    . LEU A 1 120 ? 2.64225   5.51309   -2.46737  1.000 18.04000 ? 259 LEU A O    1 
ATOM   779  C CB   . LEU A 1 120 ? 0.39794   7.40548   -1.33382  1.000 20.59000 ? 259 LEU A CB   1 
ATOM   780  C CG   . LEU A 1 120 ? -0.94409  6.97789   -1.92379  1.000 24.25000 ? 259 LEU A CG   1 
ATOM   781  C CD1  . LEU A 1 120 ? -1.88096  6.49142   -0.83204  1.000 20.80000 ? 259 LEU A CD1  1 
ATOM   782  C CD2  . LEU A 1 120 ? -1.56330  8.13612   -2.69155  1.000 20.50000 ? 259 LEU A CD2  1 
ATOM   783  N N    . GLU A 1 121 ? 1.01533   4.16354   -1.66905  1.000 19.94000 ? 260 GLU A N    1 
ATOM   784  C CA   . GLU A 1 121 ? 1.29868   3.07680   -2.59992  1.000 18.33000 ? 260 GLU A CA   1 
ATOM   785  C C    . GLU A 1 121 ? 0.15455   2.07310   -2.55749  1.000 18.73000 ? 260 GLU A C    1 
ATOM   786  O O    . GLU A 1 121 ? -0.60641  2.01139   -1.58717  1.000 21.51000 ? 260 GLU A O    1 
ATOM   787  C CB   . GLU A 1 121 ? 2.62693   2.38471   -2.27187  1.000 19.48000 ? 260 GLU A CB   1 
ATOM   788  C CG   . GLU A 1 121 ? 2.63220   1.65212   -0.94048  1.000 16.34000 ? 260 GLU A CG   1 
ATOM   789  C CD   . GLU A 1 121 ? 4.02993   1.27415   -0.48867  1.000 23.84000 ? 260 GLU A CD   1 
ATOM   790  O OE1  . GLU A 1 121 ? 4.91974   2.14944   -0.51539  1.000 21.12000 ? 260 GLU A OE1  1 
ATOM   791  O OE2  . GLU A 1 121 ? 4.23930   0.10107   -0.11450  1.000 20.14000 ? 260 GLU A OE2  1 
ATOM   792  N N    . TYR A 1 122 ? 0.04371   1.29190   -3.62927  1.000 19.90000 ? 261 TYR A N    1 
ATOM   793  C CA   . TYR A 1 122 ? -0.90487  0.19078   -3.68111  1.000 19.44000 ? 261 TYR A CA   1 
ATOM   794  C C    . TYR A 1 122 ? -0.35522  -1.02146  -2.93485  1.000 21.21000 ? 261 TYR A C    1 
ATOM   795  O O    . TYR A 1 122 ? 0.84749   -1.13902  -2.68464  1.000 20.20000 ? 261 TYR A O    1 
ATOM   796  C CB   . TYR A 1 122 ? -1.20486  -0.21086  -5.12673  1.000 17.99000 ? 261 TYR A CB   1 
ATOM   797  C CG   . TYR A 1 122 ? -2.06892  0.75246   -5.91181  1.000 22.67000 ? 261 TYR A CG   1 
ATOM   798  C CD1  . TYR A 1 122 ? -3.45344  0.70869   -5.81894  1.000 22.90000 ? 261 TYR A CD1  1 
ATOM   799  C CD2  . TYR A 1 122 ? -1.49963  1.68284   -6.77245  1.000 25.46000 ? 261 TYR A CD2  1 
ATOM   800  C CE1  . TYR A 1 122 ? -4.24860  1.57937   -6.54572  1.000 23.71000 ? 261 TYR A CE1  1 
ATOM   801  C CE2  . TYR A 1 122 ? -2.28531  2.55631   -7.50316  1.000 24.78000 ? 261 TYR A CE2  1 
ATOM   802  C CZ   . TYR A 1 122 ? -3.65713  2.50057   -7.38622  1.000 25.02000 ? 261 TYR A CZ   1 
ATOM   803  O OH   . TYR A 1 122 ? -4.43897  3.37002   -8.11258  1.000 30.38000 ? 261 TYR A OH   1 
ATOM   804  N N    . ALA A 1 123 ? -1.25656  -1.93527  -2.58748  1.000 20.27000 ? 262 ALA A N    1 
ATOM   805  C CA   . ALA A 1 123 ? -0.86533  -3.22564  -2.02536  1.000 22.03000 ? 262 ALA A CA   1 
ATOM   806  C C    . ALA A 1 123 ? -0.53377  -4.15455  -3.18608  1.000 24.43000 ? 262 ALA A C    1 
ATOM   807  O O    . ALA A 1 123 ? -1.42681  -4.64611  -3.88114  1.000 21.29000 ? 262 ALA A O    1 
ATOM   808  C CB   . ALA A 1 123 ? -1.97105  -3.79432  -1.14420  1.000 19.39000 ? 262 ALA A CB   1 
ATOM   809  N N    . THR A 1 124 ? 0.76063   -4.39342  -3.39168  1.000 21.24000 ? 263 THR A N    1 
ATOM   810  C CA   . THR A 1 124 ? 1.22273   -5.14860  -4.55403  1.000 20.15000 ? 263 THR A CA   1 
ATOM   811  C C    . THR A 1 124 ? 0.59475   -6.53246  -4.70945  1.000 19.36000 ? 263 THR A C    1 
ATOM   812  O O    . THR A 1 124 ? 0.26618   -6.89447  -5.85093  1.000 19.35000 ? 263 THR A O    1 
ATOM   813  C CB   . THR A 1 124 ? 2.75467   -5.26605  -4.50993  1.000 22.02000 ? 263 THR A CB   1 
ATOM   814  O OG1  . THR A 1 124 ? 3.32626   -3.97146  -4.28051  1.000 19.61000 ? 263 THR A OG1  1 
ATOM   815  C CG2  . THR A 1 124 ? 3.29056   -5.81904  -5.82391  1.000 17.02000 ? 263 THR A CG2  1 
ATOM   816  N N    . PRO A 1 125 ? 0.40332   -7.34148  -3.65759  1.000 19.56000 ? 264 PRO A N    1 
ATOM   817  C CA   . PRO A 1 125 ? -0.13364  -8.69658  -3.87615  1.000 19.46000 ? 264 PRO A CA   1 
ATOM   818  C C    . PRO A 1 125 ? -1.48785  -8.73090  -4.56628  1.000 23.32000 ? 264 PRO A C    1 
ATOM   819  O O    . PRO A 1 125 ? -1.88342  -9.79621  -5.05653  1.000 22.04000 ? 264 PRO A O    1 
ATOM   820  C CB   . PRO A 1 125 ? -0.21402  -9.27275  -2.45744  1.000 16.79000 ? 264 PRO A CB   1 
ATOM   821  C CG   . PRO A 1 125 ? 0.83784   -8.54539  -1.70989  1.000 18.43000 ? 264 PRO A CG   1 
ATOM   822  C CD   . PRO A 1 125 ? 0.78816   -7.14873  -2.24679  1.000 18.47000 ? 264 PRO A CD   1 
ATOM   823  N N    . LEU A 1 126 ? -2.21189  -7.60958  -4.62577  1.000 20.32000 ? 265 LEU A N    1 
ATOM   824  C CA   . LEU A 1 126 ? -3.44310  -7.58297  -5.40600  1.000 20.12000 ? 265 LEU A CA   1 
ATOM   825  C C    . LEU A 1 126 ? -3.16153  -7.78716  -6.88999  1.000 27.08000 ? 265 LEU A C    1 
ATOM   826  O O    . LEU A 1 126 ? -4.01429  -8.31075  -7.61526  1.000 22.53000 ? 265 LEU A O    1 
ATOM   827  C CB   . LEU A 1 126 ? -4.18888  -6.26822  -5.17292  1.000 22.90000 ? 265 LEU A CB   1 
ATOM   828  C CG   . LEU A 1 126 ? -4.69317  -6.04068  -3.74475  1.000 23.70000 ? 265 LEU A CG   1 
ATOM   829  C CD1  . LEU A 1 126 ? -5.29714  -4.65532  -3.60048  1.000 23.62000 ? 265 LEU A CD1  1 
ATOM   830  C CD2  . LEU A 1 126 ? -5.70281  -7.10911  -3.34728  1.000 21.83000 ? 265 LEU A CD2  1 
ATOM   831  N N    . GLN A 1 127 ? -1.97461  -7.38668  -7.35589  1.000 22.64000 ? 266 GLN A N    1 
ATOM   832  C CA   . GLN A 1 127 ? -1.56877  -7.70887  -8.72104  1.000 22.72000 ? 266 GLN A CA   1 
ATOM   833  C C    . GLN A 1 127 ? -1.38321  -9.21023  -8.89660  1.000 23.55000 ? 266 GLN A C    1 
ATOM   834  O O    . GLN A 1 127 ? -1.72429  -9.76415  -9.94865  1.000 28.26000 ? 266 GLN A O    1 
ATOM   835  C CB   . GLN A 1 127 ? -0.27905  -6.97405  -9.08217  1.000 20.85000 ? 266 GLN A CB   1 
ATOM   836  C CG   . GLN A 1 127 ? -0.46886  -5.52647  -9.47738  1.000 19.61000 ? 266 GLN A CG   1 
ATOM   837  C CD   . GLN A 1 127 ? 0.82944   -4.86640  -9.89579  1.000 24.37000 ? 266 GLN A CD   1 
ATOM   838  O OE1  . GLN A 1 127 ? 1.91051   -5.42765  -9.71629  1.000 22.66000 ? 266 GLN A OE1  1 
ATOM   839  N NE2  . GLN A 1 127 ? 0.72925   -3.66820  -10.46209 1.000 21.94000 ? 266 GLN A NE2  1 
ATOM   840  N N    . THR A 1 128 ? -0.83287  -9.88063  -7.88192  1.000 23.60000 ? 267 THR A N    1 
ATOM   841  C CA   . THR A 1 128 ? -0.67814  -11.33035 -7.95077  1.000 19.88000 ? 267 THR A CA   1 
ATOM   842  C C    . THR A 1 128 ? -2.02903  -12.01529 -8.09780  1.000 18.40000 ? 267 THR A C    1 
ATOM   843  O O    . THR A 1 128 ? -2.17366  -12.95604 -8.88753  1.000 23.18000 ? 267 THR A O    1 
ATOM   844  C CB   . THR A 1 128 ? 0.05175   -11.84354 -6.70978  1.000 21.14000 ? 267 THR A CB   1 
ATOM   845  O OG1  . THR A 1 128 ? 1.33068   -11.20579 -6.60727  1.000 25.38000 ? 267 THR A OG1  1 
ATOM   846  C CG2  . THR A 1 128 ? 0.24413   -13.35103 -6.78878  1.000 18.40000 ? 267 THR A CG2  1 
ATOM   847  N N    . LEU A 1 129 ? -3.03373  -11.55389 -7.34870  1.000 21.83000 ? 268 LEU A N    1 
ATOM   848  C CA   . LEU A 1 129 ? -4.38180  -12.08996 -7.50647  1.000 24.52000 ? 268 LEU A CA   1 
ATOM   849  C C    . LEU A 1 129 ? -4.89467  -11.87745 -8.92415  1.000 20.69000 ? 268 LEU A C    1 
ATOM   850  O O    . LEU A 1 129 ? -5.48015  -12.78651 -9.52353  1.000 22.69000 ? 268 LEU A O    1 
ATOM   851  C CB   . LEU A 1 129 ? -5.32887  -11.44185 -6.49582  1.000 19.94000 ? 268 LEU A CB   1 
ATOM   852  C CG   . LEU A 1 129 ? -5.10051  -11.75576 -5.01685  1.000 26.37000 ? 268 LEU A CG   1 
ATOM   853  C CD1  . LEU A 1 129 ? -6.04235  -10.93319 -4.15116  1.000 19.37000 ? 268 LEU A CD1  1 
ATOM   854  C CD2  . LEU A 1 129 ? -5.28736  -13.24009 -4.75354  1.000 20.46000 ? 268 LEU A CD2  1 
ATOM   855  N N    . PHE A 1 130 ? -4.67835  -10.68268 -9.47786  1.000 24.45000 ? 269 PHE A N    1 
ATOM   856  C CA   . PHE A 1 130 ? -5.14605  -10.39427 -10.82958 1.000 28.20000 ? 269 PHE A CA   1 
ATOM   857  C C    . PHE A 1 130 ? -4.42342  -11.25864 -11.85535 1.000 23.51000 ? 269 PHE A C    1 
ATOM   858  O O    . PHE A 1 130 ? -5.04757  -11.82509 -12.76033 1.000 22.58000 ? 269 PHE A O    1 
ATOM   859  C CB   . PHE A 1 130 ? -4.95400  -8.90856  -11.14390 1.000 22.23000 ? 269 PHE A CB   1 
ATOM   860  C CG   . PHE A 1 130 ? -5.69715  -8.44493  -12.36459 1.000 28.30000 ? 269 PHE A CG   1 
ATOM   861  C CD1  . PHE A 1 130 ? -5.14260  -8.57862  -13.62597 1.000 29.36000 ? 269 PHE A CD1  1 
ATOM   862  C CD2  . PHE A 1 130 ? -6.95262  -7.87259  -12.24749 1.000 30.90000 ? 269 PHE A CD2  1 
ATOM   863  C CE1  . PHE A 1 130 ? -5.82831  -8.15402  -14.74872 1.000 33.73000 ? 269 PHE A CE1  1 
ATOM   864  C CE2  . PHE A 1 130 ? -7.64379  -7.44585  -13.36712 1.000 28.09000 ? 269 PHE A CE2  1 
ATOM   865  C CZ   . PHE A 1 130 ? -7.08115  -7.58657  -14.61783 1.000 32.47000 ? 269 PHE A CZ   1 
ATOM   866  N N    . ALA A 1 131 ? -3.09969  -11.37456 -11.72503 1.000 24.55000 ? 270 ALA A N    1 
ATOM   867  C CA   . ALA A 1 131 ? -2.32311  -12.13434 -12.70004 1.000 20.87000 ? 270 ALA A CA   1 
ATOM   868  C C    . ALA A 1 131 ? -2.64586  -13.62130 -12.63299 1.000 25.14000 ? 270 ALA A C    1 
ATOM   869  O O    . ALA A 1 131 ? -2.72944  -14.28861 -13.67120 1.000 24.19000 ? 270 ALA A O    1 
ATOM   870  C CB   . ALA A 1 131 ? -0.83146  -11.89524 -12.48314 1.000 20.54000 ? 270 ALA A CB   1 
ATOM   871  N N    . MET A 1 132 ? -2.82535  -14.16187 -11.42422 1.000 25.30000 ? 271 MET A N    1 
ATOM   872  C CA   . MET A 1 132 ? -3.22448  -15.55986 -11.29875 1.000 20.54000 ? 271 MET A CA   1 
ATOM   873  C C    . MET A 1 132 ? -4.55999  -15.81353 -11.98601 1.000 24.09000 ? 271 MET A C    1 
ATOM   874  O O    . MET A 1 132 ? -4.77855  -16.89169 -12.54907 1.000 29.51000 ? 271 MET A O    1 
ATOM   875  C CB   . MET A 1 132 ? -3.31061  -15.96736 -9.82804  1.000 21.62000 ? 271 MET A CB   1 
ATOM   876  C CG   . MET A 1 132 ? -1.96987  -16.10893 -9.14730  1.000 23.26000 ? 271 MET A CG   1 
ATOM   877  S SD   . MET A 1 132 ? -2.08922  -16.61222 -7.41852  1.000 21.06000 ? 271 MET A SD   1 
ATOM   878  C CE   . MET A 1 132 ? -2.67383  -18.29699 -7.58257  1.000 18.75000 ? 271 MET A CE   1 
ATOM   879  N N    . SER A 1 133 ? -5.46964  -14.83299 -11.94956 1.000 21.67000 ? 272 SER A N    1 
ATOM   880  C CA   . SER A 1 133 ? -6.76153  -15.02401 -12.59798 1.000 27.35000 ? 272 SER A CA   1 
ATOM   881  C C    . SER A 1 133 ? -6.61786  -15.14103 -14.10717 1.000 22.81000 ? 272 SER A C    1 
ATOM   882  O O    . SER A 1 133 ? -7.50256  -15.69141 -14.76984 1.000 26.96000 ? 272 SER A O    1 
ATOM   883  C CB   . SER A 1 133 ? -7.71768  -13.88439 -12.24648 1.000 25.17000 ? 272 SER A CB   1 
ATOM   884  O OG   . SER A 1 133 ? -7.44161  -12.72182 -13.00964 1.000 22.99000 ? 272 SER A OG   1 
ATOM   885  N N    . GLN A 1 134 ? -5.52507  -14.62385 -14.66833 1.000 22.69000 ? 273 GLN A N    1 
ATOM   886  C CA   . GLN A 1 134 ? -5.31348  -14.66535 -16.10995 1.000 25.16000 ? 273 GLN A CA   1 
ATOM   887  C C    . GLN A 1 134 ? -4.47393  -15.85201 -16.56644 1.000 23.49000 ? 273 GLN A C    1 
ATOM   888  O O    . GLN A 1 134 ? -4.48181  -16.17418 -17.76069 1.000 25.77000 ? 273 GLN A O    1 
ATOM   889  C CB   . GLN A 1 134 ? -4.66094  -13.36338 -16.58283 1.000 23.58000 ? 273 GLN A CB   1 
ATOM   890  C CG   . GLN A 1 134 ? -5.47583  -12.12345 -16.25395 1.000 29.18000 ? 273 GLN A CG   1 
ATOM   891  C CD   . GLN A 1 134 ? -4.91793  -10.87456 -16.89527 1.000 46.72000 ? 273 GLN A CD   1 
ATOM   892  O OE1  . GLN A 1 134 ? -3.70613  -10.66297 -16.91418 1.000 53.28000 ? 273 GLN A OE1  1 
ATOM   893  N NE2  . GLN A 1 134 ? -5.80053  -10.04246 -17.43720 1.000 44.58000 ? 273 GLN A NE2  1 
ATOM   894  N N    . TYR A 1 135 ? -3.75587  -16.50743 -15.65859 1.000 23.60000 ? 274 TYR A N    1 
ATOM   895  C CA   . TYR A 1 135 ? -2.93815  -17.66554 -16.00184 1.000 21.90000 ? 274 TYR A CA   1 
ATOM   896  C C    . TYR A 1 135 ? -3.76971  -18.93364 -15.84844 1.000 22.59000 ? 274 TYR A C    1 
ATOM   897  O O    . TYR A 1 135 ? -4.27051  -19.22772 -14.75695 1.000 26.80000 ? 274 TYR A O    1 
ATOM   898  C CB   . TYR A 1 135 ? -1.68832  -17.72948 -15.12413 1.000 26.11000 ? 274 TYR A CB   1 
ATOM   899  C CG   . TYR A 1 135 ? -0.58245  -16.79214 -15.55818 1.000 29.76000 ? 274 TYR A CG   1 
ATOM   900  C CD1  . TYR A 1 135 ? 0.10787   -17.00646 -16.74404 1.000 31.24000 ? 274 TYR A CD1  1 
ATOM   901  C CD2  . TYR A 1 135 ? -0.21729  -15.70331 -14.77656 1.000 29.17000 ? 274 TYR A CD2  1 
ATOM   902  C CE1  . TYR A 1 135 ? 1.12075   -16.15616 -17.14475 1.000 35.49000 ? 274 TYR A CE1  1 
ATOM   903  C CE2  . TYR A 1 135 ? 0.79528   -14.84793 -15.16909 1.000 27.95000 ? 274 TYR A CE2  1 
ATOM   904  C CZ   . TYR A 1 135 ? 1.46097   -15.07980 -16.35402 1.000 36.70000 ? 274 TYR A CZ   1 
ATOM   905  O OH   . TYR A 1 135 ? 2.47162   -14.23343 -16.75019 1.000 36.93000 ? 274 TYR A OH   1 
ATOM   906  N N    . SER A 1 136 ? -3.91231  -19.68253 -16.94472 1.000 24.71000 ? 275 SER A N    1 
ATOM   907  C CA   . SER A 1 136 ? -4.71321  -20.90141 -16.91397 1.000 28.52000 ? 275 SER A CA   1 
ATOM   908  C C    . SER A 1 136 ? -4.12048  -21.94543 -15.97757 1.000 28.57000 ? 275 SER A C    1 
ATOM   909  O O    . SER A 1 136 ? -4.86165  -22.74461 -15.39465 1.000 31.12000 ? 275 SER A O    1 
ATOM   910  C CB   . SER A 1 136 ? -4.85262  -21.47155 -18.32510 1.000 25.11000 ? 275 SER A CB   1 
ATOM   911  O OG   . SER A 1 136 ? -3.58938  -21.57522 -18.95772 1.000 36.66000 ? 275 SER A OG   1 
ATOM   912  N N    . GLN A 1 137 ? -2.79592  -21.95603 -15.81754 1.000 23.11000 ? 276 GLN A N    1 
ATOM   913  C CA   . GLN A 1 137 ? -2.16349  -22.95762 -14.96783 1.000 31.02000 ? 276 GLN A CA   1 
ATOM   914  C C    . GLN A 1 137 ? -2.34529  -22.65716 -13.48392 1.000 33.82000 ? 276 GLN A C    1 
ATOM   915  O O    . GLN A 1 137 ? -2.13142  -23.54757 -12.65273 1.000 26.69000 ? 276 GLN A O    1 
ATOM   916  C CB   . GLN A 1 137 ? -0.67487  -23.06025 -15.30776 1.000 29.25000 ? 276 GLN A CB   1 
ATOM   917  C CG   . GLN A 1 137 ? 0.01139   -24.30602 -14.76888 1.000 39.41000 ? 276 GLN A CG   1 
ATOM   918  C CD   . GLN A 1 137 ? 1.50287   -24.30590 -15.03259 1.000 50.35000 ? 276 GLN A CD   1 
ATOM   919  O OE1  . GLN A 1 137 ? 2.02549   -23.41576 -15.70321 1.000 44.53000 ? 276 GLN A OE1  1 
ATOM   920  N NE2  . GLN A 1 137 ? 2.19836   -25.30587 -14.50230 1.000 44.38000 ? 276 GLN A NE2  1 
ATOM   921  N N    . ALA A 1 138 ? -2.74114  -21.43336 -13.13317 1.000 28.55000 ? 277 ALA A N    1 
ATOM   922  C CA   . ALA A 1 138 ? -2.87727  -21.04058 -11.73644 1.000 26.31000 ? 277 ALA A CA   1 
ATOM   923  C C    . ALA A 1 138 ? -4.14428  -21.57473 -11.08040 1.000 27.97000 ? 277 ALA A C    1 
ATOM   924  O O    . ALA A 1 138 ? -4.23663  -21.55147 -9.84790  1.000 27.02000 ? 277 ALA A O    1 
ATOM   925  C CB   . ALA A 1 138 ? -2.84301  -19.51364 -11.61696 1.000 24.29000 ? 277 ALA A CB   1 
ATOM   926  N N    . GLY A 1 139 ? -5.10863  -22.05688 -11.85821 1.000 32.81000 ? 278 GLY A N    1 
ATOM   927  C CA   . GLY A 1 139 ? -6.34236  -22.56739 -11.27827 1.000 30.93000 ? 278 GLY A CA   1 
ATOM   928  C C    . GLY A 1 139 ? -7.10818  -21.53357 -10.48161 1.000 28.16000 ? 278 GLY A C    1 
ATOM   929  O O    . GLY A 1 139 ? -7.69579  -21.86069 -9.44401  1.000 33.98000 ? 278 GLY A O    1 
ATOM   930  N N    . PHE A 1 140 ? -7.10861  -20.28707 -10.94570 1.000 31.73000 ? 279 PHE A N    1 
ATOM   931  C CA   . PHE A 1 140 ? -7.74363  -19.17359 -10.25305 1.000 32.73000 ? 279 PHE A CA   1 
ATOM   932  C C    . PHE A 1 140 ? -8.80388  -18.58125 -11.16793 1.000 31.54000 ? 279 PHE A C    1 
ATOM   933  O O    . PHE A 1 140 ? -8.47641  -18.03475 -12.22772 1.000 29.68000 ? 279 PHE A O    1 
ATOM   934  C CB   . PHE A 1 140 ? -6.70492  -18.11763 -9.86605  1.000 29.57000 ? 279 PHE A CB   1 
ATOM   935  C CG   . PHE A 1 140 ? -7.23221  -17.04088 -8.96107  1.000 32.24000 ? 279 PHE A CG   1 
ATOM   936  C CD1  . PHE A 1 140 ? -7.96814  -15.98496 -9.46943  1.000 30.99000 ? 279 PHE A CD1  1 
ATOM   937  C CD2  . PHE A 1 140 ? -6.97566  -17.07648 -7.60378  1.000 36.51000 ? 279 PHE A CD2  1 
ATOM   938  C CE1  . PHE A 1 140 ? -8.44954  -14.99284 -8.64335  1.000 33.45000 ? 279 PHE A CE1  1 
ATOM   939  C CE2  . PHE A 1 140 ? -7.45412  -16.08436 -6.77318  1.000 43.79000 ? 279 PHE A CE2  1 
ATOM   940  C CZ   . PHE A 1 140 ? -8.19083  -15.04056 -7.29456  1.000 29.99000 ? 279 PHE A CZ   1 
ATOM   941  N N    . SER A 1 141 ? -10.06569 -18.68194 -10.75954 1.000 30.58000 ? 280 SER A N    1 
ATOM   942  C CA   . SER A 1 141 ? -11.15730 -18.19321 -11.59102 1.000 31.55000 ? 280 SER A CA   1 
ATOM   943  C C    . SER A 1 141 ? -11.13974 -16.67310 -11.67821 1.000 30.99000 ? 280 SER A C    1 
ATOM   944  O O    . SER A 1 141 ? -10.88140 -15.97738 -10.69224 1.000 32.73000 ? 280 SER A O    1 
ATOM   945  C CB   . SER A 1 141 ? -12.50217 -18.66912 -11.04531 1.000 30.39000 ? 280 SER A CB   1 
ATOM   946  O OG   . SER A 1 141 ? -12.70244 -20.04468 -11.31738 1.000 51.09000 ? 280 SER A OG   1 
ATOM   947  N N    . ARG A 1 142 ? -11.42231 -16.16235 -12.87959 1.000 31.62000 ? 281 ARG A N    1 
ATOM   948  C CA   . ARG A 1 142 ? -11.47421 -14.72139 -13.09824 1.000 31.78000 ? 281 ARG A CA   1 
ATOM   949  C C    . ARG A 1 142 ? -12.51154 -14.05089 -12.20541 1.000 34.78000 ? 281 ARG A C    1 
ATOM   950  O O    . ARG A 1 142 ? -12.32331 -12.90266 -11.78667 1.000 29.93000 ? 281 ARG A O    1 
ATOM   951  C CB   . ARG A 1 142 ? -11.77583 -14.44615 -14.57258 1.000 39.73000 ? 281 ARG A CB   1 
ATOM   952  C CG   . ARG A 1 142 ? -11.95035 -12.98559 -14.94339 1.000 51.50000 ? 281 ARG A CG   1 
ATOM   953  C CD   . ARG A 1 142 ? -13.01821 -12.83983 -16.01687 1.000 53.68000 ? 281 ARG A CD   1 
ATOM   954  N NE   . ARG A 1 142 ? -13.00970 -11.52107 -16.63820 1.000 58.26000 ? 281 ARG A NE   1 
ATOM   955  C CZ   . ARG A 1 142 ? -13.51364 -10.42733 -16.08463 1.000 54.39000 ? 281 ARG A CZ   1 
ATOM   956  N NH1  . ARG A 1 142 ? -14.04430 -10.44560 -14.87285 1.000 53.37000 ? 281 ARG A NH1  1 
ATOM   957  N NH2  . ARG A 1 142 ? -13.48005 -9.28264  -16.76279 1.000 53.85000 ? 281 ARG A NH2  1 
ATOM   958  N N    . GLU A 1 143 ? -13.60029 -14.74974 -11.89362 1.000 30.43000 ? 282 GLU A N    1 
ATOM   959  C CA   . GLU A 1 143 ? -14.68888 -14.18149 -11.11022 1.000 34.29000 ? 282 GLU A CA   1 
ATOM   960  C C    . GLU A 1 143 ? -14.44525 -14.23735 -9.60545  1.000 30.83000 ? 282 GLU A C    1 
ATOM   961  O O    . GLU A 1 143 ? -15.29703 -13.76848 -8.84192  1.000 25.58000 ? 282 GLU A O    1 
ATOM   962  C CB   . GLU A 1 143 ? -16.00022 -14.89711 -11.45046 1.000 30.63000 ? 282 GLU A CB   1 
ATOM   963  C CG   . GLU A 1 143 ? -15.99364 -16.38858 -11.16232 1.000 34.00000 ? 282 GLU A CG   1 
ATOM   964  C CD   . GLU A 1 143 ? -17.26234 -17.07620 -11.62439 1.000 44.71000 ? 282 GLU A CD   1 
ATOM   965  O OE1  . GLU A 1 143 ? -17.98062 -16.49509 -12.46440 1.000 36.47000 ? 282 GLU A OE1  1 
ATOM   966  O OE2  . GLU A 1 143 ? -17.54293 -18.19559 -11.14508 1.000 44.69000 ? 282 GLU A OE2  1 
ATOM   967  N N    . ASP A 1 144 ? -13.31651 -14.78771 -9.16122  1.000 29.46000 ? 283 ASP A N    1 
ATOM   968  C CA   . ASP A 1 144 ? -12.99184 -14.87189 -7.74373  1.000 30.36000 ? 283 ASP A CA   1 
ATOM   969  C C    . ASP A 1 144 ? -12.11112 -13.72418 -7.26274  1.000 26.54000 ? 283 ASP A C    1 
ATOM   970  O O    . ASP A 1 144 ? -11.70699 -13.72630 -6.09507  1.000 27.26000 ? 283 ASP A O    1 
ATOM   971  C CB   . ASP A 1 144 ? -12.30431 -16.20902 -7.43082  1.000 33.15000 ? 283 ASP A CB   1 
ATOM   972  C CG   . ASP A 1 144 ? -13.21800 -17.40235 -7.63681  1.000 33.29000 ? 283 ASP A CG   1 
ATOM   973  O OD1  . ASP A 1 144 ? -14.45180 -17.21585 -7.65496  1.000 31.91000 ? 283 ASP A OD1  1 
ATOM   974  O OD2  . ASP A 1 144 ? -12.69714 -18.52712 -7.77346  1.000 40.32000 ? 283 ASP A OD2  1 
ATOM   975  N N    . ARG A 1 145 ? -11.80131 -12.74825 -8.12514  1.000 27.01000 ? 284 ARG A N    1 
ATOM   976  C CA   . ARG A 1 145 ? -10.92115 -11.65036 -7.72425  1.000 29.25000 ? 284 ARG A CA   1 
ATOM   977  C C    . ARG A 1 145 ? -11.51029 -10.85796 -6.56342  1.000 28.73000 ? 284 ARG A C    1 
ATOM   978  O O    . ARG A 1 145 ? -10.81088 -10.53623 -5.59425  1.000 30.54000 ? 284 ARG A O    1 
ATOM   979  C CB   . ARG A 1 145 ? -10.65714 -10.71691 -8.90557  1.000 29.66000 ? 284 ARG A CB   1 
ATOM   980  C CG   . ARG A 1 145 ? -9.70522  -11.23749 -9.95577  1.000 29.41000 ? 284 ARG A CG   1 
ATOM   981  C CD   . ARG A 1 145 ? -9.22445  -10.11186 -10.85009 1.000 28.88000 ? 284 ARG A CD   1 
ATOM   982  N NE   . ARG A 1 145 ? -8.96519  -10.58239 -12.20449 1.000 35.77000 ? 284 ARG A NE   1 
ATOM   983  C CZ   . ARG A 1 145 ? -9.68053  -10.23163 -13.26375 1.000 31.95000 ? 284 ARG A CZ   1 
ATOM   984  N NH1  . ARG A 1 145 ? -10.66117 -9.34633  -13.17482 1.000 29.47000 ? 284 ARG A NH1  1 
ATOM   985  N NH2  . ARG A 1 145 ? -9.40527  -10.78165 -14.44236 1.000 35.89000 ? 284 ARG A NH2  1 
ATOM   986  N N    . LEU A 1 146 ? -12.80021 -10.52217 -6.65301  1.000 27.11000 ? 285 LEU A N    1 
ATOM   987  C CA   . LEU A 1 146 ? -13.41434 -9.67877  -5.63336  1.000 23.31000 ? 285 LEU A CA   1 
ATOM   988  C C    . LEU A 1 146 ? -13.42516 -10.37584 -4.27862  1.000 26.41000 ? 285 LEU A C    1 
ATOM   989  O O    . LEU A 1 146 ? -13.10652 -9.76179  -3.25311  1.000 24.55000 ? 285 LEU A O    1 
ATOM   990  C CB   . LEU A 1 146 ? -14.82934 -9.28824  -6.06041  1.000 23.25000 ? 285 LEU A CB   1 
ATOM   991  C CG   . LEU A 1 146 ? -15.63616 -8.44088  -5.08203  1.000 27.23000 ? 285 LEU A CG   1 
ATOM   992  C CD1  . LEU A 1 146 ? -14.93468 -7.11699  -4.79704  1.000 26.68000 ? 285 LEU A CD1  1 
ATOM   993  C CD2  . LEU A 1 146 ? -17.02728 -8.20909  -5.63509  1.000 25.73000 ? 285 LEU A CD2  1 
ATOM   994  N N    . GLU A 1 147 ? -13.75580 -11.66811 -4.26026  1.000 24.84000 ? 286 GLU A N    1 
ATOM   995  C CA   . GLU A 1 147 ? -13.79149 -12.40473 -3.00125  1.000 30.07000 ? 286 GLU A CA   1 
ATOM   996  C C    . GLU A 1 147 ? -12.40096 -12.51984 -2.38564  1.000 29.96000 ? 286 GLU A C    1 
ATOM   997  O O    . GLU A 1 147 ? -12.23906 -12.36119 -1.16991  1.000 21.32000 ? 286 GLU A O    1 
ATOM   998  C CB   . GLU A 1 147 ? -14.39566 -13.78973 -3.22665  1.000 30.31000 ? 286 GLU A CB   1 
ATOM   999  C CG   . GLU A 1 147 ? -14.68221 -14.55776 -1.94919  1.000 34.48000 ? 286 GLU A CG   1 
ATOM   1000 C CD   . GLU A 1 147 ? -15.16597 -15.97032 -2.21770  1.000 46.36000 ? 286 GLU A CD   1 
ATOM   1001 O OE1  . GLU A 1 147 ? -14.61247 -16.62646 -3.12461  1.000 49.17000 ? 286 GLU A OE1  1 
ATOM   1002 O OE2  . GLU A 1 147 ? -16.10464 -16.42388 -1.52855  1.000 55.76000 ? 286 GLU A OE2  1 
ATOM   1003 N N    . GLN A 1 148 ? -11.38474 -12.78917 -3.20868  1.000 23.45000 ? 287 GLN A N    1 
ATOM   1004 C CA   . GLN A 1 148 ? -10.02736 -12.91167 -2.68738  1.000 23.64000 ? 287 GLN A CA   1 
ATOM   1005 C C    . GLN A 1 148 ? -9.48180  -11.56232 -2.23496  1.000 22.20000 ? 287 GLN A C    1 
ATOM   1006 O O    . GLN A 1 148 ? -8.75512  -11.48384 -1.23795  1.000 22.75000 ? 287 GLN A O    1 
ATOM   1007 C CB   . GLN A 1 148 ? -9.11630  -13.53660 -3.74303  1.000 26.09000 ? 287 GLN A CB   1 
ATOM   1008 C CG   . GLN A 1 148 ? -9.47270  -14.97307 -4.07644  1.000 29.76000 ? 287 GLN A CG   1 
ATOM   1009 C CD   . GLN A 1 148 ? -9.31432  -15.90087 -2.88936  1.000 31.87000 ? 287 GLN A CD   1 
ATOM   1010 O OE1  . GLN A 1 148 ? -8.31560  -15.84604 -2.17361  1.000 25.65000 ? 287 GLN A OE1  1 
ATOM   1011 N NE2  . GLN A 1 148 ? -10.30548 -16.75742 -2.67135  1.000 34.72000 ? 287 GLN A NE2  1 
ATOM   1012 N N    . ALA A 1 149 ? -9.81855  -10.48856 -2.95325  1.000 18.88000 ? 288 ALA A N    1 
ATOM   1013 C CA   . ALA A 1 149 ? -9.38650  -9.16053  -2.53116  1.000 20.28000 ? 288 ALA A CA   1 
ATOM   1014 C C    . ALA A 1 149 ? -9.96767  -8.80330  -1.16914  1.000 27.50000 ? 288 ALA A C    1 
ATOM   1015 O O    . ALA A 1 149 ? -9.26548  -8.25371  -0.31115  1.000 23.11000 ? 288 ALA A O    1 
ATOM   1016 C CB   . ALA A 1 149 ? -9.78517  -8.12106  -3.57847  1.000 20.96000 ? 288 ALA A CB   1 
ATOM   1017 N N    . LYS A 1 150 ? -11.24647 -9.11667  -0.94863  1.000 22.22000 ? 289 LYS A N    1 
ATOM   1018 C CA   . LYS A 1 150 ? -11.86555 -8.84649  0.34403   1.000 25.72000 ? 289 LYS A CA   1 
ATOM   1019 C C    . LYS A 1 150 ? -11.25018 -9.70520  1.44291   1.000 25.62000 ? 289 LYS A C    1 
ATOM   1020 O O    . LYS A 1 150 ? -11.09176 -9.24722  2.58083   1.000 25.42000 ? 289 LYS A O    1 
ATOM   1021 C CB   . LYS A 1 150 ? -13.37632 -9.06894  0.25521   1.000 25.70000 ? 289 LYS A CB   1 
ATOM   1022 C CG   . LYS A 1 150 ? -14.08762 -8.03611  -0.60964  1.000 31.20000 ? 289 LYS A CG   1 
ATOM   1023 C CD   . LYS A 1 150 ? -15.33521 -8.59922  -1.28066  1.000 32.93000 ? 289 LYS A CD   1 
ATOM   1024 C CE   . LYS A 1 150 ? -16.47024 -8.80624  -0.29519  1.000 46.00000 ? 289 LYS A CE   1 
ATOM   1025 N NZ   . LYS A 1 150 ? -17.72161 -9.21855  -0.99503  1.000 45.74000 ? 289 LYS A NZ   1 
ATOM   1026 N N    . LEU A 1 151 ? -10.89048 -10.95205 1.12295   1.000 21.75000 ? 290 LEU A N    1 
ATOM   1027 C CA   . LEU A 1 151 ? -10.21565 -11.79601 2.10387   1.000 23.06000 ? 290 LEU A CA   1 
ATOM   1028 C C    . LEU A 1 151 ? -8.81227  -11.28251 2.39864   1.000 26.99000 ? 290 LEU A C    1 
ATOM   1029 O O    . LEU A 1 151 ? -8.35219  -11.33984 3.54538   1.000 24.85000 ? 290 LEU A O    1 
ATOM   1030 C CB   . LEU A 1 151 ? -10.16321 -13.24128 1.61180   1.000 22.53000 ? 290 LEU A CB   1 
ATOM   1031 C CG   . LEU A 1 151 ? -9.38937  -14.21791 2.50360   1.000 38.26000 ? 290 LEU A CG   1 
ATOM   1032 C CD1  . LEU A 1 151 ? -10.06010 -14.36022 3.86437   1.000 27.66000 ? 290 LEU A CD1  1 
ATOM   1033 C CD2  . LEU A 1 151 ? -9.23797  -15.57177 1.82812   1.000 36.26000 ? 290 LEU A CD2  1 
ATOM   1034 N N    . PHE A 1 152 ? -8.11556  -10.78413 1.37492   1.000 23.61000 ? 291 PHE A N    1 
ATOM   1035 C CA   . PHE A 1 152 ? -6.79459  -10.20101 1.58670   1.000 20.12000 ? 291 PHE A CA   1 
ATOM   1036 C C    . PHE A 1 152 ? -6.87420  -9.00474  2.52630   1.000 21.47000 ? 291 PHE A C    1 
ATOM   1037 O O    . PHE A 1 152 ? -6.07439  -8.87717  3.46053   1.000 20.98000 ? 291 PHE A O    1 
ATOM   1038 C CB   . PHE A 1 152 ? -6.18362  -9.79642  0.24316   1.000 18.99000 ? 291 PHE A CB   1 
ATOM   1039 C CG   . PHE A 1 152 ? -4.84535  -9.11859  0.35808   1.000 20.95000 ? 291 PHE A CG   1 
ATOM   1040 C CD1  . PHE A 1 152 ? -3.67639  -9.86017  0.36637   1.000 16.05000 ? 291 PHE A CD1  1 
ATOM   1041 C CD2  . PHE A 1 152 ? -4.75695  -7.73895  0.44640   1.000 19.12000 ? 291 PHE A CD2  1 
ATOM   1042 C CE1  . PHE A 1 152 ? -2.44619  -9.23860  0.46644   1.000 16.38000 ? 291 PHE A CE1  1 
ATOM   1043 C CE2  . PHE A 1 152 ? -3.52906  -7.11430  0.54996   1.000 17.59000 ? 291 PHE A CE2  1 
ATOM   1044 C CZ   . PHE A 1 152 ? -2.37321  -7.86564  0.55990   1.000 16.27000 ? 291 PHE A CZ   1 
ATOM   1045 N N    . CYS A 1 153 ? -7.84156  -8.11599  2.29141   1.000 25.06000 ? 292 CYS A N    1 
ATOM   1046 C CA   A CYS A 1 153 ? -7.99731  -6.95017  3.15357   0.450 24.30000 ? 292 CYS A CA   1 
ATOM   1047 C CA   B CYS A 1 153 ? -7.99907  -6.95013  3.15494   0.550 23.87000 ? 292 CYS A CA   1 
ATOM   1048 C C    . CYS A 1 153 ? -8.39781  -7.35975  4.56645   1.000 24.98000 ? 292 CYS A C    1 
ATOM   1049 O O    . CYS A 1 153 ? -7.84553  -6.84829  5.54624   1.000 25.33000 ? 292 CYS A O    1 
ATOM   1050 C CB   A CYS A 1 153 ? -9.02729  -5.99304  2.55545   0.450 25.34000 ? 292 CYS A CB   1 
ATOM   1051 C CB   B CYS A 1 153 ? -9.03320  -5.99387  2.56172   0.550 25.19000 ? 292 CYS A CB   1 
ATOM   1052 S SG   A CYS A 1 153 ? -9.08638  -4.37650  3.35151   0.450 27.52000 ? 292 CYS A SG   1 
ATOM   1053 S SG   B CYS A 1 153 ? -8.57689  -5.30320  0.95539   0.550 32.04000 ? 292 CYS A SG   1 
ATOM   1054 N N    . ARG A 1 154 ? -9.35455  -8.28591  4.68736   1.000 25.20000 ? 293 ARG A N    1 
ATOM   1055 C CA   . ARG A 1 154 ? -9.79477  -8.74280  6.00242   1.000 26.73000 ? 293 ARG A CA   1 
ATOM   1056 C C    . ARG A 1 154 ? -8.65061  -9.38204  6.77961   1.000 28.19000 ? 293 ARG A C    1 
ATOM   1057 O O    . ARG A 1 154 ? -8.46314  -9.09809  7.96800   1.000 29.24000 ? 293 ARG A O    1 
ATOM   1058 C CB   . ARG A 1 154 ? -10.96073 -9.72121  5.84000   1.000 26.45000 ? 293 ARG A CB   1 
ATOM   1059 C CG   . ARG A 1 154 ? -11.12739 -10.73396 6.96479   1.000 46.66000 ? 293 ARG A CG   1 
ATOM   1060 C CD   . ARG A 1 154 ? -11.73915 -10.11729 8.21388   1.000 58.98000 ? 293 ARG A CD   1 
ATOM   1061 N NE   . ARG A 1 154 ? -11.98401 -11.12266 9.24200   1.000 71.37000 ? 293 ARG A NE   1 
ATOM   1062 C CZ   . ARG A 1 154 ? -12.57320 -10.88135 10.40555  1.000 70.75000 ? 293 ARG A CZ   1 
ATOM   1063 N NH1  . ARG A 1 154 ? -12.99729 -9.67035  10.72835  1.000 72.49000 ? 293 ARG A NH1  1 
ATOM   1064 N NH2  . ARG A 1 154 ? -12.74416 -11.88073 11.26601  1.000 72.40000 ? 293 ARG A NH2  1 
ATOM   1065 N N    . THR A 1 155 ? -7.86804  -10.24369 6.12221   1.000 27.05000 ? 294 THR A N    1 
ATOM   1066 C CA   . THR A 1 155 ? -6.74899  -10.89151 6.79944   1.000 25.22000 ? 294 THR A CA   1 
ATOM   1067 C C    . THR A 1 155 ? -5.69356  -9.87553  7.21806   1.000 23.38000 ? 294 THR A C    1 
ATOM   1068 O O    . THR A 1 155 ? -5.17468  -9.93717  8.33785   1.000 22.54000 ? 294 THR A O    1 
ATOM   1069 C CB   . THR A 1 155 ? -6.13351  -11.96179 5.89627   1.000 20.32000 ? 294 THR A CB   1 
ATOM   1070 O OG1  . THR A 1 155 ? -7.13667  -12.92304 5.54031   1.000 26.12000 ? 294 THR A OG1  1 
ATOM   1071 C CG2  . THR A 1 155 ? -4.98870  -12.67075 6.60652   1.000 21.25000 ? 294 THR A CG2  1 
ATOM   1072 N N    . LEU A 1 156 ? -5.37377  -8.92498  6.33652   1.000 22.97000 ? 295 LEU A N    1 
ATOM   1073 C CA   . LEU A 1 156 ? -4.38335  -7.90869  6.67425   1.000 25.18000 ? 295 LEU A CA   1 
ATOM   1074 C C    . LEU A 1 156 ? -4.86524  -7.03028  7.82236   1.000 25.06000 ? 295 LEU A C    1 
ATOM   1075 O O    . LEU A 1 156 ? -4.07029  -6.62736  8.67922   1.000 26.04000 ? 295 LEU A O    1 
ATOM   1076 C CB   . LEU A 1 156 ? -4.06058  -7.06280  5.44311   1.000 16.47000 ? 295 LEU A CB   1 
ATOM   1077 C CG   . LEU A 1 156 ? -2.82226  -6.16949  5.52647   1.000 21.04000 ? 295 LEU A CG   1 
ATOM   1078 C CD1  . LEU A 1 156 ? -1.57724  -7.00587  5.78333   1.000 22.20000 ? 295 LEU A CD1  1 
ATOM   1079 C CD2  . LEU A 1 156 ? -2.66983  -5.35406  4.25189   1.000 16.92000 ? 295 LEU A CD2  1 
ATOM   1080 N N    . GLU A 1 157 ? -6.16586  -6.72405  7.85644   1.000 25.27000 ? 296 GLU A N    1 
ATOM   1081 C CA   . GLU A 1 157 ? -6.71541  -5.95980  8.97288   1.000 28.79000 ? 296 GLU A CA   1 
ATOM   1082 C C    . GLU A 1 157 ? -6.52310  -6.69781  10.29162  1.000 24.55000 ? 296 GLU A C    1 
ATOM   1083 O O    . GLU A 1 157 ? -6.13889  -6.09310  11.29907  1.000 29.26000 ? 296 GLU A O    1 
ATOM   1084 C CB   . GLU A 1 157 ? -8.19942  -5.67406  8.74276   1.000 31.11000 ? 296 GLU A CB   1 
ATOM   1085 C CG   . GLU A 1 157 ? -8.49629  -4.66084  7.65093   1.000 40.58000 ? 296 GLU A CG   1 
ATOM   1086 C CD   . GLU A 1 157 ? -9.98291  -4.53958  7.37247   1.000 54.17000 ? 296 GLU A CD   1 
ATOM   1087 O OE1  . GLU A 1 157 ? -10.78270 -4.77206  8.30273   1.000 61.47000 ? 296 GLU A OE1  1 
ATOM   1088 O OE2  . GLU A 1 157 ? -10.35268 -4.22081  6.22336   1.000 51.44000 ? 296 GLU A OE2  1 
ATOM   1089 N N    . ASP A 1 158 ? -6.78693  -8.00632  10.30395  1.000 27.16000 ? 297 ASP A N    1 
ATOM   1090 C CA   . ASP A 1 158 ? -6.63397  -8.78159  11.53084  1.000 30.18000 ? 297 ASP A CA   1 
ATOM   1091 C C    . ASP A 1 158 ? -5.17833  -8.82154  11.97905  1.000 31.00000 ? 297 ASP A C    1 
ATOM   1092 O O    . ASP A 1 158 ? -4.88893  -8.78629  13.18149  1.000 34.76000 ? 297 ASP A O    1 
ATOM   1093 C CB   . ASP A 1 158 ? -7.17301  -10.19750 11.32839  1.000 30.47000 ? 297 ASP A CB   1 
ATOM   1094 C CG   . ASP A 1 158 ? -8.64187  -10.21258 10.95251  1.000 40.90000 ? 297 ASP A CG   1 
ATOM   1095 O OD1  . ASP A 1 158 ? -9.34892  -9.23272  11.26988  1.000 38.84000 ? 297 ASP A OD1  1 
ATOM   1096 O OD2  . ASP A 1 158 ? -9.09074  -11.20618 10.34084  1.000 46.60000 ? 297 ASP A OD2  1 
ATOM   1097 N N    . ILE A 1 159 ? -4.24730  -8.89167  11.02578  1.000 26.62000 ? 298 ILE A N    1 
ATOM   1098 C CA   . ILE A 1 159 ? -2.82906  -8.91402  11.37119  1.000 29.48000 ? 298 ILE A CA   1 
ATOM   1099 C C    . ILE A 1 159 ? -2.40065  -7.56840  11.94274  1.000 29.31000 ? 298 ILE A C    1 
ATOM   1100 O O    . ILE A 1 159 ? -1.81540  -7.49451  13.02906  1.000 33.90000 ? 298 ILE A O    1 
ATOM   1101 C CB   . ILE A 1 159 ? -1.98309  -9.29353  10.14329  1.000 26.75000 ? 298 ILE A CB   1 
ATOM   1102 C CG1  . ILE A 1 159 ? -2.34225  -10.69853 9.65421   1.000 25.84000 ? 298 ILE A CG1  1 
ATOM   1103 C CG2  . ILE A 1 159 ? -0.50096  -9.19716  10.47010  1.000 20.36000 ? 298 ILE A CG2  1 
ATOM   1104 C CD1  . ILE A 1 159 ? -1.67930  -11.07465 8.34642   1.000 19.17000 ? 298 ILE A CD1  1 
ATOM   1105 N N    . LEU A 1 160 ? -2.69206  -6.48246  11.22046  1.000 28.50000 ? 299 LEU A N    1 
ATOM   1106 C CA   . LEU A 1 160 ? -2.20763  -5.16654  11.62509  1.000 31.73000 ? 299 LEU A CA   1 
ATOM   1107 C C    . LEU A 1 160 ? -2.84845  -4.69291  12.92171  1.000 35.56000 ? 299 LEU A C    1 
ATOM   1108 O O    . LEU A 1 160 ? -2.22525  -3.93597  13.67470  1.000 33.53000 ? 299 LEU A O    1 
ATOM   1109 C CB   . LEU A 1 160 ? -2.45754  -4.15035  10.51270  1.000 26.62000 ? 299 LEU A CB   1 
ATOM   1110 C CG   . LEU A 1 160 ? -1.61241  -4.32316  9.24992   1.000 27.63000 ? 299 LEU A CG   1 
ATOM   1111 C CD1  . LEU A 1 160 ? -1.98949  -3.28301  8.20851   1.000 24.98000 ? 299 LEU A CD1  1 
ATOM   1112 C CD2  . LEU A 1 160 ? -0.13223  -4.23665  9.58840   1.000 27.37000 ? 299 LEU A CD2  1 
ATOM   1113 N N    . ALA A 1 161 ? -4.08414  -5.11545  13.20067  1.000 32.45000 ? 300 ALA A N    1 
ATOM   1114 C CA   . ALA A 1 161 ? -4.73638  -4.70521  14.44085  1.000 38.75000 ? 300 ALA A CA   1 
ATOM   1115 C C    . ALA A 1 161 ? -3.98031  -5.22613  15.65528  1.000 40.80000 ? 300 ALA A C    1 
ATOM   1116 O O    . ALA A 1 161 ? -3.91908  -4.55842  16.69385  1.000 46.18000 ? 300 ALA A O    1 
ATOM   1117 C CB   . ALA A 1 161 ? -6.18429  -5.19267  14.46368  1.000 33.97000 ? 300 ALA A CB   1 
ATOM   1118 N N    . ASP A 1 162 ? -3.39035  -6.41292  15.53896  1.000 38.78000 ? 301 ASP A N    1 
ATOM   1119 C CA   . ASP A 1 162 ? -2.64806  -7.03697  16.62225  1.000 37.56000 ? 301 ASP A CA   1 
ATOM   1120 C C    . ASP A 1 162 ? -1.13994  -6.91916  16.45129  1.000 40.56000 ? 301 ASP A C    1 
ATOM   1121 O O    . ASP A 1 162 ? -0.39347  -7.41365  17.30143  1.000 41.88000 ? 301 ASP A O    1 
ATOM   1122 C CB   . ASP A 1 162 ? -3.03658  -8.51334  16.73186  1.000 37.86000 ? 301 ASP A CB   1 
ATOM   1123 C CG   . ASP A 1 162 ? -3.07251  -9.00316  18.16053  1.000 41.69000 ? 301 ASP A CG   1 
ATOM   1124 O OD1  . ASP A 1 162 ? -3.22430  -8.16695  19.07512  1.000 40.92000 ? 301 ASP A OD1  1 
ATOM   1125 O OD2  . ASP A 1 162 ? -2.94542  -10.22848 18.37196  1.000 43.17000 ? 301 ASP A OD2  1 
ATOM   1126 N N    . ALA A 1 163 ? -0.67570  -6.28113  15.38309  1.000 35.43000 ? 302 ALA A N    1 
ATOM   1127 C CA   . ALA A 1 163 ? 0.74873   -6.27235  15.06842  1.000 36.73000 ? 302 ALA A CA   1 
ATOM   1128 C C    . ALA A 1 163 ? 1.47720   -5.24214  15.92404  1.000 38.57000 ? 302 ALA A C    1 
ATOM   1129 O O    . ALA A 1 163 ? 1.07829   -4.07362  15.95155  1.000 36.93000 ? 302 ALA A O    1 
ATOM   1130 C CB   . ALA A 1 163 ? 0.97185   -5.97236  13.58956  1.000 35.95000 ? 302 ALA A CB   1 
ATOM   1131 N N    . PRO A 1 164 ? 2.54346   -5.63171  16.62837  1.000 43.98000 ? 303 PRO A N    1 
ATOM   1132 C CA   . PRO A 1 164 ? 3.32194   -4.63352  17.37436  1.000 44.32000 ? 303 PRO A CA   1 
ATOM   1133 C C    . PRO A 1 164 ? 4.08281   -3.67590  16.47446  1.000 40.86000 ? 303 PRO A C    1 
ATOM   1134 O O    . PRO A 1 164 ? 4.32009   -2.52873  16.87326  1.000 41.14000 ? 303 PRO A O    1 
ATOM   1135 C CB   . PRO A 1 164 ? 4.27230   -5.49171  18.21907  1.000 43.13000 ? 303 PRO A CB   1 
ATOM   1136 C CG   . PRO A 1 164 ? 4.42129   -6.75662  17.43539  1.000 44.39000 ? 303 PRO A CG   1 
ATOM   1137 C CD   . PRO A 1 164 ? 3.08288   -6.99382  16.78836  1.000 40.60000 ? 303 PRO A CD   1 
ATOM   1138 N N    . GLU A 1 165 ? 4.47212   -4.11113  15.27343  1.000 44.30000 ? 304 GLU A N    1 
ATOM   1139 C CA   . GLU A 1 165 ? 5.20442   -3.22905  14.37054  1.000 38.58000 ? 304 GLU A CA   1 
ATOM   1140 C C    . GLU A 1 165 ? 4.36078   -2.03334  13.94789  1.000 38.55000 ? 304 GLU A C    1 
ATOM   1141 O O    . GLU A 1 165 ? 4.90569   -0.97405  13.61937  1.000 44.45000 ? 304 GLU A O    1 
ATOM   1142 C CB   . GLU A 1 165 ? 5.67666   -4.00414  13.13801  1.000 34.35000 ? 304 GLU A CB   1 
ATOM   1143 C CG   . GLU A 1 165 ? 6.67909   -5.11499  13.42759  1.000 36.50000 ? 304 GLU A CG   1 
ATOM   1144 C CD   . GLU A 1 165 ? 6.02031   -6.39066  13.91785  1.000 42.95000 ? 304 GLU A CD   1 
ATOM   1145 O OE1  . GLU A 1 165 ? 4.77848   -6.48879  13.83082  1.000 41.01000 ? 304 GLU A OE1  1 
ATOM   1146 O OE2  . GLU A 1 165 ? 6.74406   -7.29370  14.39088  1.000 41.81000 ? 304 GLU A OE2  1 
ATOM   1147 N N    . SER A 1 166 ? 3.03756   -2.17904  13.95893  1.000 36.14000 ? 305 SER A N    1 
ATOM   1148 C CA   . SER A 1 166 ? 2.11649   -1.12595  13.54040  1.000 42.48000 ? 305 SER A CA   1 
ATOM   1149 C C    . SER A 1 166 ? 1.55774   -0.43927  14.78256  1.000 51.51000 ? 305 SER A C    1 
ATOM   1150 O O    . SER A 1 166 ? 0.67028   -0.97191  15.45494  1.000 50.77000 ? 305 SER A O    1 
ATOM   1151 C CB   . SER A 1 166 ? 1.00177   -1.70041  12.67176  1.000 42.52000 ? 305 SER A CB   1 
ATOM   1152 O OG   . SER A 1 166 ? -0.05819  -0.77216  12.52126  1.000 41.32000 ? 305 SER A OG   1 
ATOM   1153 N N    . GLN A 1 167 ? 2.08592   0.74583   15.08661  1.000 54.61000 ? 306 GLN A N    1 
ATOM   1154 C CA   . GLN A 1 167 ? 1.57449   1.61087   16.14891  1.000 60.89000 ? 306 GLN A CA   1 
ATOM   1155 C C    . GLN A 1 167 ? 1.32656   2.96786   15.50078  1.000 55.15000 ? 306 GLN A C    1 
ATOM   1156 O O    . GLN A 1 167 ? 2.22043   3.81815   15.48158  1.000 54.85000 ? 306 GLN A O    1 
ATOM   1157 C CB   . GLN A 1 167 ? 2.55332   1.71966   17.31381  1.000 64.12000 ? 306 GLN A CB   1 
ATOM   1158 C CG   . GLN A 1 167 ? 3.02282   0.39704   17.88812  1.000 63.59000 ? 306 GLN A CG   1 
ATOM   1159 C CD   . GLN A 1 167 ? 4.25959   0.56020   18.74956  1.000 69.77000 ? 306 GLN A CD   1 
ATOM   1160 O OE1  . GLN A 1 167 ? 5.07045   1.45884   18.52324  1.000 75.15000 ? 306 GLN A OE1  1 
ATOM   1161 N NE2  . GLN A 1 167 ? 4.40895   -0.30438  19.74632  1.000 61.56000 ? 306 GLN A NE2  1 
ATOM   1162 N N    . ASN A 1 168 ? 0.11896   3.16361   14.96655  1.000 52.65000 ? 307 ASN A N    1 
ATOM   1163 C CA   . ASN A 1 168 ? -0.20539  4.35754   14.18585  1.000 60.50000 ? 307 ASN A CA   1 
ATOM   1164 C C    . ASN A 1 168 ? 0.76757   4.53559   13.02377  1.000 52.63000 ? 307 ASN A C    1 
ATOM   1165 O O    . ASN A 1 168 ? 1.10655   5.66003   12.64803  1.000 53.32000 ? 307 ASN A O    1 
ATOM   1166 C CB   . ASN A 1 168 ? -0.22428  5.61116   15.06611  1.000 63.04000 ? 307 ASN A CB   1 
ATOM   1167 C CG   . ASN A 1 168 ? -1.24729  5.52754   16.18244  1.000 67.61000 ? 307 ASN A CG   1 
ATOM   1168 O OD1  . ASN A 1 168 ? -2.37521  5.08110   15.97421  1.000 70.18000 ? 307 ASN A OD1  1 
ATOM   1169 N ND2  . ASN A 1 168 ? -0.85492  5.95299   17.37709  1.000 76.86000 ? 307 ASN A ND2  1 
ATOM   1170 N N    . ASN A 1 169 ? 1.22583   3.41947   12.45292  1.000 47.76000 ? 308 ASN A N    1 
ATOM   1171 C CA   . ASN A 1 169 ? 2.24889   3.43389   11.41555  1.000 43.23000 ? 308 ASN A CA   1 
ATOM   1172 C C    . ASN A 1 169 ? 1.69316   3.35012   10.00125  1.000 36.66000 ? 308 ASN A C    1 
ATOM   1173 O O    . ASN A 1 169 ? 2.38325   3.75746   9.06102   1.000 29.94000 ? 308 ASN A O    1 
ATOM   1174 C CB   . ASN A 1 169 ? 3.23613   2.27850   11.62791  1.000 39.32000 ? 308 ASN A CB   1 
ATOM   1175 C CG   . ASN A 1 169 ? 4.46492   2.69608   12.41377  1.000 44.33000 ? 308 ASN A CG   1 
ATOM   1176 O OD1  . ASN A 1 169 ? 4.94384   3.82260   12.28550  1.000 49.72000 ? 308 ASN A OD1  1 
ATOM   1177 N ND2  . ASN A 1 169 ? 4.98423   1.78415   13.22927  1.000 44.12000 ? 308 ASN A ND2  1 
ATOM   1178 N N    . CYS A 1 170 ? 0.48230   2.82939   9.81917   1.000 35.67000 ? 309 CYS A N    1 
ATOM   1179 C CA   . CYS A 1 170 ? -0.08594  2.72064   8.48298   1.000 34.95000 ? 309 CYS A CA   1 
ATOM   1180 C C    . CYS A 1 170 ? -1.60287  2.71029   8.58359   1.000 27.41000 ? 309 CYS A C    1 
ATOM   1181 O O    . CYS A 1 170 ? -2.17349  2.45916   9.64788   1.000 33.92000 ? 309 CYS A O    1 
ATOM   1182 C CB   . CYS A 1 170 ? 0.41425   1.46616   7.75690   1.000 27.67000 ? 309 CYS A CB   1 
ATOM   1183 S SG   . CYS A 1 170 ? -0.29235  -0.07861  8.35635   1.000 41.85000 ? 309 CYS A SG   1 
ATOM   1184 N N    . ARG A 1 171 ? -2.24840  2.98707   7.45182   1.000 26.21000 ? 310 ARG A N    1 
ATOM   1185 C CA   . ARG A 1 171 ? -3.70416  3.00472   7.36471   1.000 30.00000 ? 310 ARG A CA   1 
ATOM   1186 C C    . ARG A 1 171 ? -4.11614  2.34642   6.05829   1.000 30.42000 ? 310 ARG A C    1 
ATOM   1187 O O    . ARG A 1 171 ? -3.65312  2.74740   4.98684   1.000 27.16000 ? 310 ARG A O    1 
ATOM   1188 C CB   . ARG A 1 171 ? -4.24863  4.43340   7.44487   1.000 30.98000 ? 310 ARG A CB   1 
ATOM   1189 C CG   . ARG A 1 171 ? -5.76468  4.51573   7.51510   1.000 43.01000 ? 310 ARG A CG   1 
ATOM   1190 C CD   . ARG A 1 171 ? -6.22098  5.91785   7.88787   1.000 59.27000 ? 310 ARG A CD   1 
ATOM   1191 N NE   . ARG A 1 171 ? -7.67145  6.00752   8.00518   1.000 66.71000 ? 310 ARG A NE   1 
ATOM   1192 C CZ   . ARG A 1 171 ? -8.35435  5.74379   9.11124   1.000 71.85000 ? 310 ARG A CZ   1 
ATOM   1193 N NH1  . ARG A 1 171 ? -7.74680  5.36948   10.22572  1.000 78.76000 ? 310 ARG A NH1  1 
ATOM   1194 N NH2  . ARG A 1 171 ? -9.67930  5.85593   9.09844   1.000 73.78000 ? 310 ARG A NH2  1 
ATOM   1195 N N    . LEU A 1 172 ? -4.97722  1.33627   6.15057   1.000 30.35000 ? 311 LEU A N    1 
ATOM   1196 C CA   . LEU A 1 172 ? -5.45915  0.63646   4.96844   1.000 25.82000 ? 311 LEU A CA   1 
ATOM   1197 C C    . LEU A 1 172 ? -6.61376  1.40845   4.34127   1.000 29.44000 ? 311 LEU A C    1 
ATOM   1198 O O    . LEU A 1 172 ? -7.53959  1.83294   5.03927   1.000 26.96000 ? 311 LEU A O    1 
ATOM   1199 C CB   . LEU A 1 172 ? -5.90425  -0.77930  5.33154   1.000 20.72000 ? 311 LEU A CB   1 
ATOM   1200 C CG   . LEU A 1 172 ? -4.84701  -1.67740  5.97890   1.000 32.80000 ? 311 LEU A CG   1 
ATOM   1201 C CD1  . LEU A 1 172 ? -5.38980  -3.08518  6.17274   1.000 22.09000 ? 311 LEU A CD1  1 
ATOM   1202 C CD2  . LEU A 1 172 ? -3.56833  -1.69929  5.15404   1.000 24.15000 ? 311 LEU A CD2  1 
ATOM   1203 N N    . ILE A 1 173 ? -6.55539  1.58798   3.02545   1.000 24.42000 ? 312 ILE A N    1 
ATOM   1204 C CA   . ILE A 1 173 ? -7.58454  2.30050   2.27589   1.000 21.06000 ? 312 ILE A CA   1 
ATOM   1205 C C    . ILE A 1 173 ? -8.16792  1.31126   1.27390   1.000 26.05000 ? 312 ILE A C    1 
ATOM   1206 O O    . ILE A 1 173 ? -7.61493  1.11435   0.18556   1.000 26.78000 ? 312 ILE A O    1 
ATOM   1207 C CB   . ILE A 1 173 ? -7.03639  3.54795   1.57534   1.000 28.47000 ? 312 ILE A CB   1 
ATOM   1208 C CG1  . ILE A 1 173 ? -6.37282  4.48092   2.59134   1.000 25.98000 ? 312 ILE A CG1  1 
ATOM   1209 C CG2  . ILE A 1 173 ? -8.14728  4.27599   0.83375   1.000 22.58000 ? 312 ILE A CG2  1 
ATOM   1210 C CD1  . ILE A 1 173 ? -5.68005  5.67061   1.96747   1.000 30.65000 ? 312 ILE A CD1  1 
ATOM   1211 N N    . ALA A 1 174 ? -9.27931  0.67938   1.63969   1.000 24.93000 ? 313 ALA A N    1 
ATOM   1212 C CA   . ALA A 1 174 ? -9.97875  -0.25150  0.76641   1.000 26.14000 ? 313 ALA A CA   1 
ATOM   1213 C C    . ALA A 1 174 ? -11.21259 0.42434   0.18623   1.000 29.50000 ? 313 ALA A C    1 
ATOM   1214 O O    . ALA A 1 174 ? -11.90838 1.17083   0.88120   1.000 32.50000 ? 313 ALA A O    1 
ATOM   1215 C CB   . ALA A 1 174 ? -10.38061 -1.51895  1.52265   1.000 22.75000 ? 313 ALA A CB   1 
ATOM   1216 N N    . TYR A 1 175 ? -11.48236 0.15994   -1.08994  1.000 29.30000 ? 314 TYR A N    1 
ATOM   1217 C CA   . TYR A 1 175 ? -12.56014 0.85698   -1.77469  1.000 29.81000 ? 314 TYR A CA   1 
ATOM   1218 C C    . TYR A 1 175 ? -13.03916 0.03205   -2.96063  1.000 31.36000 ? 314 TYR A C    1 
ATOM   1219 O O    . TYR A 1 175 ? -12.25808 -0.67835  -3.59938  1.000 28.24000 ? 314 TYR A O    1 
ATOM   1220 C CB   . TYR A 1 175 ? -12.11007 2.24556   -2.24361  1.000 25.16000 ? 314 TYR A CB   1 
ATOM   1221 C CG   . TYR A 1 175 ? -10.86901 2.23390   -3.11000  1.000 24.05000 ? 314 TYR A CG   1 
ATOM   1222 C CD1  . TYR A 1 175 ? -9.59986  2.23945   -2.54246  1.000 25.03000 ? 314 TYR A CD1  1 
ATOM   1223 C CD2  . TYR A 1 175 ? -10.96492 2.22237   -4.49583  1.000 26.06000 ? 314 TYR A CD2  1 
ATOM   1224 C CE1  . TYR A 1 175 ? -8.46439  2.23045   -3.32978  1.000 21.30000 ? 314 TYR A CE1  1 
ATOM   1225 C CE2  . TYR A 1 175 ? -9.83315  2.21435   -5.29160  1.000 23.20000 ? 314 TYR A CE2  1 
ATOM   1226 C CZ   . TYR A 1 175 ? -8.58642  2.21851   -4.70329  1.000 23.48000 ? 314 TYR A CZ   1 
ATOM   1227 O OH   . TYR A 1 175 ? -7.45663  2.20963   -5.48846  1.000 23.53000 ? 314 TYR A OH   1 
ATOM   1228 N N    . GLN A 1 176 ? -14.33559 0.13796   -3.24006  1.000 36.17000 ? 315 GLN A N    1 
ATOM   1229 C CA   . GLN A 1 176 ? -14.93973 -0.40793  -4.44687  1.000 45.51000 ? 315 GLN A CA   1 
ATOM   1230 C C    . GLN A 1 176 ? -15.30407 0.74221   -5.37328  1.000 53.32000 ? 315 GLN A C    1 
ATOM   1231 O O    . GLN A 1 176 ? -16.00642 1.67290   -4.96577  1.000 51.98000 ? 315 GLN A O    1 
ATOM   1232 C CB   . GLN A 1 176 ? -16.18575 -1.23797  -4.12843  1.000 43.85000 ? 315 GLN A CB   1 
ATOM   1233 C CG   . GLN A 1 176 ? -15.89969 -2.60623  -3.53878  1.000 41.87000 ? 315 GLN A CG   1 
ATOM   1234 C CD   . GLN A 1 176 ? -16.90595 -3.65035  -3.98431  1.000 42.61000 ? 315 GLN A CD   1 
ATOM   1235 O OE1  . GLN A 1 176 ? -17.31088 -3.68218  -5.14752  1.000 44.47000 ? 315 GLN A OE1  1 
ATOM   1236 N NE2  . GLN A 1 176 ? -17.31932 -4.50880  -3.05931  1.000 50.72000 ? 315 GLN A NE2  1 
ATOM   1237 N N    . GLU A 1 177 ? -14.82565 0.67608   -6.61388  1.000 53.24000 ? 316 GLU A N    1 
ATOM   1238 C CA   . GLU A 1 177 ? -15.09152 1.72197   -7.58873  1.000 60.86000 ? 316 GLU A CA   1 
ATOM   1239 C C    . GLU A 1 177 ? -16.28076 1.31698   -8.44370  1.000 71.03000 ? 316 GLU A C    1 
ATOM   1240 O O    . GLU A 1 177 ? -16.15930 0.38140   -9.24963  1.000 73.70000 ? 316 GLU A O    1 
ATOM   1241 C CB   . GLU A 1 177 ? -13.86182 1.96750   -8.46072  1.000 56.69000 ? 316 GLU A CB   1 
ATOM   1242 C CG   . GLU A 1 177 ? -14.01024 3.11020   -9.44936  1.000 59.96000 ? 316 GLU A CG   1 
ATOM   1243 C CD   . GLU A 1 177 ? -12.70108 3.46236   -10.12682 1.000 60.17000 ? 316 GLU A CD   1 
ATOM   1244 O OE1  . GLU A 1 177 ? -11.63976 3.03176   -9.62821  1.000 50.00000 ? 316 GLU A OE1  1 
ATOM   1245 O OE2  . GLU A 1 177 ? -12.73103 4.16545   -11.15845 1.000 68.42000 ? 316 GLU A OE2  1 
ATOM   1246 N N    . PRO A 1 178 ? -17.44515 1.97295   -8.30754  1.000 79.40000 ? 317 PRO A N    1 
ATOM   1247 C CA   . PRO A 1 178 ? -18.65854 1.64140   -9.06543  1.000 84.67000 ? 317 PRO A CA   1 
ATOM   1248 C C    . PRO A 1 178 ? -18.46969 1.76262   -10.57603 1.000 90.08000 ? 317 PRO A C    1 
ATOM   1249 O O    . PRO A 1 178 ? -17.73218 2.64435   -11.01605 1.000 85.81000 ? 317 PRO A O    1 
ATOM   1250 C CB   . PRO A 1 178 ? -19.67882 2.67066   -8.56381  1.000 83.00000 ? 317 PRO A CB   1 
ATOM   1251 C CG   . PRO A 1 178 ? -19.16851 3.09944   -7.23255  1.000 76.01000 ? 317 PRO A CG   1 
ATOM   1252 C CD   . PRO A 1 178 ? -17.67747 3.07399   -7.35734  1.000 75.21000 ? 317 PRO A CD   1 
ATOM   1253 N N    . SER A 1 185 ? -13.44980 9.35586   -7.08872  1.000 50.24000 ? 324 SER A N    1 
ATOM   1254 C CA   . SER A 1 185 ? -12.20965 10.12334  -7.08134  1.000 44.92000 ? 324 SER A CA   1 
ATOM   1255 C C    . SER A 1 185 ? -11.25935 9.48680   -6.07906  1.000 39.21000 ? 324 SER A C    1 
ATOM   1256 O O    . SER A 1 185 ? -11.54967 9.46020   -4.87827  1.000 37.26000 ? 324 SER A O    1 
ATOM   1257 C CB   . SER A 1 185 ? -12.46591 11.58980  -6.72428  1.000 41.02000 ? 324 SER A CB   1 
ATOM   1258 O OG   . SER A 1 185 ? -11.25041 12.27902  -6.48921  1.000 33.48000 ? 324 SER A OG   1 
ATOM   1259 N N    . LEU A 1 186 ? -10.12678 8.97880   -6.56981  1.000 36.27000 ? 325 LEU A N    1 
ATOM   1260 C CA   . LEU A 1 186 ? -9.18562  8.29215   -5.69079  1.000 34.16000 ? 325 LEU A CA   1 
ATOM   1261 C C    . LEU A 1 186 ? -8.51010  9.26433   -4.73147  1.000 32.09000 ? 325 LEU A C    1 
ATOM   1262 O O    . LEU A 1 186 ? -8.30052  8.93963   -3.55660  1.000 30.53000 ? 325 LEU A O    1 
ATOM   1263 C CB   . LEU A 1 186 ? -8.14448  7.54222   -6.52062  1.000 32.32000 ? 325 LEU A CB   1 
ATOM   1264 C CG   . LEU A 1 186 ? -7.12302  6.70606   -5.74626  1.000 36.54000 ? 325 LEU A CG   1 
ATOM   1265 C CD1  . LEU A 1 186 ? -7.82131  5.66796   -4.88272  1.000 24.84000 ? 325 LEU A CD1  1 
ATOM   1266 C CD2  . LEU A 1 186 ? -6.14104  6.03994   -6.69746  1.000 32.16000 ? 325 LEU A CD2  1 
ATOM   1267 N N    . SER A 1 187 ? -8.16086  10.46153  -5.21169  1.000 30.96000 ? 326 SER A N    1 
ATOM   1268 C CA   . SER A 1 187 ? -7.51389  11.44226  -4.34565  1.000 27.69000 ? 326 SER A CA   1 
ATOM   1269 C C    . SER A 1 187 ? -8.44488  11.88619  -3.22364  1.000 30.09000 ? 326 SER A C    1 
ATOM   1270 O O    . SER A 1 187 ? -8.00575  12.08820  -2.08469  1.000 30.22000 ? 326 SER A O    1 
ATOM   1271 C CB   . SER A 1 187 ? -7.04937  12.64191  -5.16995  1.000 27.54000 ? 326 SER A CB   1 
ATOM   1272 O OG   . SER A 1 187 ? -8.12520  13.21148  -5.89398  1.000 25.69000 ? 326 SER A OG   1 
ATOM   1273 N N    . GLN A 1 188 ? -9.73651  12.04080  -3.52474  1.000 31.87000 ? 327 GLN A N    1 
ATOM   1274 C CA   . GLN A 1 188 ? -10.70673 12.34461  -2.47862  1.000 29.87000 ? 327 GLN A CA   1 
ATOM   1275 C C    . GLN A 1 188 ? -10.81835 11.20562  -1.47504  1.000 34.83000 ? 327 GLN A C    1 
ATOM   1276 O O    . GLN A 1 188 ? -11.04921 11.44794  -0.28380  1.000 29.64000 ? 327 GLN A O    1 
ATOM   1277 C CB   . GLN A 1 188 ? -12.07285 12.64330  -3.09726  1.000 31.17000 ? 327 GLN A CB   1 
ATOM   1278 C CG   . GLN A 1 188 ? -12.18864 14.03450  -3.69439  1.000 38.13000 ? 327 GLN A CG   1 
ATOM   1279 C CD   . GLN A 1 188 ? -12.08929 15.12075  -2.64379  1.000 34.80000 ? 327 GLN A CD   1 
ATOM   1280 O OE1  . GLN A 1 188 ? -12.77082 15.07420  -1.61901  1.000 38.05000 ? 327 GLN A OE1  1 
ATOM   1281 N NE2  . GLN A 1 188 ? -11.22930 16.10136  -2.88757  1.000 38.36000 ? 327 GLN A NE2  1 
ATOM   1282 N N    . GLU A 1 189 ? -10.65416 9.96179   -1.93256  1.000 35.89000 ? 328 GLU A N    1 
ATOM   1283 C CA   . GLU A 1 189 ? -10.71831 8.82705   -1.01900  1.000 37.45000 ? 328 GLU A CA   1 
ATOM   1284 C C    . GLU A 1 189 ? -9.55732  8.85080   -0.03246  1.000 34.31000 ? 328 GLU A C    1 
ATOM   1285 O O    . GLU A 1 189 ? -9.74869  8.60538   1.16443   1.000 38.10000 ? 328 GLU A O    1 
ATOM   1286 C CB   . GLU A 1 189 ? -10.72640 7.51882   -1.80890  1.000 38.36000 ? 328 GLU A CB   1 
ATOM   1287 C CG   . GLU A 1 189 ? -11.07720 6.29423   -0.97949  1.000 40.61000 ? 328 GLU A CG   1 
ATOM   1288 C CD   . GLU A 1 189 ? -12.53393 6.27509   -0.55943  1.000 52.19000 ? 328 GLU A CD   1 
ATOM   1289 O OE1  . GLU A 1 189 ? -13.37656 6.80827   -1.31221  1.000 48.95000 ? 328 GLU A OE1  1 
ATOM   1290 O OE2  . GLU A 1 189 ? -12.83630 5.73039   0.52390   1.000 54.84000 ? 328 GLU A OE2  1 
ATOM   1291 N N    . VAL A 1 190 ? -8.34993  9.15374   -0.51400  1.000 32.48000 ? 329 VAL A N    1 
ATOM   1292 C CA   . VAL A 1 190 ? -7.18862  9.19843   0.36936   1.000 33.70000 ? 329 VAL A CA   1 
ATOM   1293 C C    . VAL A 1 190 ? -7.27925  10.39291  1.31015   1.000 34.24000 ? 329 VAL A C    1 
ATOM   1294 O O    . VAL A 1 190 ? -6.93488  10.29499  2.49442   1.000 31.19000 ? 329 VAL A O    1 
ATOM   1295 C CB   . VAL A 1 190 ? -5.88844  9.22817   -0.45503  1.000 30.34000 ? 329 VAL A CB   1 
ATOM   1296 C CG1  . VAL A 1 190 ? -4.67631  9.12024   0.45800   1.000 31.21000 ? 329 VAL A CG1  1 
ATOM   1297 C CG2  . VAL A 1 190 ? -5.88495  8.11329   -1.48814  1.000 29.50000 ? 329 VAL A CG2  1 
ATOM   1298 N N    . LEU A 1 191 ? -7.74530  11.53711  0.80161   1.000 33.04000 ? 330 LEU A N    1 
ATOM   1299 C CA   . LEU A 1 191 ? -7.82111  12.73914  1.62623   1.000 32.44000 ? 330 LEU A CA   1 
ATOM   1300 C C    . LEU A 1 191 ? -8.77603  12.54987  2.79806   1.000 35.97000 ? 330 LEU A C    1 
ATOM   1301 O O    . LEU A 1 191 ? -8.54530  13.08909  3.88641   1.000 39.90000 ? 330 LEU A O    1 
ATOM   1302 C CB   . LEU A 1 191 ? -8.24438  13.93507  0.77341   1.000 34.18000 ? 330 LEU A CB   1 
ATOM   1303 C CG   . LEU A 1 191 ? -7.15358  14.53596  -0.11418  1.000 32.19000 ? 330 LEU A CG   1 
ATOM   1304 C CD1  . LEU A 1 191 ? -7.73552  15.56761  -1.06691  1.000 27.78000 ? 330 LEU A CD1  1 
ATOM   1305 C CD2  . LEU A 1 191 ? -6.05852  15.15167  0.74381   1.000 28.29000 ? 330 LEU A CD2  1 
ATOM   1306 N N    . ARG A 1 192 ? -9.85150  11.78453  2.59788   1.000 37.24000 ? 331 ARG A N    1 
ATOM   1307 C CA   . ARG A 1 192 ? -10.78445 11.53306  3.69134   1.000 39.43000 ? 331 ARG A CA   1 
ATOM   1308 C C    . ARG A 1 192 ? -10.09409 10.81663  4.84572   1.000 42.44000 ? 331 ARG A C    1 
ATOM   1309 O O    . ARG A 1 192 ? -10.32960 11.13883  6.01594   1.000 46.52000 ? 331 ARG A O    1 
ATOM   1310 C CB   . ARG A 1 192 ? -11.97914 10.72269  3.18786   1.000 46.85000 ? 331 ARG A CB   1 
ATOM   1311 C CG   . ARG A 1 192 ? -13.04169 10.47112  4.24488   1.000 58.25000 ? 331 ARG A CG   1 
ATOM   1312 C CD   . ARG A 1 192 ? -14.19397 9.64853   3.69431   1.000 62.40000 ? 331 ARG A CD   1 
ATOM   1313 N NE   . ARG A 1 192 ? -13.75785 8.33975   3.22093   1.000 65.03000 ? 331 ARG A NE   1 
ATOM   1314 C CZ   . ARG A 1 192 ? -13.55357 7.28998   4.00412   1.000 65.02000 ? 331 ARG A CZ   1 
ATOM   1315 N NH1  . ARG A 1 192 ? -13.71912 7.36234   5.31506   1.000 60.25000 ? 331 ARG A NH1  1 
ATOM   1316 N NH2  . ARG A 1 192 ? -13.17226 6.13847   3.46002   1.000 65.27000 ? 331 ARG A NH2  1 
ATOM   1317 N N    . HIS A 1 193 ? -9.22955  9.84808   4.53471   1.000 41.68000 ? 332 HIS A N    1 
ATOM   1318 C CA   . HIS A 1 193 ? -8.46532  9.17424   5.57930   1.000 44.34000 ? 332 HIS A CA   1 
ATOM   1319 C C    . HIS A 1 193 ? -7.42317  10.09847  6.19694   1.000 44.00000 ? 332 HIS A C    1 
ATOM   1320 O O    . HIS A 1 193 ? -7.13257  9.98862   7.39402   1.000 48.77000 ? 332 HIS A O    1 
ATOM   1321 C CB   . HIS A 1 193 ? -7.79311  7.92141   5.01581   1.000 40.31000 ? 332 HIS A CB   1 
ATOM   1322 C CG   . HIS A 1 193 ? -8.75463  6.84788   4.60849   1.000 45.06000 ? 332 HIS A CG   1 
ATOM   1323 N ND1  . HIS A 1 193 ? -8.96293  5.71202   5.36106   1.000 41.38000 ? 332 HIS A ND1  1 
ATOM   1324 C CD2  . HIS A 1 193 ? -9.56007  6.73390   3.52643   1.000 42.17000 ? 332 HIS A CD2  1 
ATOM   1325 C CE1  . HIS A 1 193 ? -9.85679  4.94639   4.76081   1.000 40.90000 ? 332 HIS A CE1  1 
ATOM   1326 N NE2  . HIS A 1 193 ? -10.23487 5.54371   3.64511   1.000 44.41000 ? 332 HIS A NE2  1 
ATOM   1327 N N    . LEU A 1 194 ? -6.85368  11.01156  5.40572   1.000 44.42000 ? 333 LEU A N    1 
ATOM   1328 C CA   . LEU A 1 194 ? -5.84341  11.92246  5.93598   1.000 44.76000 ? 333 LEU A CA   1 
ATOM   1329 C C    . LEU A 1 194 ? -6.44005  12.89051  6.94927   1.000 50.24000 ? 333 LEU A C    1 
ATOM   1330 O O    . LEU A 1 194 ? -5.82770  13.16347  7.98807   1.000 56.29000 ? 333 LEU A O    1 
ATOM   1331 C CB   . LEU A 1 194 ? -5.18185  12.70036  4.80010   1.000 37.61000 ? 333 LEU A CB   1 
ATOM   1332 C CG   . LEU A 1 194 ? -3.96505  12.09078  4.10672   1.000 44.73000 ? 333 LEU A CG   1 
ATOM   1333 C CD1  . LEU A 1 194 ? -3.48215  13.01927  3.01143   1.000 38.99000 ? 333 LEU A CD1  1 
ATOM   1334 C CD2  . LEU A 1 194 ? -2.85247  11.83841  5.10270   1.000 42.41000 ? 333 LEU A CD2  1 
ATOM   1335 N N    . ARG A 1 195 ? -7.63112  13.42261  6.66539   1.000 49.42000 ? 334 ARG A N    1 
ATOM   1336 C CA   . ARG A 1 195 ? -8.19217  14.46145  7.52227   1.000 52.70000 ? 334 ARG A CA   1 
ATOM   1337 C C    . ARG A 1 195 ? -8.60025  13.91747  8.88455   1.000 56.94000 ? 334 ARG A C    1 
ATOM   1338 O O    . ARG A 1 195 ? -8.65815  14.67663  9.85849   1.000 62.63000 ? 334 ARG A O    1 
ATOM   1339 C CB   . ARG A 1 195 ? -9.37933  15.12731  6.82889   1.000 45.73000 ? 334 ARG A CB   1 
ATOM   1340 C CG   . ARG A 1 195 ? -8.99775  15.83253  5.53807   1.000 49.48000 ? 334 ARG A CG   1 
ATOM   1341 C CD   . ARG A 1 195 ? -10.04021 16.85377  5.12246   1.000 54.21000 ? 334 ARG A CD   1 
ATOM   1342 N NE   . ARG A 1 195 ? -9.57485  17.67538  4.01099   1.000 58.07000 ? 334 ARG A NE   1 
ATOM   1343 C CZ   . ARG A 1 195 ? -9.85502  17.44518  2.73564   1.000 47.16000 ? 334 ARG A CZ   1 
ATOM   1344 N NH1  . ARG A 1 195 ? -10.62194 16.43165  2.36775   1.000 45.54000 ? 334 ARG A NH1  1 
ATOM   1345 N NH2  . ARG A 1 195 ? -9.35193  18.25198  1.80539   1.000 38.97000 ? 334 ARG A NH2  1 
ATOM   1346 N N    . GLN A 1 196 ? -8.88545  12.61617  8.97857   1.000 61.36000 ? 335 GLN A N    1 
ATOM   1347 C CA   . GLN A 1 196 ? -9.16132  12.02325  10.28229  1.000 66.20000 ? 335 GLN A CA   1 
ATOM   1348 C C    . GLN A 1 196 ? -7.91242  11.99525  11.15179  1.000 67.79000 ? 335 GLN A C    1 
ATOM   1349 O O    . GLN A 1 196 ? -8.01453  11.98767  12.38440  1.000 71.44000 ? 335 GLN A O    1 
ATOM   1350 C CB   . GLN A 1 196 ? -9.72854  10.61317  10.11191  1.000 65.37000 ? 335 GLN A CB   1 
ATOM   1351 C CG   . GLN A 1 196 ? -10.88427 10.53133  9.12676   1.000 70.99000 ? 335 GLN A CG   1 
ATOM   1352 C CD   . GLN A 1 196 ? -12.02469 9.66423   9.62124   1.000 83.11000 ? 335 GLN A CD   1 
ATOM   1353 O OE1  . GLN A 1 196 ? -12.02351 9.20885   10.76601  1.000 91.62000 ? 335 GLN A OE1  1 
ATOM   1354 N NE2  . GLN A 1 196 ? -13.01056 9.43567   8.76137   1.000 79.77000 ? 335 GLN A NE2  1 
ATOM   1355 N N    . GLU A 1 197 ? -6.73505  11.98426  10.53458  1.000 65.96000 ? 336 GLU A N    1 
ATOM   1356 C CA   . GLU A 1 197 ? -5.47599  12.00966  11.26508  1.000 68.77000 ? 336 GLU A CA   1 
ATOM   1357 C C    . GLU A 1 197 ? -5.17829  13.41299  11.77861  1.000 68.19000 ? 336 GLU A C    1 
ATOM   1358 O O    . GLU A 1 197 ? -5.90503  14.36084  11.47613  1.000 66.14000 ? 336 GLU A O    1 
ATOM   1359 C CB   . GLU A 1 197 ? -4.33449  11.51936  10.37073  1.000 71.56000 ? 336 GLU A CB   1 
ATOM   1360 C CG   . GLU A 1 197 ? -2.96879  11.53519  11.03320  1.000 79.66000 ? 336 GLU A CG   1 
ATOM   1361 C CD   . GLU A 1 197 ? -1.87514  11.02149  10.11589  1.000 72.11000 ? 336 GLU A CD   1 
ATOM   1362 O OE1  . GLU A 1 197 ? -1.83512  11.44083  8.94075   1.000 64.76000 ? 336 GLU A OE1  1 
ATOM   1363 O OE2  . GLU A 1 197 ? -1.06006  10.19067  10.56927  1.000 65.98000 ? 336 GLU A OE2  1 
HETATM 1364 C C21  . K1C B 2 .   ? 5.88011   -6.58234  -0.62570  0.500 19.85000 ? 401 K1C A C21  1 
HETATM 1365 O O23  . K1C B 2 .   ? 5.02224   -9.13358  -3.04095  0.500 19.79000 ? 401 K1C A O23  1 
HETATM 1366 C C18  . K1C B 2 .   ? 10.12322  -9.42484  -5.25453  0.500 20.24000 ? 401 K1C A C18  1 
HETATM 1367 N N17  . K1C B 2 .   ? 10.85091  -8.34197  -5.40949  0.500 20.23000 ? 401 K1C A N17  1 
HETATM 1368 C C25  . K1C B 2 .   ? 6.16331   -10.13957 -0.18889  0.500 20.04000 ? 401 K1C A C25  1 
HETATM 1369 C C24  . K1C B 2 .   ? 5.45312   -8.88761  -0.65373  0.500 20.82000 ? 401 K1C A C24  1 
HETATM 1370 C C33  . K1C B 2 .   ? 8.82367   -11.57353 -2.72344  0.500 19.68000 ? 401 K1C A C33  1 
HETATM 1371 O O35  . K1C B 2 .   ? 6.75958   -10.23230 -4.50532  0.500 20.12000 ? 401 K1C A O35  1 
HETATM 1372 C C8   . K1C B 2 .   ? 8.38336   -6.73820  -0.22580  0.500 20.24000 ? 401 K1C A C8   1 
HETATM 1373 C C4   . K1C B 2 .   ? 7.68206   -4.90846  -1.19590  0.500 19.63000 ? 401 K1C A C4   1 
HETATM 1374 C C5   . K1C B 2 .   ? 9.05473   -4.89281  -1.02726  0.500 19.70000 ? 401 K1C A C5   1 
HETATM 1375 C C6   . K1C B 2 .   ? 9.71683   -3.74997  -1.49280  0.500 20.57000 ? 401 K1C A C6   1 
HETATM 1376 C C2   . K1C B 2 .   ? 7.68320   -2.90793  -2.15786  0.500 19.36000 ? 401 K1C A C2   1 
HETATM 1377 C C36  . K1C B 2 .   ? 8.89156   -12.10769 -5.05080  0.500 20.06000 ? 401 K1C A C36  1 
HETATM 1378 C C12  . K1C B 2 .   ? 14.27719  -10.02830 -4.12839  0.500 19.40000 ? 401 K1C A C12  1 
HETATM 1379 C C14  . K1C B 2 .   ? 12.11055  -10.06825 -4.61118  0.500 19.64000 ? 401 K1C A C14  1 
HETATM 1380 C C15  . K1C B 2 .   ? 12.11494  -8.74206  -5.00234  0.500 19.72000 ? 401 K1C A C15  1 
HETATM 1381 C C16  . K1C B 2 .   ? 13.34605  -8.08065  -4.91700  0.500 20.58000 ? 401 K1C A C16  1 
HETATM 1382 C C22  . K1C B 2 .   ? 5.34996   -6.99318  -1.99698  0.500 20.08000 ? 401 K1C A C22  1 
HETATM 1383 C C23  . K1C B 2 .   ? 5.80431   -8.43712  -2.06219  0.500 19.91000 ? 401 K1C A C23  1 
HETATM 1384 C C31  . K1C B 2 .   ? 10.30756  -11.84876 -4.49274  0.500 19.77000 ? 401 K1C A C31  1 
HETATM 1385 C C32  . K1C B 2 .   ? 10.19380  -12.14155 -3.00304  0.500 20.07000 ? 401 K1C A C32  1 
HETATM 1386 C C34  . K1C B 2 .   ? 7.97967   -12.22003 -3.81361  0.500 20.80000 ? 401 K1C A C34  1 
HETATM 1387 C C35  . K1C B 2 .   ? 6.62318   -11.58528 -4.02657  0.500 19.94000 ? 401 K1C A C35  1 
HETATM 1388 F F22  . K1C B 2 .   ? 3.95243   -6.94646  -1.97860  0.500 19.80000 ? 401 K1C A F22  1 
HETATM 1389 F F32  . K1C B 2 .   ? 10.16905  -13.52644 -2.81134  0.500 19.81000 ? 401 K1C A F32  1 
HETATM 1390 N N1   . K1C B 2 .   ? 9.00802   -2.75218  -2.06427  0.500 20.25000 ? 401 K1C A N1   1 
HETATM 1391 N N11  . K1C B 2 .   ? 14.43395  -8.74531  -4.47205  0.500 20.24000 ? 401 K1C A N11  1 
HETATM 1392 N N13  . K1C B 2 .   ? 13.16365  -10.77028 -4.16314  0.500 19.81000 ? 401 K1C A N13  1 
HETATM 1393 N N16  . K1C B 2 .   ? 13.46833  -6.79615  -5.27013  0.500 21.23000 ? 401 K1C A N16  1 
HETATM 1394 N N19  . K1C B 2 .   ? 10.82369  -10.50347 -4.77874  0.500 19.44000 ? 401 K1C A N19  1 
HETATM 1395 N N3   . K1C B 2 .   ? 6.93736   -3.94293  -1.75492  0.500 19.82000 ? 401 K1C A N3   1 
HETATM 1396 N N6   . K1C B 2 .   ? 11.04405  -3.62412  -1.38418  0.500 21.74000 ? 401 K1C A N6   1 
HETATM 1397 N N7   . K1C B 2 .   ? 9.49165   -6.05641  -0.41186  0.500 20.49000 ? 401 K1C A N7   1 
HETATM 1398 N N9   . K1C B 2 .   ? 7.25579   -6.09887  -0.67289  0.500 19.44000 ? 401 K1C A N9   1 
HETATM 1399 O O24  . K1C B 2 .   ? 5.84847   -7.76289  0.16855   0.500 19.91000 ? 401 K1C A O24  1 
HETATM 1400 O O25  . K1C B 2 .   ? 7.58857   -9.94144  -0.27663  0.500 20.07000 ? 401 K1C A O25  1 
HETATM 1401 O O33  . K1C B 2 .   ? 8.37887   -12.03667 -1.44108  0.500 19.76000 ? 401 K1C A O33  1 
HETATM 1402 P P25  . K1C B 2 .   ? 8.59815   -11.15996 -0.13557  0.500 21.31000 ? 401 K1C A P25  1 
HETATM 1403 P P35  . K1C B 2 .   ? 5.51872   -9.24274  -4.54586  0.500 21.32000 ? 401 K1C A P35  1 
HETATM 1404 O O25A . K1C B 2 .   ? 8.23916   -11.97042 1.07398   0.500 19.03000 ? 401 K1C A O25A 1 
HETATM 1405 O O25B . K1C B 2 .   ? 10.00383  -10.63833 -0.11761  0.500 20.04000 ? 401 K1C A O25B 1 
HETATM 1406 O O35A . K1C B 2 .   ? 5.97789   -7.89434  -5.01631  0.500 20.08000 ? 401 K1C A O35A 1 
HETATM 1407 O O35B . K1C B 2 .   ? 4.43107   -9.83743  -5.38915  0.500 19.06000 ? 401 K1C A O35B 1 
HETATM 1408 O O    . HOH C 3 .   ? -6.24343  -19.14910 -13.58756 1.000 27.37000 ? 501 HOH A O    1 
HETATM 1409 O O    . HOH C 3 .   ? 8.40946   3.35799   12.41166  1.000 40.44000 ? 502 HOH A O    1 
HETATM 1410 O O    . HOH C 3 .   ? 2.87354   9.41296   5.05608   1.000 25.56000 ? 503 HOH A O    1 
HETATM 1411 O O    . HOH C 3 .   ? 2.91775   -9.74401  -7.64822  1.000 20.43000 ? 504 HOH A O    1 
HETATM 1412 O O    . HOH C 3 .   ? 10.83702  1.80486   6.73394   1.000 22.02000 ? 505 HOH A O    1 
HETATM 1413 O O    . HOH C 3 .   ? -0.85948  1.49613   12.79154  1.000 40.89000 ? 506 HOH A O    1 
HETATM 1414 O O    . HOH C 3 .   ? -3.33539  -18.72836 1.01218   1.000 28.13000 ? 507 HOH A O    1 
HETATM 1415 O O    . HOH C 3 .   ? 23.20123  -11.42860 2.36552   1.000 39.15000 ? 508 HOH A O    1 
HETATM 1416 O O    . HOH C 3 .   ? 4.38487   -12.89747 -1.80198  0.500 26.91000 ? 509 HOH A O    1 
HETATM 1417 O O    . HOH C 3 .   ? 2.62028   -1.64716  -0.82402  1.000 18.85000 ? 510 HOH A O    1 
HETATM 1418 O O    . HOH C 3 .   ? 3.96130   -3.67001  -1.88733  1.000 18.33000 ? 511 HOH A O    1 
HETATM 1419 O O    . HOH C 3 .   ? -7.41476  -15.41882 6.59939   1.000 32.40000 ? 512 HOH A O    1 
HETATM 1420 O O    . HOH C 3 .   ? 12.86766  5.23247   -0.33520  1.000 25.49000 ? 513 HOH A O    1 
HETATM 1421 O O    . HOH C 3 .   ? 16.59815  -7.45078  -4.44893  1.000 21.52000 ? 514 HOH A O    1 
HETATM 1422 O O    . HOH C 3 .   ? 2.63280   -11.11234 -4.14130  1.000 22.28000 ? 515 HOH A O    1 
HETATM 1423 O O    . HOH C 3 .   ? -11.48329 -7.52111  -10.89089 1.000 36.39000 ? 516 HOH A O    1 
HETATM 1424 O O    . HOH C 3 .   ? 16.77653  4.51082   5.62323   1.000 25.31000 ? 517 HOH A O    1 
HETATM 1425 O O    . HOH C 3 .   ? -7.23054  2.64755   -8.04448  1.000 30.13000 ? 518 HOH A O    1 
HETATM 1426 O O    . HOH C 3 .   ? 3.07587   -7.73630  -9.39693  1.000 19.49000 ? 519 HOH A O    1 
HETATM 1427 O O    . HOH C 3 .   ? 6.20764   -9.79254  15.00173  1.000 43.64000 ? 520 HOH A O    1 
HETATM 1428 O O    . HOH C 3 .   ? 4.86660   -3.89929  -13.33392 1.000 30.41000 ? 521 HOH A O    1 
HETATM 1429 O O    . HOH C 3 .   ? -10.33495 -19.68493 -7.98006  1.000 35.22000 ? 522 HOH A O    1 
HETATM 1430 O O    . HOH C 3 .   ? -15.27363 -12.61891 -6.42879  1.000 23.40000 ? 523 HOH A O    1 
HETATM 1431 O O    . HOH C 3 .   ? 11.17280  -9.03978  1.70904   1.000 18.16000 ? 524 HOH A O    1 
HETATM 1432 O O    . HOH C 3 .   ? -8.06203  0.61333   -9.25315  1.000 30.04000 ? 525 HOH A O    1 
HETATM 1433 O O    . HOH C 3 .   ? 5.34781   4.51585   -1.74104  1.000 24.78000 ? 526 HOH A O    1 
HETATM 1434 O O    . HOH C 3 .   ? 11.23063  4.57880   12.71053  1.000 40.42000 ? 527 HOH A O    1 
HETATM 1435 O O    . HOH C 3 .   ? 22.27306  -7.44246  -4.06856  1.000 24.58000 ? 528 HOH A O    1 
HETATM 1436 O O    . HOH C 3 .   ? 21.01970  -6.33337  6.84275   1.000 31.51000 ? 529 HOH A O    1 
HETATM 1437 O O    . HOH C 3 .   ? 22.03619  -3.51223  4.34500   1.000 28.38000 ? 530 HOH A O    1 
HETATM 1438 O O    . HOH C 3 .   ? -7.20334  19.53295  -8.20188  1.000 39.61000 ? 531 HOH A O    1 
HETATM 1439 O O    . HOH C 3 .   ? -3.59600  -5.33906  -11.18399 1.000 29.88000 ? 532 HOH A O    1 
HETATM 1440 O O    . HOH C 3 .   ? -9.69770  8.46682   -9.23723  1.000 39.24000 ? 533 HOH A O    1 
HETATM 1441 O O    . HOH C 3 .   ? 15.33723  -11.37378 -0.48000  1.000 22.71000 ? 534 HOH A O    1 
HETATM 1442 O O    . HOH C 3 .   ? -9.00632  15.65182  -4.88205  1.000 31.15000 ? 535 HOH A O    1 
HETATM 1443 O O    . HOH C 3 .   ? 13.18704  -5.34436  -2.38763  1.000 27.00000 ? 536 HOH A O    1 
HETATM 1444 O O    . HOH C 3 .   ? 12.76372  -1.30073  -3.81436  1.000 21.67000 ? 537 HOH A O    1 
HETATM 1445 O O    . HOH C 3 .   ? 19.29268  -8.71413  7.66487   1.000 30.34000 ? 538 HOH A O    1 
HETATM 1446 O O    . HOH C 3 .   ? 3.39768   12.95517  -11.16797 1.000 42.55000 ? 539 HOH A O    1 
HETATM 1447 O O    . HOH C 3 .   ? 21.53729  -3.00982  -3.59960  1.000 40.55000 ? 540 HOH A O    1 
HETATM 1448 O O    . HOH C 3 .   ? 10.94244  -11.47618 7.17807   1.000 28.36000 ? 541 HOH A O    1 
HETATM 1449 O O    . HOH C 3 .   ? 25.13666  -5.54908  3.66019   1.000 31.08000 ? 542 HOH A O    1 
HETATM 1450 O O    . HOH C 3 .   ? 4.60319   18.70687  0.60184   1.000 39.94000 ? 543 HOH A O    1 
HETATM 1451 O O    . HOH C 3 .   ? -0.14264  -24.13208 -10.65200 1.000 28.41000 ? 544 HOH A O    1 
HETATM 1452 O O    . HOH C 3 .   ? -7.47766  -13.56228 9.72532   1.000 34.68000 ? 545 HOH A O    1 
HETATM 1453 O O    . HOH C 3 .   ? -9.41743  22.49290  -1.91133  1.000 38.02000 ? 546 HOH A O    1 
HETATM 1454 O O    . HOH C 3 .   ? 26.89822  -8.22359  4.63028   1.000 40.91000 ? 547 HOH A O    1 
HETATM 1455 O O    . HOH C 3 .   ? 18.83107  0.97723   5.83743   1.000 29.27000 ? 548 HOH A O    1 
HETATM 1456 O O    . HOH C 3 .   ? 1.96248   -9.93300  14.61958  1.000 39.35000 ? 549 HOH A O    1 
HETATM 1457 O O    . HOH C 3 .   ? -5.92467  0.36300   8.81377   1.000 33.57000 ? 550 HOH A O    1 
HETATM 1458 O O    . HOH C 3 .   ? -0.78921  -20.35070 -17.35781 1.000 26.93000 ? 551 HOH A O    1 
HETATM 1459 O O    . HOH C 3 .   ? 18.72534  6.83600   0.15100   1.000 41.53000 ? 552 HOH A O    1 
HETATM 1460 O O    . HOH C 3 .   ? -0.95660  -18.14459 -0.70522  0.50  23.04000 ? 553 HOH A O    1 
HETATM 1461 O O    . HOH C 3 .   ? -11.70133 -0.99840  -6.64419  1.000 26.57000 ? 554 HOH A O    1 
HETATM 1462 O O    . HOH C 3 .   ? 0.30795   2.64340   -14.86030 1.000 39.45000 ? 555 HOH A O    1 
HETATM 1463 O O    . HOH C 3 .   ? -9.02331  4.63219   -9.23719  1.000 42.52000 ? 556 HOH A O    1 
HETATM 1464 O O    . HOH C 3 .   ? -10.43218 0.72713   4.51829   1.000 26.97000 ? 557 HOH A O    1 
HETATM 1465 O O    . HOH C 3 .   ? -10.87967 17.23551  -6.49242  1.000 43.50000 ? 558 HOH A O    1 
HETATM 1466 O O    . HOH C 3 .   ? -7.79940  1.48730   -11.84793 1.000 32.81000 ? 559 HOH A O    1 
# 
loop_
_pdbx_poly_seq_scheme.asym_id 
_pdbx_poly_seq_scheme.entity_id 
_pdbx_poly_seq_scheme.seq_id 
_pdbx_poly_seq_scheme.mon_id 
_pdbx_poly_seq_scheme.ndb_seq_num 
_pdbx_poly_seq_scheme.pdb_seq_num 
_pdbx_poly_seq_scheme.auth_seq_num 
_pdbx_poly_seq_scheme.pdb_mon_id 
_pdbx_poly_seq_scheme.auth_mon_id 
_pdbx_poly_seq_scheme.pdb_strand_id 
_pdbx_poly_seq_scheme.pdb_ins_code 
_pdbx_poly_seq_scheme.hetero 
A 1 1   ALA 1   140 ?   ?   ?   A . n 
A 1 2   PRO 2   141 ?   ?   ?   A . n 
A 1 3   ALA 3   142 ?   ?   ?   A . n 
A 1 4   GLU 4   143 ?   ?   ?   A . n 
A 1 5   ILE 5   144 ?   ?   ?   A . n 
A 1 6   SER 6   145 ?   ?   ?   A . n 
A 1 7   ALA 7   146 ?   ?   ?   A . n 
A 1 8   VAL 8   147 ?   ?   ?   A . n 
A 1 9   CYS 9   148 ?   ?   ?   A . n 
A 1 10  GLU 10  149 ?   ?   ?   A . n 
A 1 11  LYS 11  150 ?   ?   ?   A . n 
A 1 12  GLY 12  151 ?   ?   ?   A . n 
A 1 13  ASN 13  152 ?   ?   ?   A . n 
A 1 14  PHE 14  153 ?   ?   ?   A . n 
A 1 15  ASN 15  154 154 ASN ASN A . n 
A 1 16  VAL 16  155 155 VAL VAL A . n 
A 1 17  ALA 17  156 156 ALA ALA A . n 
A 1 18  HIS 18  157 157 HIS HIS A . n 
A 1 19  GLY 19  158 158 GLY GLY A . n 
A 1 20  LEU 20  159 159 LEU LEU A . n 
A 1 21  ALA 21  160 160 ALA ALA A . n 
A 1 22  TRP 22  161 161 TRP TRP A . n 
A 1 23  SER 23  162 162 SER SER A . n 
A 1 24  TYR 24  163 163 TYR TYR A . n 
A 1 25  TYR 25  164 164 TYR TYR A . n 
A 1 26  ILE 26  165 165 ILE ILE A . n 
A 1 27  GLY 27  166 166 GLY GLY A . n 
A 1 28  TYR 28  167 167 TYR TYR A . n 
A 1 29  LEU 29  168 168 LEU LEU A . n 
A 1 30  ARG 30  169 169 ARG ARG A . n 
A 1 31  LEU 31  170 170 LEU LEU A . n 
A 1 32  ILE 32  171 171 ILE ILE A . n 
A 1 33  LEU 33  172 172 LEU LEU A . n 
A 1 34  PRO 34  173 173 PRO PRO A . n 
A 1 35  GLU 35  174 174 GLU GLU A . n 
A 1 36  LEU 36  175 175 LEU LEU A . n 
A 1 37  GLN 37  176 176 GLN GLN A . n 
A 1 38  ALA 38  177 177 ALA ALA A . n 
A 1 39  ARG 39  178 178 ARG ARG A . n 
A 1 40  ILE 40  179 179 ILE ILE A . n 
A 1 41  ARG 41  180 180 ARG ARG A . n 
A 1 42  THR 42  181 181 THR THR A . n 
A 1 43  TYR 43  182 182 TYR TYR A . n 
A 1 44  ASN 44  183 183 ASN ASN A . n 
A 1 45  GLN 45  184 184 GLN GLN A . n 
A 1 46  HIS 46  185 ?   ?   ?   A . n 
A 1 47  TYR 47  186 ?   ?   ?   A . n 
A 1 48  ASN 48  187 ?   ?   ?   A . n 
A 1 49  ASN 49  188 ?   ?   ?   A . n 
A 1 50  LEU 50  189 ?   ?   ?   A . n 
A 1 51  LEU 51  190 ?   ?   ?   A . n 
A 1 52  ARG 52  191 ?   ?   ?   A . n 
A 1 53  GLY 53  192 ?   ?   ?   A . n 
A 1 54  ALA 54  193 193 ALA ALA A . n 
A 1 55  VAL 55  194 194 VAL VAL A . n 
A 1 56  SER 56  195 195 SER SER A . n 
A 1 57  GLN 57  196 196 GLN GLN A . n 
A 1 58  ARG 58  197 197 ARG ARG A . n 
A 1 59  LEU 59  198 198 LEU LEU A . n 
A 1 60  TYR 60  199 199 TYR TYR A . n 
A 1 61  ILE 61  200 200 ILE ILE A . n 
A 1 62  LEU 62  201 201 LEU LEU A . n 
A 1 63  LEU 63  202 202 LEU LEU A . n 
A 1 64  PRO 64  203 203 PRO PRO A . n 
A 1 65  LEU 65  204 204 LEU LEU A . n 
A 1 66  ASP 66  205 205 ASP ASP A . n 
A 1 67  CYS 67  206 206 CYS CYS A . n 
A 1 68  GLY 68  207 207 GLY GLY A . n 
A 1 69  VAL 69  208 208 VAL VAL A . n 
A 1 70  PRO 70  209 209 PRO PRO A . n 
A 1 71  ASP 71  210 210 ASP ASP A . n 
A 1 72  ASN 72  211 211 ASN ASN A . n 
A 1 73  LEU 73  212 212 LEU LEU A . n 
A 1 74  SER 74  213 213 SER SER A . n 
A 1 75  MET 75  214 214 MET MET A . n 
A 1 76  ALA 76  215 215 ALA ALA A . n 
A 1 77  ASP 77  216 216 ASP ASP A . n 
A 1 78  PRO 78  217 217 PRO PRO A . n 
A 1 79  ASN 79  218 218 ASN ASN A . n 
A 1 80  ILE 80  219 219 ILE ILE A . n 
A 1 81  ARG 81  220 220 ARG ARG A . n 
A 1 82  PHE 82  221 221 PHE PHE A . n 
A 1 83  LEU 83  222 222 LEU LEU A . n 
A 1 84  ASP 84  223 223 ASP ASP A . n 
A 1 85  LYS 85  224 224 LYS LYS A . n 
A 1 86  LEU 86  225 225 LEU LEU A . n 
A 1 87  PRO 87  226 226 PRO PRO A . n 
A 1 88  GLN 88  227 227 GLN GLN A . n 
A 1 89  GLN 89  228 228 GLN GLN A . n 
A 1 90  THR 90  229 229 THR THR A . n 
A 1 91  GLY 91  230 230 GLY GLY A . n 
A 1 92  ASP 92  231 231 ASP ASP A . n 
A 1 93  ARG 93  232 232 ARG ARG A . n 
A 1 94  ALA 94  233 233 ALA ALA A . n 
A 1 95  GLY 95  234 234 GLY GLY A . n 
A 1 96  ILE 96  235 235 ILE ILE A . n 
A 1 97  LYS 97  236 236 LYS LYS A . n 
A 1 98  ASP 98  237 237 ASP ASP A . n 
A 1 99  ARG 99  238 238 ARG ARG A . n 
A 1 100 VAL 100 239 239 VAL VAL A . n 
A 1 101 TYR 101 240 240 TYR TYR A . n 
A 1 102 SER 102 241 241 SER SER A . n 
A 1 103 ASN 103 242 242 ASN ASN A . n 
A 1 104 SER 104 243 243 SER SER A . n 
A 1 105 ILE 105 244 244 ILE ILE A . n 
A 1 106 TYR 106 245 245 TYR TYR A . n 
A 1 107 GLU 107 246 246 GLU GLU A . n 
A 1 108 LEU 108 247 247 LEU LEU A . n 
A 1 109 LEU 109 248 248 LEU LEU A . n 
A 1 110 GLU 110 249 249 GLU GLU A . n 
A 1 111 ASN 111 250 250 ASN ASN A . n 
A 1 112 GLY 112 251 251 GLY GLY A . n 
A 1 113 GLN 113 252 252 GLN GLN A . n 
A 1 114 ARG 114 253 253 ARG ARG A . n 
A 1 115 ALA 115 254 254 ALA ALA A . n 
A 1 116 GLY 116 255 255 GLY GLY A . n 
A 1 117 THR 117 256 256 THR THR A . n 
A 1 118 CYS 118 257 257 CYS CYS A . n 
A 1 119 VAL 119 258 258 VAL VAL A . n 
A 1 120 LEU 120 259 259 LEU LEU A . n 
A 1 121 GLU 121 260 260 GLU GLU A . n 
A 1 122 TYR 122 261 261 TYR TYR A . n 
A 1 123 ALA 123 262 262 ALA ALA A . n 
A 1 124 THR 124 263 263 THR THR A . n 
A 1 125 PRO 125 264 264 PRO PRO A . n 
A 1 126 LEU 126 265 265 LEU LEU A . n 
A 1 127 GLN 127 266 266 GLN GLN A . n 
A 1 128 THR 128 267 267 THR THR A . n 
A 1 129 LEU 129 268 268 LEU LEU A . n 
A 1 130 PHE 130 269 269 PHE PHE A . n 
A 1 131 ALA 131 270 270 ALA ALA A . n 
A 1 132 MET 132 271 271 MET MET A . n 
A 1 133 SER 133 272 272 SER SER A . n 
A 1 134 GLN 134 273 273 GLN GLN A . n 
A 1 135 TYR 135 274 274 TYR TYR A . n 
A 1 136 SER 136 275 275 SER SER A . n 
A 1 137 GLN 137 276 276 GLN GLN A . n 
A 1 138 ALA 138 277 277 ALA ALA A . n 
A 1 139 GLY 139 278 278 GLY GLY A . n 
A 1 140 PHE 140 279 279 PHE PHE A . n 
A 1 141 SER 141 280 280 SER SER A . n 
A 1 142 ARG 142 281 281 ARG ARG A . n 
A 1 143 GLU 143 282 282 GLU GLU A . n 
A 1 144 ASP 144 283 283 ASP ASP A . n 
A 1 145 ARG 145 284 284 ARG ARG A . n 
A 1 146 LEU 146 285 285 LEU LEU A . n 
A 1 147 GLU 147 286 286 GLU GLU A . n 
A 1 148 GLN 148 287 287 GLN GLN A . n 
A 1 149 ALA 149 288 288 ALA ALA A . n 
A 1 150 LYS 150 289 289 LYS LYS A . n 
A 1 151 LEU 151 290 290 LEU LEU A . n 
A 1 152 PHE 152 291 291 PHE PHE A . n 
A 1 153 CYS 153 292 292 CYS CYS A . n 
A 1 154 ARG 154 293 293 ARG ARG A . n 
A 1 155 THR 155 294 294 THR THR A . n 
A 1 156 LEU 156 295 295 LEU LEU A . n 
A 1 157 GLU 157 296 296 GLU GLU A . n 
A 1 158 ASP 158 297 297 ASP ASP A . n 
A 1 159 ILE 159 298 298 ILE ILE A . n 
A 1 160 LEU 160 299 299 LEU LEU A . n 
A 1 161 ALA 161 300 300 ALA ALA A . n 
A 1 162 ASP 162 301 301 ASP ASP A . n 
A 1 163 ALA 163 302 302 ALA ALA A . n 
A 1 164 PRO 164 303 303 PRO PRO A . n 
A 1 165 GLU 165 304 304 GLU GLU A . n 
A 1 166 SER 166 305 305 SER SER A . n 
A 1 167 GLN 167 306 306 GLN GLN A . n 
A 1 168 ASN 168 307 307 ASN ASN A . n 
A 1 169 ASN 169 308 308 ASN ASN A . n 
A 1 170 CYS 170 309 309 CYS CYS A . n 
A 1 171 ARG 171 310 310 ARG ARG A . n 
A 1 172 LEU 172 311 311 LEU LEU A . n 
A 1 173 ILE 173 312 312 ILE ILE A . n 
A 1 174 ALA 174 313 313 ALA ALA A . n 
A 1 175 TYR 175 314 314 TYR TYR A . n 
A 1 176 GLN 176 315 315 GLN GLN A . n 
A 1 177 GLU 177 316 316 GLU GLU A . n 
A 1 178 PRO 178 317 317 PRO PRO A . n 
A 1 179 ALA 179 318 ?   ?   ?   A . n 
A 1 180 ASP 180 319 ?   ?   ?   A . n 
A 1 181 ASP 181 320 ?   ?   ?   A . n 
A 1 182 SER 182 321 ?   ?   ?   A . n 
A 1 183 SER 183 322 ?   ?   ?   A . n 
A 1 184 PHE 184 323 ?   ?   ?   A . n 
A 1 185 SER 185 324 324 SER SER A . n 
A 1 186 LEU 186 325 325 LEU LEU A . n 
A 1 187 SER 187 326 326 SER SER A . n 
A 1 188 GLN 188 327 327 GLN GLN A . n 
A 1 189 GLU 189 328 328 GLU GLU A . n 
A 1 190 VAL 190 329 329 VAL VAL A . n 
A 1 191 LEU 191 330 330 LEU LEU A . n 
A 1 192 ARG 192 331 331 ARG ARG A . n 
A 1 193 HIS 193 332 332 HIS HIS A . n 
A 1 194 LEU 194 333 333 LEU LEU A . n 
A 1 195 ARG 195 334 334 ARG ARG A . n 
A 1 196 GLN 196 335 335 GLN GLN A . n 
A 1 197 GLU 197 336 336 GLU GLU A . n 
A 1 198 GLU 198 337 ?   ?   ?   A . n 
A 1 199 LYS 199 338 ?   ?   ?   A . n 
A 1 200 GLU 200 339 ?   ?   ?   A . n 
A 1 201 GLU 201 340 ?   ?   ?   A . n 
A 1 202 VAL 202 341 ?   ?   ?   A . n 
A 1 203 THR 203 342 ?   ?   ?   A . n 
A 1 204 VAL 204 343 ?   ?   ?   A . n 
# 
_pdbx_contact_author.id                 2 
_pdbx_contact_author.email              boura@uochb.cas.cz 
_pdbx_contact_author.name_first         Evzen 
_pdbx_contact_author.name_last          Boura 
_pdbx_contact_author.name_mi            ? 
_pdbx_contact_author.role               'principal investigator/group leader' 
_pdbx_contact_author.identifier_ORCID   0000-0002-9652-4065 
# 
loop_
_pdbx_nonpoly_scheme.asym_id 
_pdbx_nonpoly_scheme.entity_id 
_pdbx_nonpoly_scheme.mon_id 
_pdbx_nonpoly_scheme.ndb_seq_num 
_pdbx_nonpoly_scheme.pdb_seq_num 
_pdbx_nonpoly_scheme.auth_seq_num 
_pdbx_nonpoly_scheme.pdb_mon_id 
_pdbx_nonpoly_scheme.auth_mon_id 
_pdbx_nonpoly_scheme.pdb_strand_id 
_pdbx_nonpoly_scheme.pdb_ins_code 
B 2 K1C 1  401 1  K1C 989 A . 
C 3 HOH 1  501 24 HOH HOH A . 
C 3 HOH 2  502 43 HOH HOH A . 
C 3 HOH 3  503 2  HOH HOH A . 
C 3 HOH 4  504 15 HOH HOH A . 
C 3 HOH 5  505 9  HOH HOH A . 
C 3 HOH 6  506 55 HOH HOH A . 
C 3 HOH 7  507 41 HOH HOH A . 
C 3 HOH 8  508 59 HOH HOH A . 
C 3 HOH 9  509 54 HOH HOH A . 
C 3 HOH 10 510 4  HOH HOH A . 
C 3 HOH 11 511 3  HOH HOH A . 
C 3 HOH 12 512 58 HOH HOH A . 
C 3 HOH 13 513 8  HOH HOH A . 
C 3 HOH 14 514 10 HOH HOH A . 
C 3 HOH 15 515 5  HOH HOH A . 
C 3 HOH 16 516 40 HOH HOH A . 
C 3 HOH 17 517 50 HOH HOH A . 
C 3 HOH 18 518 18 HOH HOH A . 
C 3 HOH 19 519 7  HOH HOH A . 
C 3 HOH 20 520 36 HOH HOH A . 
C 3 HOH 21 521 29 HOH HOH A . 
C 3 HOH 22 522 42 HOH HOH A . 
C 3 HOH 23 523 11 HOH HOH A . 
C 3 HOH 24 524 1  HOH HOH A . 
C 3 HOH 25 525 34 HOH HOH A . 
C 3 HOH 26 526 14 HOH HOH A . 
C 3 HOH 27 527 45 HOH HOH A . 
C 3 HOH 28 528 6  HOH HOH A . 
C 3 HOH 29 529 19 HOH HOH A . 
C 3 HOH 30 530 35 HOH HOH A . 
C 3 HOH 31 531 32 HOH HOH A . 
C 3 HOH 32 532 49 HOH HOH A . 
C 3 HOH 33 533 48 HOH HOH A . 
C 3 HOH 34 534 12 HOH HOH A . 
C 3 HOH 35 535 25 HOH HOH A . 
C 3 HOH 36 536 28 HOH HOH A . 
C 3 HOH 37 537 16 HOH HOH A . 
C 3 HOH 38 538 22 HOH HOH A . 
C 3 HOH 39 539 47 HOH HOH A . 
C 3 HOH 40 540 44 HOH HOH A . 
C 3 HOH 41 541 23 HOH HOH A . 
C 3 HOH 42 542 21 HOH HOH A . 
C 3 HOH 43 543 33 HOH HOH A . 
C 3 HOH 44 544 17 HOH HOH A . 
C 3 HOH 45 545 46 HOH HOH A . 
C 3 HOH 46 546 31 HOH HOH A . 
C 3 HOH 47 547 38 HOH HOH A . 
C 3 HOH 48 548 20 HOH HOH A . 
C 3 HOH 49 549 57 HOH HOH A . 
C 3 HOH 50 550 39 HOH HOH A . 
C 3 HOH 51 551 27 HOH HOH A . 
C 3 HOH 52 552 52 HOH HOH A . 
C 3 HOH 53 553 26 HOH HOH A . 
C 3 HOH 54 554 13 HOH HOH A . 
C 3 HOH 55 555 30 HOH HOH A . 
C 3 HOH 56 556 53 HOH HOH A . 
C 3 HOH 57 557 56 HOH HOH A . 
C 3 HOH 58 558 51 HOH HOH A . 
C 3 HOH 59 559 37 HOH HOH A . 
# 
_pdbx_struct_assembly.id                   1 
_pdbx_struct_assembly.details              author_and_software_defined_assembly 
_pdbx_struct_assembly.method_details       PISA 
_pdbx_struct_assembly.oligomeric_details   dimeric 
_pdbx_struct_assembly.oligomeric_count     2 
# 
_pdbx_struct_assembly_gen.assembly_id       1 
_pdbx_struct_assembly_gen.oper_expression   1,2 
_pdbx_struct_assembly_gen.asym_id_list      A,B,C 
# 
loop_
_pdbx_struct_assembly_prop.biol_id 
_pdbx_struct_assembly_prop.type 
_pdbx_struct_assembly_prop.value 
_pdbx_struct_assembly_prop.details 
1 'ABSA (A^2)' 4130  ? 
1 MORE         -14   ? 
1 'SSA (A^2)'  14900 ? 
# 
loop_
_pdbx_struct_oper_list.id 
_pdbx_struct_oper_list.type 
_pdbx_struct_oper_list.name 
_pdbx_struct_oper_list.symmetry_operation 
_pdbx_struct_oper_list.matrix[1][1] 
_pdbx_struct_oper_list.matrix[1][2] 
_pdbx_struct_oper_list.matrix[1][3] 
_pdbx_struct_oper_list.vector[1] 
_pdbx_struct_oper_list.matrix[2][1] 
_pdbx_struct_oper_list.matrix[2][2] 
_pdbx_struct_oper_list.matrix[2][3] 
_pdbx_struct_oper_list.vector[2] 
_pdbx_struct_oper_list.matrix[3][1] 
_pdbx_struct_oper_list.matrix[3][2] 
_pdbx_struct_oper_list.matrix[3][3] 
_pdbx_struct_oper_list.vector[3] 
1 'identity operation'         1_555 x,y,z  1.0000000000  0.0000000000 0.0000000000  0.0000000000  0.0000000000 1.0000000000  0.0000000000  0.0000000000   0.0000000000  0.0000000000  1.0000000000  0.0000000000  
2 'crystal symmetry operation' 7_555 y,x,-z -0.0035593918 0.9788392383 -0.2045997957 16.6563422492 0.9788392383 -0.0384512168 -0.2009856950 -18.0476492667 -0.2045997957 -0.2009856950 -0.9579893914 -5.2233261291 
# 
loop_
_pdbx_struct_special_symmetry.id 
_pdbx_struct_special_symmetry.PDB_model_num 
_pdbx_struct_special_symmetry.auth_asym_id 
_pdbx_struct_special_symmetry.auth_comp_id 
_pdbx_struct_special_symmetry.auth_seq_id 
_pdbx_struct_special_symmetry.PDB_ins_code 
_pdbx_struct_special_symmetry.label_asym_id 
_pdbx_struct_special_symmetry.label_comp_id 
_pdbx_struct_special_symmetry.label_seq_id 
1 1 A HOH 509 ? C HOH . 
2 1 A HOH 553 ? C HOH . 
# 
_pdbx_audit_revision_history.ordinal             1 
_pdbx_audit_revision_history.data_content_type   'Structure model' 
_pdbx_audit_revision_history.major_revision      1 
_pdbx_audit_revision_history.minor_revision      0 
_pdbx_audit_revision_history.revision_date       2023-11-22 
# 
_pdbx_audit_revision_details.ordinal             1 
_pdbx_audit_revision_details.revision_ordinal    1 
_pdbx_audit_revision_details.data_content_type   'Structure model' 
_pdbx_audit_revision_details.provider            repository 
_pdbx_audit_revision_details.type                'Initial release' 
_pdbx_audit_revision_details.description         ? 
_pdbx_audit_revision_details.details             ? 
# 
loop_
_space_group_symop.id 
_space_group_symop.operation_xyz 
1 x,y,z               
2 -y+1/2,x+1/2,z+1/4  
3 y+1/2,-x+1/2,z+3/4  
4 x+1/2,-y+1/2,-z+3/4 
5 -x+1/2,y+1/2,-z+1/4 
6 -x,-y,z+1/2         
7 y,x,-z              
8 -y,-x,-z+1/2        
# 
loop_
_software.citation_id 
_software.classification 
_software.compiler_name 
_software.compiler_version 
_software.contact_author 
_software.contact_author_email 
_software.date 
_software.description 
_software.dependencies 
_software.hardware 
_software.language 
_software.location 
_software.mods 
_software.name 
_software.os 
_software.os_version 
_software.type 
_software.version 
_software.pdbx_ordinal 
? 'data reduction' ? ? ? ? ? ? ? ? ? ? ? XDS    ? ? ? xdsgui2   1 
? 'data scaling'   ? ? ? ? ? ? ? ? ? ? ? XDS    ? ? ? xdsgui2   2 
? phasing          ? ? ? ? ? ? ? ? ? ? ? PHASER ? ? ? 2.8.3     3 
? 'model building' ? ? ? ? ? ? ? ? ? ? ? Coot   ? ? ? 0.9.6     4 
? refinement       ? ? ? ? ? ? ? ? ? ? ? PHENIX ? ? ? 1.20_4459 5 
# 
_pdbx_entry_details.entry_id                 7ZV0 
_pdbx_entry_details.has_ligand_of_interest   Y 
_pdbx_entry_details.compound_details         ? 
_pdbx_entry_details.source_details           ? 
_pdbx_entry_details.nonpolymer_details       ? 
_pdbx_entry_details.sequence_details         ? 
# 
_pdbx_validate_torsion.id              1 
_pdbx_validate_torsion.PDB_model_num   1 
_pdbx_validate_torsion.auth_comp_id    TYR 
_pdbx_validate_torsion.auth_asym_id    A 
_pdbx_validate_torsion.auth_seq_id     167 
_pdbx_validate_torsion.PDB_ins_code    ? 
_pdbx_validate_torsion.label_alt_id    ? 
_pdbx_validate_torsion.phi             -140.62 
_pdbx_validate_torsion.psi             -68.07 
# 
loop_
_pdbx_unobs_or_zero_occ_residues.id 
_pdbx_unobs_or_zero_occ_residues.PDB_model_num 
_pdbx_unobs_or_zero_occ_residues.polymer_flag 
_pdbx_unobs_or_zero_occ_residues.occupancy_flag 
_pdbx_unobs_or_zero_occ_residues.auth_asym_id 
_pdbx_unobs_or_zero_occ_residues.auth_comp_id 
_pdbx_unobs_or_zero_occ_residues.auth_seq_id 
_pdbx_unobs_or_zero_occ_residues.PDB_ins_code 
_pdbx_unobs_or_zero_occ_residues.label_asym_id 
_pdbx_unobs_or_zero_occ_residues.label_comp_id 
_pdbx_unobs_or_zero_occ_residues.label_seq_id 
1  1 Y 1 A ALA 140 ? A ALA 1   
2  1 Y 1 A PRO 141 ? A PRO 2   
3  1 Y 1 A ALA 142 ? A ALA 3   
4  1 Y 1 A GLU 143 ? A GLU 4   
5  1 Y 1 A ILE 144 ? A ILE 5   
6  1 Y 1 A SER 145 ? A SER 6   
7  1 Y 1 A ALA 146 ? A ALA 7   
8  1 Y 1 A VAL 147 ? A VAL 8   
9  1 Y 1 A CYS 148 ? A CYS 9   
10 1 Y 1 A GLU 149 ? A GLU 10  
11 1 Y 1 A LYS 150 ? A LYS 11  
12 1 Y 1 A GLY 151 ? A GLY 12  
13 1 Y 1 A ASN 152 ? A ASN 13  
14 1 Y 1 A PHE 153 ? A PHE 14  
15 1 Y 1 A HIS 185 ? A HIS 46  
16 1 Y 1 A TYR 186 ? A TYR 47  
17 1 Y 1 A ASN 187 ? A ASN 48  
18 1 Y 1 A ASN 188 ? A ASN 49  
19 1 Y 1 A LEU 189 ? A LEU 50  
20 1 Y 1 A LEU 190 ? A LEU 51  
21 1 Y 1 A ARG 191 ? A ARG 52  
22 1 Y 1 A GLY 192 ? A GLY 53  
23 1 Y 1 A ALA 318 ? A ALA 179 
24 1 Y 1 A ASP 319 ? A ASP 180 
25 1 Y 1 A ASP 320 ? A ASP 181 
26 1 Y 1 A SER 321 ? A SER 182 
27 1 Y 1 A SER 322 ? A SER 183 
28 1 Y 1 A PHE 323 ? A PHE 184 
29 1 Y 1 A GLU 337 ? A GLU 198 
30 1 Y 1 A LYS 338 ? A LYS 199 
31 1 Y 1 A GLU 339 ? A GLU 200 
32 1 Y 1 A GLU 340 ? A GLU 201 
33 1 Y 1 A VAL 341 ? A VAL 202 
34 1 Y 1 A THR 342 ? A THR 203 
35 1 Y 1 A VAL 343 ? A VAL 204 
# 
loop_
_chem_comp_atom.comp_id 
_chem_comp_atom.atom_id 
_chem_comp_atom.type_symbol 
_chem_comp_atom.pdbx_aromatic_flag 
_chem_comp_atom.pdbx_stereo_config 
_chem_comp_atom.pdbx_ordinal 
ALA N    N N N 1   
ALA CA   C N S 2   
ALA C    C N N 3   
ALA O    O N N 4   
ALA CB   C N N 5   
ALA OXT  O N N 6   
ALA H    H N N 7   
ALA H2   H N N 8   
ALA HA   H N N 9   
ALA HB1  H N N 10  
ALA HB2  H N N 11  
ALA HB3  H N N 12  
ALA HXT  H N N 13  
ARG N    N N N 14  
ARG CA   C N S 15  
ARG C    C N N 16  
ARG O    O N N 17  
ARG CB   C N N 18  
ARG CG   C N N 19  
ARG CD   C N N 20  
ARG NE   N N N 21  
ARG CZ   C N N 22  
ARG NH1  N N N 23  
ARG NH2  N N N 24  
ARG OXT  O N N 25  
ARG H    H N N 26  
ARG H2   H N N 27  
ARG HA   H N N 28  
ARG HB2  H N N 29  
ARG HB3  H N N 30  
ARG HG2  H N N 31  
ARG HG3  H N N 32  
ARG HD2  H N N 33  
ARG HD3  H N N 34  
ARG HE   H N N 35  
ARG HH11 H N N 36  
ARG HH12 H N N 37  
ARG HH21 H N N 38  
ARG HH22 H N N 39  
ARG HXT  H N N 40  
ASN N    N N N 41  
ASN CA   C N S 42  
ASN C    C N N 43  
ASN O    O N N 44  
ASN CB   C N N 45  
ASN CG   C N N 46  
ASN OD1  O N N 47  
ASN ND2  N N N 48  
ASN OXT  O N N 49  
ASN H    H N N 50  
ASN H2   H N N 51  
ASN HA   H N N 52  
ASN HB2  H N N 53  
ASN HB3  H N N 54  
ASN HD21 H N N 55  
ASN HD22 H N N 56  
ASN HXT  H N N 57  
ASP N    N N N 58  
ASP CA   C N S 59  
ASP C    C N N 60  
ASP O    O N N 61  
ASP CB   C N N 62  
ASP CG   C N N 63  
ASP OD1  O N N 64  
ASP OD2  O N N 65  
ASP OXT  O N N 66  
ASP H    H N N 67  
ASP H2   H N N 68  
ASP HA   H N N 69  
ASP HB2  H N N 70  
ASP HB3  H N N 71  
ASP HD2  H N N 72  
ASP HXT  H N N 73  
CYS N    N N N 74  
CYS CA   C N R 75  
CYS C    C N N 76  
CYS O    O N N 77  
CYS CB   C N N 78  
CYS SG   S N N 79  
CYS OXT  O N N 80  
CYS H    H N N 81  
CYS H2   H N N 82  
CYS HA   H N N 83  
CYS HB2  H N N 84  
CYS HB3  H N N 85  
CYS HG   H N N 86  
CYS HXT  H N N 87  
GLN N    N N N 88  
GLN CA   C N S 89  
GLN C    C N N 90  
GLN O    O N N 91  
GLN CB   C N N 92  
GLN CG   C N N 93  
GLN CD   C N N 94  
GLN OE1  O N N 95  
GLN NE2  N N N 96  
GLN OXT  O N N 97  
GLN H    H N N 98  
GLN H2   H N N 99  
GLN HA   H N N 100 
GLN HB2  H N N 101 
GLN HB3  H N N 102 
GLN HG2  H N N 103 
GLN HG3  H N N 104 
GLN HE21 H N N 105 
GLN HE22 H N N 106 
GLN HXT  H N N 107 
GLU N    N N N 108 
GLU CA   C N S 109 
GLU C    C N N 110 
GLU O    O N N 111 
GLU CB   C N N 112 
GLU CG   C N N 113 
GLU CD   C N N 114 
GLU OE1  O N N 115 
GLU OE2  O N N 116 
GLU OXT  O N N 117 
GLU H    H N N 118 
GLU H2   H N N 119 
GLU HA   H N N 120 
GLU HB2  H N N 121 
GLU HB3  H N N 122 
GLU HG2  H N N 123 
GLU HG3  H N N 124 
GLU HE2  H N N 125 
GLU HXT  H N N 126 
GLY N    N N N 127 
GLY CA   C N N 128 
GLY C    C N N 129 
GLY O    O N N 130 
GLY OXT  O N N 131 
GLY H    H N N 132 
GLY H2   H N N 133 
GLY HA2  H N N 134 
GLY HA3  H N N 135 
GLY HXT  H N N 136 
HIS N    N N N 137 
HIS CA   C N S 138 
HIS C    C N N 139 
HIS O    O N N 140 
HIS CB   C N N 141 
HIS CG   C Y N 142 
HIS ND1  N Y N 143 
HIS CD2  C Y N 144 
HIS CE1  C Y N 145 
HIS NE2  N Y N 146 
HIS OXT  O N N 147 
HIS H    H N N 148 
HIS H2   H N N 149 
HIS HA   H N N 150 
HIS HB2  H N N 151 
HIS HB3  H N N 152 
HIS HD1  H N N 153 
HIS HD2  H N N 154 
HIS HE1  H N N 155 
HIS HE2  H N N 156 
HIS HXT  H N N 157 
HOH O    O N N 158 
HOH H1   H N N 159 
HOH H2   H N N 160 
ILE N    N N N 161 
ILE CA   C N S 162 
ILE C    C N N 163 
ILE O    O N N 164 
ILE CB   C N S 165 
ILE CG1  C N N 166 
ILE CG2  C N N 167 
ILE CD1  C N N 168 
ILE OXT  O N N 169 
ILE H    H N N 170 
ILE H2   H N N 171 
ILE HA   H N N 172 
ILE HB   H N N 173 
ILE HG12 H N N 174 
ILE HG13 H N N 175 
ILE HG21 H N N 176 
ILE HG22 H N N 177 
ILE HG23 H N N 178 
ILE HD11 H N N 179 
ILE HD12 H N N 180 
ILE HD13 H N N 181 
ILE HXT  H N N 182 
K1C C21  C N R 183 
K1C O23  O N N 184 
K1C C18  C Y N 185 
K1C N17  N Y N 186 
K1C C25  C N N 187 
K1C C24  C N R 188 
K1C C33  C N R 189 
K1C O35  O N N 190 
K1C C8   C Y N 191 
K1C C4   C Y N 192 
K1C C5   C Y N 193 
K1C C6   C Y N 194 
K1C C2   C Y N 195 
K1C C36  C N N 196 
K1C C12  C Y N 197 
K1C C14  C Y N 198 
K1C C15  C Y N 199 
K1C C16  C Y N 200 
K1C C22  C N R 201 
K1C C23  C N R 202 
K1C C31  C N R 203 
K1C C32  C N S 204 
K1C C34  C N R 205 
K1C C35  C N N 206 
K1C F22  F N N 207 
K1C F32  F N N 208 
K1C N1   N Y N 209 
K1C N11  N Y N 210 
K1C N13  N Y N 211 
K1C N16  N N N 212 
K1C N19  N Y N 213 
K1C N3   N Y N 214 
K1C N6   N N N 215 
K1C N7   N Y N 216 
K1C N9   N Y N 217 
K1C O24  O N N 218 
K1C O25  O N N 219 
K1C O33  O N N 220 
K1C P25  P N N 221 
K1C P35  P N N 222 
K1C O25A O N N 223 
K1C O25B O N N 224 
K1C O35A O N N 225 
K1C O35B O N N 226 
K1C H1   H N N 227 
K1C H2   H N N 228 
K1C H3   H N N 229 
K1C H4   H N N 230 
K1C H5   H N N 231 
K1C H6   H N N 232 
K1C H7   H N N 233 
K1C H8   H N N 234 
K1C H9   H N N 235 
K1C H10  H N N 236 
K1C H11  H N N 237 
K1C H12  H N N 238 
K1C H13  H N N 239 
K1C H14  H N N 240 
K1C H15  H N N 241 
K1C H16  H N N 242 
K1C H17  H N N 243 
K1C H18  H N N 244 
K1C H19  H N N 245 
K1C H20  H N N 246 
K1C H21  H N N 247 
K1C H22  H N N 248 
K1C H23  H N N 249 
K1C H24  H N N 250 
LEU N    N N N 251 
LEU CA   C N S 252 
LEU C    C N N 253 
LEU O    O N N 254 
LEU CB   C N N 255 
LEU CG   C N N 256 
LEU CD1  C N N 257 
LEU CD2  C N N 258 
LEU OXT  O N N 259 
LEU H    H N N 260 
LEU H2   H N N 261 
LEU HA   H N N 262 
LEU HB2  H N N 263 
LEU HB3  H N N 264 
LEU HG   H N N 265 
LEU HD11 H N N 266 
LEU HD12 H N N 267 
LEU HD13 H N N 268 
LEU HD21 H N N 269 
LEU HD22 H N N 270 
LEU HD23 H N N 271 
LEU HXT  H N N 272 
LYS N    N N N 273 
LYS CA   C N S 274 
LYS C    C N N 275 
LYS O    O N N 276 
LYS CB   C N N 277 
LYS CG   C N N 278 
LYS CD   C N N 279 
LYS CE   C N N 280 
LYS NZ   N N N 281 
LYS OXT  O N N 282 
LYS H    H N N 283 
LYS H2   H N N 284 
LYS HA   H N N 285 
LYS HB2  H N N 286 
LYS HB3  H N N 287 
LYS HG2  H N N 288 
LYS HG3  H N N 289 
LYS HD2  H N N 290 
LYS HD3  H N N 291 
LYS HE2  H N N 292 
LYS HE3  H N N 293 
LYS HZ1  H N N 294 
LYS HZ2  H N N 295 
LYS HZ3  H N N 296 
LYS HXT  H N N 297 
MET N    N N N 298 
MET CA   C N S 299 
MET C    C N N 300 
MET O    O N N 301 
MET CB   C N N 302 
MET CG   C N N 303 
MET SD   S N N 304 
MET CE   C N N 305 
MET OXT  O N N 306 
MET H    H N N 307 
MET H2   H N N 308 
MET HA   H N N 309 
MET HB2  H N N 310 
MET HB3  H N N 311 
MET HG2  H N N 312 
MET HG3  H N N 313 
MET HE1  H N N 314 
MET HE2  H N N 315 
MET HE3  H N N 316 
MET HXT  H N N 317 
PHE N    N N N 318 
PHE CA   C N S 319 
PHE C    C N N 320 
PHE O    O N N 321 
PHE CB   C N N 322 
PHE CG   C Y N 323 
PHE CD1  C Y N 324 
PHE CD2  C Y N 325 
PHE CE1  C Y N 326 
PHE CE2  C Y N 327 
PHE CZ   C Y N 328 
PHE OXT  O N N 329 
PHE H    H N N 330 
PHE H2   H N N 331 
PHE HA   H N N 332 
PHE HB2  H N N 333 
PHE HB3  H N N 334 
PHE HD1  H N N 335 
PHE HD2  H N N 336 
PHE HE1  H N N 337 
PHE HE2  H N N 338 
PHE HZ   H N N 339 
PHE HXT  H N N 340 
PRO N    N N N 341 
PRO CA   C N S 342 
PRO C    C N N 343 
PRO O    O N N 344 
PRO CB   C N N 345 
PRO CG   C N N 346 
PRO CD   C N N 347 
PRO OXT  O N N 348 
PRO H    H N N 349 
PRO HA   H N N 350 
PRO HB2  H N N 351 
PRO HB3  H N N 352 
PRO HG2  H N N 353 
PRO HG3  H N N 354 
PRO HD2  H N N 355 
PRO HD3  H N N 356 
PRO HXT  H N N 357 
SER N    N N N 358 
SER CA   C N S 359 
SER C    C N N 360 
SER O    O N N 361 
SER CB   C N N 362 
SER OG   O N N 363 
SER OXT  O N N 364 
SER H    H N N 365 
SER H2   H N N 366 
SER HA   H N N 367 
SER HB2  H N N 368 
SER HB3  H N N 369 
SER HG   H N N 370 
SER HXT  H N N 371 
THR N    N N N 372 
THR CA   C N S 373 
THR C    C N N 374 
THR O    O N N 375 
THR CB   C N R 376 
THR OG1  O N N 377 
THR CG2  C N N 378 
THR OXT  O N N 379 
THR H    H N N 380 
THR H2   H N N 381 
THR HA   H N N 382 
THR HB   H N N 383 
THR HG1  H N N 384 
THR HG21 H N N 385 
THR HG22 H N N 386 
THR HG23 H N N 387 
THR HXT  H N N 388 
TRP N    N N N 389 
TRP CA   C N S 390 
TRP C    C N N 391 
TRP O    O N N 392 
TRP CB   C N N 393 
TRP CG   C Y N 394 
TRP CD1  C Y N 395 
TRP CD2  C Y N 396 
TRP NE1  N Y N 397 
TRP CE2  C Y N 398 
TRP CE3  C Y N 399 
TRP CZ2  C Y N 400 
TRP CZ3  C Y N 401 
TRP CH2  C Y N 402 
TRP OXT  O N N 403 
TRP H    H N N 404 
TRP H2   H N N 405 
TRP HA   H N N 406 
TRP HB2  H N N 407 
TRP HB3  H N N 408 
TRP HD1  H N N 409 
TRP HE1  H N N 410 
TRP HE3  H N N 411 
TRP HZ2  H N N 412 
TRP HZ3  H N N 413 
TRP HH2  H N N 414 
TRP HXT  H N N 415 
TYR N    N N N 416 
TYR CA   C N S 417 
TYR C    C N N 418 
TYR O    O N N 419 
TYR CB   C N N 420 
TYR CG   C Y N 421 
TYR CD1  C Y N 422 
TYR CD2  C Y N 423 
TYR CE1  C Y N 424 
TYR CE2  C Y N 425 
TYR CZ   C Y N 426 
TYR OH   O N N 427 
TYR OXT  O N N 428 
TYR H    H N N 429 
TYR H2   H N N 430 
TYR HA   H N N 431 
TYR HB2  H N N 432 
TYR HB3  H N N 433 
TYR HD1  H N N 434 
TYR HD2  H N N 435 
TYR HE1  H N N 436 
TYR HE2  H N N 437 
TYR HH   H N N 438 
TYR HXT  H N N 439 
VAL N    N N N 440 
VAL CA   C N S 441 
VAL C    C N N 442 
VAL O    O N N 443 
VAL CB   C N N 444 
VAL CG1  C N N 445 
VAL CG2  C N N 446 
VAL OXT  O N N 447 
VAL H    H N N 448 
VAL H2   H N N 449 
VAL HA   H N N 450 
VAL HB   H N N 451 
VAL HG11 H N N 452 
VAL HG12 H N N 453 
VAL HG13 H N N 454 
VAL HG21 H N N 455 
VAL HG22 H N N 456 
VAL HG23 H N N 457 
VAL HXT  H N N 458 
# 
loop_
_chem_comp_bond.comp_id 
_chem_comp_bond.atom_id_1 
_chem_comp_bond.atom_id_2 
_chem_comp_bond.value_order 
_chem_comp_bond.pdbx_aromatic_flag 
_chem_comp_bond.pdbx_stereo_config 
_chem_comp_bond.pdbx_ordinal 
ALA N    CA   sing N N 1   
ALA N    H    sing N N 2   
ALA N    H2   sing N N 3   
ALA CA   C    sing N N 4   
ALA CA   CB   sing N N 5   
ALA CA   HA   sing N N 6   
ALA C    O    doub N N 7   
ALA C    OXT  sing N N 8   
ALA CB   HB1  sing N N 9   
ALA CB   HB2  sing N N 10  
ALA CB   HB3  sing N N 11  
ALA OXT  HXT  sing N N 12  
ARG N    CA   sing N N 13  
ARG N    H    sing N N 14  
ARG N    H2   sing N N 15  
ARG CA   C    sing N N 16  
ARG CA   CB   sing N N 17  
ARG CA   HA   sing N N 18  
ARG C    O    doub N N 19  
ARG C    OXT  sing N N 20  
ARG CB   CG   sing N N 21  
ARG CB   HB2  sing N N 22  
ARG CB   HB3  sing N N 23  
ARG CG   CD   sing N N 24  
ARG CG   HG2  sing N N 25  
ARG CG   HG3  sing N N 26  
ARG CD   NE   sing N N 27  
ARG CD   HD2  sing N N 28  
ARG CD   HD3  sing N N 29  
ARG NE   CZ   sing N N 30  
ARG NE   HE   sing N N 31  
ARG CZ   NH1  sing N N 32  
ARG CZ   NH2  doub N N 33  
ARG NH1  HH11 sing N N 34  
ARG NH1  HH12 sing N N 35  
ARG NH2  HH21 sing N N 36  
ARG NH2  HH22 sing N N 37  
ARG OXT  HXT  sing N N 38  
ASN N    CA   sing N N 39  
ASN N    H    sing N N 40  
ASN N    H2   sing N N 41  
ASN CA   C    sing N N 42  
ASN CA   CB   sing N N 43  
ASN CA   HA   sing N N 44  
ASN C    O    doub N N 45  
ASN C    OXT  sing N N 46  
ASN CB   CG   sing N N 47  
ASN CB   HB2  sing N N 48  
ASN CB   HB3  sing N N 49  
ASN CG   OD1  doub N N 50  
ASN CG   ND2  sing N N 51  
ASN ND2  HD21 sing N N 52  
ASN ND2  HD22 sing N N 53  
ASN OXT  HXT  sing N N 54  
ASP N    CA   sing N N 55  
ASP N    H    sing N N 56  
ASP N    H2   sing N N 57  
ASP CA   C    sing N N 58  
ASP CA   CB   sing N N 59  
ASP CA   HA   sing N N 60  
ASP C    O    doub N N 61  
ASP C    OXT  sing N N 62  
ASP CB   CG   sing N N 63  
ASP CB   HB2  sing N N 64  
ASP CB   HB3  sing N N 65  
ASP CG   OD1  doub N N 66  
ASP CG   OD2  sing N N 67  
ASP OD2  HD2  sing N N 68  
ASP OXT  HXT  sing N N 69  
CYS N    CA   sing N N 70  
CYS N    H    sing N N 71  
CYS N    H2   sing N N 72  
CYS CA   C    sing N N 73  
CYS CA   CB   sing N N 74  
CYS CA   HA   sing N N 75  
CYS C    O    doub N N 76  
CYS C    OXT  sing N N 77  
CYS CB   SG   sing N N 78  
CYS CB   HB2  sing N N 79  
CYS CB   HB3  sing N N 80  
CYS SG   HG   sing N N 81  
CYS OXT  HXT  sing N N 82  
GLN N    CA   sing N N 83  
GLN N    H    sing N N 84  
GLN N    H2   sing N N 85  
GLN CA   C    sing N N 86  
GLN CA   CB   sing N N 87  
GLN CA   HA   sing N N 88  
GLN C    O    doub N N 89  
GLN C    OXT  sing N N 90  
GLN CB   CG   sing N N 91  
GLN CB   HB2  sing N N 92  
GLN CB   HB3  sing N N 93  
GLN CG   CD   sing N N 94  
GLN CG   HG2  sing N N 95  
GLN CG   HG3  sing N N 96  
GLN CD   OE1  doub N N 97  
GLN CD   NE2  sing N N 98  
GLN NE2  HE21 sing N N 99  
GLN NE2  HE22 sing N N 100 
GLN OXT  HXT  sing N N 101 
GLU N    CA   sing N N 102 
GLU N    H    sing N N 103 
GLU N    H2   sing N N 104 
GLU CA   C    sing N N 105 
GLU CA   CB   sing N N 106 
GLU CA   HA   sing N N 107 
GLU C    O    doub N N 108 
GLU C    OXT  sing N N 109 
GLU CB   CG   sing N N 110 
GLU CB   HB2  sing N N 111 
GLU CB   HB3  sing N N 112 
GLU CG   CD   sing N N 113 
GLU CG   HG2  sing N N 114 
GLU CG   HG3  sing N N 115 
GLU CD   OE1  doub N N 116 
GLU CD   OE2  sing N N 117 
GLU OE2  HE2  sing N N 118 
GLU OXT  HXT  sing N N 119 
GLY N    CA   sing N N 120 
GLY N    H    sing N N 121 
GLY N    H2   sing N N 122 
GLY CA   C    sing N N 123 
GLY CA   HA2  sing N N 124 
GLY CA   HA3  sing N N 125 
GLY C    O    doub N N 126 
GLY C    OXT  sing N N 127 
GLY OXT  HXT  sing N N 128 
HIS N    CA   sing N N 129 
HIS N    H    sing N N 130 
HIS N    H2   sing N N 131 
HIS CA   C    sing N N 132 
HIS CA   CB   sing N N 133 
HIS CA   HA   sing N N 134 
HIS C    O    doub N N 135 
HIS C    OXT  sing N N 136 
HIS CB   CG   sing N N 137 
HIS CB   HB2  sing N N 138 
HIS CB   HB3  sing N N 139 
HIS CG   ND1  sing Y N 140 
HIS CG   CD2  doub Y N 141 
HIS ND1  CE1  doub Y N 142 
HIS ND1  HD1  sing N N 143 
HIS CD2  NE2  sing Y N 144 
HIS CD2  HD2  sing N N 145 
HIS CE1  NE2  sing Y N 146 
HIS CE1  HE1  sing N N 147 
HIS NE2  HE2  sing N N 148 
HIS OXT  HXT  sing N N 149 
HOH O    H1   sing N N 150 
HOH O    H2   sing N N 151 
ILE N    CA   sing N N 152 
ILE N    H    sing N N 153 
ILE N    H2   sing N N 154 
ILE CA   C    sing N N 155 
ILE CA   CB   sing N N 156 
ILE CA   HA   sing N N 157 
ILE C    O    doub N N 158 
ILE C    OXT  sing N N 159 
ILE CB   CG1  sing N N 160 
ILE CB   CG2  sing N N 161 
ILE CB   HB   sing N N 162 
ILE CG1  CD1  sing N N 163 
ILE CG1  HG12 sing N N 164 
ILE CG1  HG13 sing N N 165 
ILE CG2  HG21 sing N N 166 
ILE CG2  HG22 sing N N 167 
ILE CG2  HG23 sing N N 168 
ILE CD1  HD11 sing N N 169 
ILE CD1  HD12 sing N N 170 
ILE CD1  HD13 sing N N 171 
ILE OXT  HXT  sing N N 172 
K1C O35B P35  doub N N 173 
K1C O35A P35  sing N N 174 
K1C P35  O35  sing N N 175 
K1C P35  O23  sing N N 176 
K1C C36  C31  sing N N 177 
K1C C36  C34  sing N N 178 
K1C N17  C18  doub Y N 179 
K1C N17  C15  sing Y N 180 
K1C C18  N19  sing Y N 181 
K1C O35  C35  sing N N 182 
K1C C35  C34  sing N N 183 
K1C N19  C31  sing N N 184 
K1C N19  C14  sing Y N 185 
K1C C15  C16  doub Y N 186 
K1C C15  C14  sing Y N 187 
K1C N16  C16  sing N N 188 
K1C C31  C32  sing N N 189 
K1C C16  N11  sing Y N 190 
K1C C34  C33  sing N N 191 
K1C C14  N13  doub Y N 192 
K1C O23  C23  sing N N 193 
K1C N11  C12  doub Y N 194 
K1C N13  C12  sing Y N 195 
K1C F22  C22  sing N N 196 
K1C C32  C33  sing N N 197 
K1C C32  F32  sing N N 198 
K1C C33  O33  sing N N 199 
K1C C22  C23  sing N N 200 
K1C C22  C21  sing N N 201 
K1C C23  C24  sing N N 202 
K1C C2   N3   doub Y N 203 
K1C C2   N1   sing Y N 204 
K1C N3   C4   sing Y N 205 
K1C N1   C6   doub Y N 206 
K1C O33  P25  sing N N 207 
K1C C4   N9   sing Y N 208 
K1C C4   C5   doub Y N 209 
K1C C24  C25  sing N N 210 
K1C C24  O24  sing N N 211 
K1C C6   C5   sing Y N 212 
K1C C6   N6   sing N N 213 
K1C C21  N9   sing N N 214 
K1C C21  O24  sing N N 215 
K1C N9   C8   sing Y N 216 
K1C C5   N7   sing Y N 217 
K1C C25  O25  sing N N 218 
K1C O25  P25  sing N N 219 
K1C C8   N7   doub Y N 220 
K1C P25  O25B doub N N 221 
K1C P25  O25A sing N N 222 
K1C C21  H1   sing N N 223 
K1C C18  H2   sing N N 224 
K1C C25  H3   sing N N 225 
K1C C25  H4   sing N N 226 
K1C C24  H5   sing N N 227 
K1C C33  H6   sing N N 228 
K1C C8   H7   sing N N 229 
K1C C2   H8   sing N N 230 
K1C C36  H9   sing N N 231 
K1C C36  H10  sing N N 232 
K1C C12  H11  sing N N 233 
K1C C22  H12  sing N N 234 
K1C C23  H13  sing N N 235 
K1C C31  H14  sing N N 236 
K1C C32  H15  sing N N 237 
K1C C34  H16  sing N N 238 
K1C C35  H17  sing N N 239 
K1C C35  H18  sing N N 240 
K1C N16  H19  sing N N 241 
K1C N16  H20  sing N N 242 
K1C N6   H21  sing N N 243 
K1C N6   H22  sing N N 244 
K1C O25A H23  sing N N 245 
K1C O35A H24  sing N N 246 
LEU N    CA   sing N N 247 
LEU N    H    sing N N 248 
LEU N    H2   sing N N 249 
LEU CA   C    sing N N 250 
LEU CA   CB   sing N N 251 
LEU CA   HA   sing N N 252 
LEU C    O    doub N N 253 
LEU C    OXT  sing N N 254 
LEU CB   CG   sing N N 255 
LEU CB   HB2  sing N N 256 
LEU CB   HB3  sing N N 257 
LEU CG   CD1  sing N N 258 
LEU CG   CD2  sing N N 259 
LEU CG   HG   sing N N 260 
LEU CD1  HD11 sing N N 261 
LEU CD1  HD12 sing N N 262 
LEU CD1  HD13 sing N N 263 
LEU CD2  HD21 sing N N 264 
LEU CD2  HD22 sing N N 265 
LEU CD2  HD23 sing N N 266 
LEU OXT  HXT  sing N N 267 
LYS N    CA   sing N N 268 
LYS N    H    sing N N 269 
LYS N    H2   sing N N 270 
LYS CA   C    sing N N 271 
LYS CA   CB   sing N N 272 
LYS CA   HA   sing N N 273 
LYS C    O    doub N N 274 
LYS C    OXT  sing N N 275 
LYS CB   CG   sing N N 276 
LYS CB   HB2  sing N N 277 
LYS CB   HB3  sing N N 278 
LYS CG   CD   sing N N 279 
LYS CG   HG2  sing N N 280 
LYS CG   HG3  sing N N 281 
LYS CD   CE   sing N N 282 
LYS CD   HD2  sing N N 283 
LYS CD   HD3  sing N N 284 
LYS CE   NZ   sing N N 285 
LYS CE   HE2  sing N N 286 
LYS CE   HE3  sing N N 287 
LYS NZ   HZ1  sing N N 288 
LYS NZ   HZ2  sing N N 289 
LYS NZ   HZ3  sing N N 290 
LYS OXT  HXT  sing N N 291 
MET N    CA   sing N N 292 
MET N    H    sing N N 293 
MET N    H2   sing N N 294 
MET CA   C    sing N N 295 
MET CA   CB   sing N N 296 
MET CA   HA   sing N N 297 
MET C    O    doub N N 298 
MET C    OXT  sing N N 299 
MET CB   CG   sing N N 300 
MET CB   HB2  sing N N 301 
MET CB   HB3  sing N N 302 
MET CG   SD   sing N N 303 
MET CG   HG2  sing N N 304 
MET CG   HG3  sing N N 305 
MET SD   CE   sing N N 306 
MET CE   HE1  sing N N 307 
MET CE   HE2  sing N N 308 
MET CE   HE3  sing N N 309 
MET OXT  HXT  sing N N 310 
PHE N    CA   sing N N 311 
PHE N    H    sing N N 312 
PHE N    H2   sing N N 313 
PHE CA   C    sing N N 314 
PHE CA   CB   sing N N 315 
PHE CA   HA   sing N N 316 
PHE C    O    doub N N 317 
PHE C    OXT  sing N N 318 
PHE CB   CG   sing N N 319 
PHE CB   HB2  sing N N 320 
PHE CB   HB3  sing N N 321 
PHE CG   CD1  doub Y N 322 
PHE CG   CD2  sing Y N 323 
PHE CD1  CE1  sing Y N 324 
PHE CD1  HD1  sing N N 325 
PHE CD2  CE2  doub Y N 326 
PHE CD2  HD2  sing N N 327 
PHE CE1  CZ   doub Y N 328 
PHE CE1  HE1  sing N N 329 
PHE CE2  CZ   sing Y N 330 
PHE CE2  HE2  sing N N 331 
PHE CZ   HZ   sing N N 332 
PHE OXT  HXT  sing N N 333 
PRO N    CA   sing N N 334 
PRO N    CD   sing N N 335 
PRO N    H    sing N N 336 
PRO CA   C    sing N N 337 
PRO CA   CB   sing N N 338 
PRO CA   HA   sing N N 339 
PRO C    O    doub N N 340 
PRO C    OXT  sing N N 341 
PRO CB   CG   sing N N 342 
PRO CB   HB2  sing N N 343 
PRO CB   HB3  sing N N 344 
PRO CG   CD   sing N N 345 
PRO CG   HG2  sing N N 346 
PRO CG   HG3  sing N N 347 
PRO CD   HD2  sing N N 348 
PRO CD   HD3  sing N N 349 
PRO OXT  HXT  sing N N 350 
SER N    CA   sing N N 351 
SER N    H    sing N N 352 
SER N    H2   sing N N 353 
SER CA   C    sing N N 354 
SER CA   CB   sing N N 355 
SER CA   HA   sing N N 356 
SER C    O    doub N N 357 
SER C    OXT  sing N N 358 
SER CB   OG   sing N N 359 
SER CB   HB2  sing N N 360 
SER CB   HB3  sing N N 361 
SER OG   HG   sing N N 362 
SER OXT  HXT  sing N N 363 
THR N    CA   sing N N 364 
THR N    H    sing N N 365 
THR N    H2   sing N N 366 
THR CA   C    sing N N 367 
THR CA   CB   sing N N 368 
THR CA   HA   sing N N 369 
THR C    O    doub N N 370 
THR C    OXT  sing N N 371 
THR CB   OG1  sing N N 372 
THR CB   CG2  sing N N 373 
THR CB   HB   sing N N 374 
THR OG1  HG1  sing N N 375 
THR CG2  HG21 sing N N 376 
THR CG2  HG22 sing N N 377 
THR CG2  HG23 sing N N 378 
THR OXT  HXT  sing N N 379 
TRP N    CA   sing N N 380 
TRP N    H    sing N N 381 
TRP N    H2   sing N N 382 
TRP CA   C    sing N N 383 
TRP CA   CB   sing N N 384 
TRP CA   HA   sing N N 385 
TRP C    O    doub N N 386 
TRP C    OXT  sing N N 387 
TRP CB   CG   sing N N 388 
TRP CB   HB2  sing N N 389 
TRP CB   HB3  sing N N 390 
TRP CG   CD1  doub Y N 391 
TRP CG   CD2  sing Y N 392 
TRP CD1  NE1  sing Y N 393 
TRP CD1  HD1  sing N N 394 
TRP CD2  CE2  doub Y N 395 
TRP CD2  CE3  sing Y N 396 
TRP NE1  CE2  sing Y N 397 
TRP NE1  HE1  sing N N 398 
TRP CE2  CZ2  sing Y N 399 
TRP CE3  CZ3  doub Y N 400 
TRP CE3  HE3  sing N N 401 
TRP CZ2  CH2  doub Y N 402 
TRP CZ2  HZ2  sing N N 403 
TRP CZ3  CH2  sing Y N 404 
TRP CZ3  HZ3  sing N N 405 
TRP CH2  HH2  sing N N 406 
TRP OXT  HXT  sing N N 407 
TYR N    CA   sing N N 408 
TYR N    H    sing N N 409 
TYR N    H2   sing N N 410 
TYR CA   C    sing N N 411 
TYR CA   CB   sing N N 412 
TYR CA   HA   sing N N 413 
TYR C    O    doub N N 414 
TYR C    OXT  sing N N 415 
TYR CB   CG   sing N N 416 
TYR CB   HB2  sing N N 417 
TYR CB   HB3  sing N N 418 
TYR CG   CD1  doub Y N 419 
TYR CG   CD2  sing Y N 420 
TYR CD1  CE1  sing Y N 421 
TYR CD1  HD1  sing N N 422 
TYR CD2  CE2  doub Y N 423 
TYR CD2  HD2  sing N N 424 
TYR CE1  CZ   doub Y N 425 
TYR CE1  HE1  sing N N 426 
TYR CE2  CZ   sing Y N 427 
TYR CE2  HE2  sing N N 428 
TYR CZ   OH   sing N N 429 
TYR OH   HH   sing N N 430 
TYR OXT  HXT  sing N N 431 
VAL N    CA   sing N N 432 
VAL N    H    sing N N 433 
VAL N    H2   sing N N 434 
VAL CA   C    sing N N 435 
VAL CA   CB   sing N N 436 
VAL CA   HA   sing N N 437 
VAL C    O    doub N N 438 
VAL C    OXT  sing N N 439 
VAL CB   CG1  sing N N 440 
VAL CB   CG2  sing N N 441 
VAL CB   HB   sing N N 442 
VAL CG1  HG11 sing N N 443 
VAL CG1  HG12 sing N N 444 
VAL CG1  HG13 sing N N 445 
VAL CG2  HG21 sing N N 446 
VAL CG2  HG22 sing N N 447 
VAL CG2  HG23 sing N N 448 
VAL OXT  HXT  sing N N 449 
# 
_pdbx_audit_support.funding_organization   'Not funded' 
_pdbx_audit_support.country                ? 
_pdbx_audit_support.grant_number           ? 
_pdbx_audit_support.ordinal                1 
# 
_pdbx_entity_instance_feature.ordinal        1 
_pdbx_entity_instance_feature.comp_id        K1C 
_pdbx_entity_instance_feature.asym_id        ? 
_pdbx_entity_instance_feature.seq_num        ? 
_pdbx_entity_instance_feature.auth_comp_id   K1C 
_pdbx_entity_instance_feature.auth_asym_id   ? 
_pdbx_entity_instance_feature.auth_seq_num   ? 
_pdbx_entity_instance_feature.feature_type   'SUBJECT OF INVESTIGATION' 
_pdbx_entity_instance_feature.details        ? 
# 
loop_
_pdbx_entity_nonpoly.entity_id 
_pdbx_entity_nonpoly.name 
_pdbx_entity_nonpoly.comp_id 
2 
;9-[(1~{R},6~{R},8~{R},9~{R},10~{R},15~{R},17~{R},18~{S})-8-(6-aminopurin-9-yl)-9,18-bis(fluoranyl)-3,12-bis(oxidanyl)-3,12-bis(oxidanylidene)-2,4,7,11,13-pentaoxa-3$l^{5},12$l^{5}-diphosphatricyclo[13.3.0.0^{6,10}]octadecan-17-yl]purin-6-amine
;
K1C 
3 water HOH 
# 
_pdbx_struct_assembly_auth_evidence.id                     1 
_pdbx_struct_assembly_auth_evidence.assembly_id            1 
_pdbx_struct_assembly_auth_evidence.experimental_support   'gel filtration' 
_pdbx_struct_assembly_auth_evidence.details                ? 
# 
_space_group.name_H-M_alt     'P 41 21 2' 
_space_group.name_Hall        'P 4abw 2nw' 
_space_group.IT_number        92 
_space_group.crystal_system   tetragonal 
_space_group.id               1 
# 
